data_5D7L
#
_entry.id   5D7L
#
_cell.length_a   89.280
_cell.length_b   222.432
_cell.length_c   98.979
_cell.angle_alpha   90.000
_cell.angle_beta   100.150
_cell.angle_gamma   90.000
#
_symmetry.space_group_name_H-M   'I 1 2 1'
#
loop_
_entity.id
_entity.type
_entity.pdbx_description
1 polymer 'Major histocompatibility complex class I-related gene protein'
2 polymer Beta-2-microglobulin
3 polymer 'MAV36 TCR Alpha Chain'
4 polymer 'MAV36 TCR Beta Chain'
5 non-polymer 1-deoxy-1-({2,6-dioxo-5-[(E)-propylideneamino]-1,2,3,6-tetrahydropyrimidin-4-yl}amino)-D-ribitol
#
loop_
_entity_poly.entity_id
_entity_poly.type
_entity_poly.pdbx_seq_one_letter_code
_entity_poly.pdbx_strand_id
1 'polypeptide(L)'
;MRTHSLRYFRLGVSDPIHGVPEFISVGYVDSHPITTYDSVTRQKEPRAPWMAENLAPDHWERYTQLLRGWQQMFKVELKR
LQRHYNHSGSHTYQRMIGCELLEDGSTTGFLQYAYDGQDFLIFNKDTLSWLAVDNVAHTIKQAWEANQHELLYQKNWLEE
ECIAWLKRFLEYGKDTLQRTEPPLVRVNRKETFPGVTALFCKAHGFYPPEIYMTWMKNGEEIVQEIDYGDILPSGDGTYQ
AWASIELDPQSSNLYSCHVEHSGVHMVLQVP
;
A,C
2 'polypeptide(L)'
;MIQRTPKIQVYSRHPAENGKSNFLNCYVSGFHPSDIEVDLLKNGERIEKVEHSDLSFSKDWSFYLLYYTEFTPTEKDEYA
CRVNHVTLSQPKIVKWDRDM
;
B,F
3 'polypeptide(L)'
;EDKVVQSPLSLVVHEGDTVTLNCSYEVTNFRSLLWYKQEKKAPTFLFMLTSSGIEKKSGRLSSILDKKELSSILNITATQ
TGDSAIYLCAAYNTDKLIFGTGTRLQVFPNIQNPDPAVYQLRDSKSSDKSVCLFTDFDSQTNVSQSKDSDVYITDKCVLD
MRSMDFKSNSAVAWSNKSDFACANAFNNSIIPEDTFFPSPESS
;
D,G
4 'polypeptide(L)'
;DVKVTQSSRYLVKRTGEKVFLECVQDMDHENMFWYRQDPGLGLRLIYFSYDVKMKEKGDIPEGYSVSRDKKERFSLILES
ASTNQTSMYLCASSPSGYQETQYFGPGTRLLVLEDLKNVFPPEVAVFEPSEAEISHTQKATLVCLATGFYPDHVELSWWV
NGKEVHSGVCTDPQPLKEQPALNDSRYALSSRLRVSATFWQNPRNHFRCQVQFYGLSENDEWTQDRAKPVTQIVSAEAWG
RAD
;
E,H
#
loop_
_chem_comp.id
_chem_comp.type
_chem_comp.name
_chem_comp.formula
2LJ non-polymer 1-deoxy-1-({2,6-dioxo-5-[(E)-propylideneamino]-1,2,3,6-tetrahydropyrimidin-4-yl}amino)-D-ribitol 'C12 H20 N4 O6'
#
# COMPACT_ATOMS: atom_id res chain seq x y z
N ARG A 2 37.18 -7.64 20.92
CA ARG A 2 36.05 -7.94 20.06
C ARG A 2 35.06 -6.78 20.01
N THR A 3 35.04 -6.07 18.88
CA THR A 3 34.18 -4.90 18.73
C THR A 3 32.74 -5.32 18.43
N HIS A 4 31.79 -4.64 19.06
CA HIS A 4 30.38 -4.93 18.85
C HIS A 4 29.58 -3.63 18.72
N SER A 5 28.43 -3.72 18.06
CA SER A 5 27.64 -2.52 17.75
C SER A 5 26.14 -2.77 17.88
N LEU A 6 25.44 -1.83 18.50
CA LEU A 6 23.97 -1.90 18.58
C LEU A 6 23.36 -0.71 17.84
N ARG A 7 22.46 -0.99 16.90
CA ARG A 7 21.87 0.09 16.11
C ARG A 7 20.39 -0.13 15.79
N TYR A 8 19.64 0.94 15.76
CA TYR A 8 18.22 0.88 15.46
C TYR A 8 17.92 1.79 14.28
N PHE A 9 17.19 1.26 13.30
CA PHE A 9 16.87 1.97 12.07
C PHE A 9 15.35 2.17 11.90
N ARG A 10 15.00 3.36 11.42
CA ARG A 10 13.61 3.69 11.14
C ARG A 10 13.48 4.24 9.72
N LEU A 11 12.45 3.78 9.01
CA LEU A 11 12.18 4.19 7.65
C LEU A 11 10.73 4.61 7.48
N GLY A 12 10.50 5.82 6.98
CA GLY A 12 9.17 6.30 6.72
C GLY A 12 9.00 6.72 5.28
N VAL A 13 8.08 6.09 4.56
CA VAL A 13 7.87 6.41 3.15
C VAL A 13 6.57 7.16 2.90
N SER A 14 6.69 8.32 2.25
CA SER A 14 5.54 9.16 1.92
C SER A 14 4.79 8.54 0.76
N ASP A 15 3.49 8.29 0.94
CA ASP A 15 2.67 7.64 -0.08
C ASP A 15 3.40 6.44 -0.68
N PRO A 16 3.21 5.24 -0.10
CA PRO A 16 4.03 4.13 -0.56
C PRO A 16 3.70 3.76 -2.00
N ILE A 17 2.44 3.91 -2.39
CA ILE A 17 1.97 3.63 -3.74
C ILE A 17 2.43 2.21 -4.09
N HIS A 18 2.27 1.34 -3.10
CA HIS A 18 2.62 -0.07 -3.15
C HIS A 18 2.19 -0.53 -1.77
N GLY A 19 1.68 -1.76 -1.67
CA GLY A 19 1.16 -2.23 -0.39
C GLY A 19 2.23 -2.49 0.65
N VAL A 20 3.32 -1.73 0.57
CA VAL A 20 4.45 -1.86 1.47
C VAL A 20 4.31 -0.87 2.62
N PRO A 21 4.84 -1.24 3.80
CA PRO A 21 4.62 -0.44 5.01
C PRO A 21 5.08 1.01 4.87
N GLU A 22 4.24 1.94 5.31
CA GLU A 22 4.60 3.35 5.34
C GLU A 22 5.77 3.55 6.30
N PHE A 23 5.79 2.78 7.38
CA PHE A 23 6.84 2.89 8.37
C PHE A 23 7.38 1.48 8.69
N ILE A 24 8.70 1.35 8.67
CA ILE A 24 9.38 0.09 8.99
C ILE A 24 10.46 0.39 10.01
N SER A 25 10.59 -0.44 11.04
CA SER A 25 11.61 -0.23 12.05
C SER A 25 12.34 -1.52 12.36
N VAL A 26 13.66 -1.52 12.23
CA VAL A 26 14.43 -2.75 12.48
C VAL A 26 15.65 -2.50 13.38
N GLY A 27 15.91 -3.46 14.26
CA GLY A 27 17.05 -3.39 15.16
C GLY A 27 18.14 -4.40 14.85
N TYR A 28 19.40 -3.98 14.98
CA TYR A 28 20.52 -4.84 14.64
C TYR A 28 21.60 -4.85 15.71
N VAL A 29 22.13 -6.05 15.96
CA VAL A 29 23.30 -6.25 16.80
C VAL A 29 24.44 -6.82 15.94
N ASP A 30 25.22 -5.94 15.34
CA ASP A 30 26.30 -6.30 14.44
C ASP A 30 25.82 -7.11 13.23
N SER A 31 25.04 -6.47 12.37
CA SER A 31 24.57 -7.10 11.14
C SER A 31 23.83 -8.41 11.39
N HIS A 32 22.97 -8.40 12.40
CA HIS A 32 22.09 -9.52 12.70
C HIS A 32 20.72 -8.97 13.06
N PRO A 33 19.68 -9.45 12.38
CA PRO A 33 18.35 -8.91 12.68
C PRO A 33 17.92 -9.38 14.06
N ILE A 34 17.53 -8.47 14.94
CA ILE A 34 17.12 -8.87 16.28
C ILE A 34 15.71 -8.43 16.62
N THR A 35 15.25 -7.34 16.01
CA THR A 35 13.88 -6.91 16.22
C THR A 35 13.31 -6.23 14.98
N THR A 36 12.00 -6.37 14.78
CA THR A 36 11.34 -5.81 13.62
C THR A 36 9.92 -5.34 13.91
N TYR A 37 9.50 -4.30 13.19
CA TYR A 37 8.18 -3.69 13.31
C TYR A 37 7.76 -3.09 11.97
N ASP A 38 6.46 -3.09 11.70
CA ASP A 38 5.96 -2.48 10.45
C ASP A 38 4.55 -1.94 10.63
N SER A 39 4.25 -0.86 9.90
CA SER A 39 2.97 -0.17 10.03
C SER A 39 1.77 -1.05 9.67
N VAL A 40 2.03 -2.15 8.97
CA VAL A 40 0.98 -3.05 8.56
C VAL A 40 0.66 -4.04 9.68
N THR A 41 1.69 -4.71 10.19
CA THR A 41 1.50 -5.68 11.26
C THR A 41 1.21 -4.99 12.60
N ARG A 42 1.88 -3.87 12.84
CA ARG A 42 1.70 -3.08 14.07
C ARG A 42 2.03 -3.89 15.32
N GLN A 43 3.03 -4.74 15.22
CA GLN A 43 3.46 -5.56 16.34
C GLN A 43 4.95 -5.84 16.26
N LYS A 44 5.64 -5.64 17.37
CA LYS A 44 7.08 -5.88 17.42
C LYS A 44 7.34 -7.38 17.47
N GLU A 45 8.21 -7.87 16.59
CA GLU A 45 8.49 -9.29 16.52
C GLU A 45 9.98 -9.56 16.67
N PRO A 46 10.34 -10.63 17.40
CA PRO A 46 11.73 -11.03 17.57
C PRO A 46 12.29 -11.82 16.39
N ARG A 47 13.33 -11.29 15.75
CA ARG A 47 13.94 -11.96 14.60
C ARG A 47 14.88 -13.10 15.03
N ALA A 48 15.79 -12.83 15.95
CA ALA A 48 16.71 -13.85 16.43
C ALA A 48 16.01 -14.88 17.34
N PRO A 49 16.43 -16.14 17.27
CA PRO A 49 15.83 -17.20 18.10
C PRO A 49 16.31 -17.17 19.54
N TRP A 50 17.54 -16.72 19.78
CA TRP A 50 18.08 -16.73 21.13
C TRP A 50 17.45 -15.64 22.01
N MET A 51 16.73 -14.72 21.41
CA MET A 51 16.02 -13.69 22.16
C MET A 51 14.49 -13.80 22.05
N ALA A 52 13.99 -14.80 21.32
CA ALA A 52 12.54 -14.90 21.16
C ALA A 52 11.82 -15.39 22.42
N GLU A 53 12.35 -16.41 23.09
CA GLU A 53 11.71 -16.95 24.30
C GLU A 53 12.40 -16.47 25.58
N ASN A 54 13.70 -16.22 25.49
CA ASN A 54 14.51 -15.85 26.65
C ASN A 54 14.16 -14.47 27.16
N LEU A 55 13.93 -13.54 26.25
CA LEU A 55 13.55 -12.18 26.62
C LEU A 55 12.09 -12.19 27.10
N ALA A 56 11.77 -11.37 28.10
CA ALA A 56 10.42 -11.33 28.67
C ALA A 56 9.37 -10.77 27.70
N PRO A 57 8.11 -11.25 27.79
CA PRO A 57 7.02 -10.85 26.90
C PRO A 57 6.57 -9.39 27.06
N ASP A 58 6.80 -8.85 28.25
CA ASP A 58 6.41 -7.49 28.57
C ASP A 58 7.11 -6.52 27.64
N HIS A 59 8.32 -6.91 27.22
CA HIS A 59 9.15 -6.08 26.36
C HIS A 59 8.43 -5.75 25.04
N TRP A 60 8.00 -6.79 24.34
CA TRP A 60 7.30 -6.60 23.07
C TRP A 60 5.96 -5.96 23.31
N GLU A 61 5.29 -6.40 24.39
CA GLU A 61 3.97 -5.88 24.71
C GLU A 61 3.97 -4.35 24.78
N ARG A 62 4.95 -3.82 25.51
CA ARG A 62 5.06 -2.38 25.76
C ARG A 62 5.65 -1.61 24.56
N TYR A 63 6.79 -2.09 24.08
CA TYR A 63 7.49 -1.42 23.00
C TYR A 63 6.68 -1.40 21.71
N THR A 64 5.69 -2.27 21.60
CA THR A 64 4.77 -2.21 20.47
C THR A 64 3.97 -0.92 20.53
N GLN A 65 3.43 -0.62 21.71
CA GLN A 65 2.65 0.59 21.93
C GLN A 65 3.53 1.81 21.69
N LEU A 66 4.78 1.72 22.14
CA LEU A 66 5.73 2.81 21.90
C LEU A 66 5.99 3.03 20.41
N LEU A 67 6.14 1.94 19.66
CA LEU A 67 6.40 2.02 18.22
C LEU A 67 5.19 2.59 17.50
N ARG A 68 4.00 2.19 17.94
CA ARG A 68 2.76 2.72 17.38
C ARG A 68 2.69 4.22 17.59
N GLY A 69 3.16 4.66 18.75
CA GLY A 69 3.22 6.08 19.00
C GLY A 69 4.25 6.78 18.12
N TRP A 70 5.41 6.16 17.95
CA TRP A 70 6.50 6.76 17.20
C TRP A 70 6.16 6.94 15.74
N GLN A 71 5.46 5.94 15.19
CA GLN A 71 5.06 5.89 13.78
C GLN A 71 4.39 7.18 13.29
N GLN A 72 3.52 7.71 14.14
CA GLN A 72 2.69 8.86 13.78
C GLN A 72 3.54 10.13 13.81
N MET A 73 4.42 10.19 14.81
CA MET A 73 5.32 11.33 15.01
C MET A 73 6.24 11.43 13.80
N PHE A 74 6.81 10.28 13.43
CA PHE A 74 7.73 10.18 12.30
C PHE A 74 7.02 10.58 11.01
N LYS A 75 5.75 10.22 10.88
CA LYS A 75 4.98 10.66 9.73
C LYS A 75 4.90 12.18 9.69
N VAL A 76 4.49 12.77 10.82
CA VAL A 76 4.37 14.22 10.89
C VAL A 76 5.68 14.92 10.51
N GLU A 77 6.80 14.44 11.04
CA GLU A 77 8.10 15.03 10.71
C GLU A 77 8.37 14.97 9.19
N LEU A 78 8.07 13.82 8.59
CA LEU A 78 8.26 13.65 7.15
C LEU A 78 7.39 14.60 6.32
N LYS A 79 6.09 14.61 6.60
CA LYS A 79 5.16 15.48 5.88
C LYS A 79 5.47 16.96 6.06
N ARG A 80 5.94 17.33 7.25
CA ARG A 80 6.32 18.72 7.50
C ARG A 80 7.52 19.09 6.62
N LEU A 81 8.52 18.21 6.54
CA LEU A 81 9.66 18.52 5.67
C LEU A 81 9.23 18.63 4.21
N GLN A 82 8.34 17.74 3.79
CA GLN A 82 7.81 17.80 2.43
C GLN A 82 7.04 19.09 2.18
N ARG A 83 6.49 19.67 3.25
CA ARG A 83 5.79 20.94 3.13
C ARG A 83 6.79 22.09 3.04
N HIS A 84 7.96 21.91 3.64
CA HIS A 84 8.98 22.94 3.56
C HIS A 84 9.63 23.01 2.18
N TYR A 85 9.96 21.85 1.60
CA TYR A 85 10.56 21.87 0.27
C TYR A 85 9.52 22.03 -0.86
N ASN A 86 8.26 21.80 -0.53
CA ASN A 86 7.18 21.83 -1.51
C ASN A 86 7.40 20.78 -2.59
N HIS A 87 7.22 19.51 -2.21
CA HIS A 87 7.31 18.39 -3.14
C HIS A 87 6.05 17.56 -3.05
N SER A 88 5.74 16.87 -4.13
CA SER A 88 4.63 15.94 -4.14
C SER A 88 5.20 14.59 -4.53
N GLY A 89 4.58 13.52 -4.09
CA GLY A 89 5.07 12.21 -4.50
C GLY A 89 5.52 11.35 -3.34
N SER A 90 6.53 10.53 -3.60
CA SER A 90 7.12 9.64 -2.61
C SER A 90 8.51 10.12 -2.15
N HIS A 91 8.68 10.28 -0.85
CA HIS A 91 9.97 10.70 -0.26
C HIS A 91 10.29 9.87 0.98
N THR A 92 11.58 9.56 1.18
CA THR A 92 11.99 8.74 2.32
C THR A 92 12.56 9.54 3.50
N TYR A 93 12.18 9.15 4.70
CA TYR A 93 12.68 9.75 5.94
C TYR A 93 13.29 8.67 6.84
N GLN A 94 14.60 8.74 7.05
CA GLN A 94 15.31 7.70 7.81
C GLN A 94 15.93 8.19 9.12
N ARG A 95 15.95 7.32 10.13
CA ARG A 95 16.58 7.64 11.41
C ARG A 95 17.44 6.48 11.94
N MET A 96 18.64 6.80 12.40
CA MET A 96 19.54 5.80 12.98
C MET A 96 19.99 6.18 14.37
N ILE A 97 19.95 5.24 15.31
CA ILE A 97 20.45 5.52 16.65
C ILE A 97 21.15 4.31 17.27
N GLY A 98 22.31 4.50 17.88
CA GLY A 98 22.99 3.37 18.47
C GLY A 98 24.36 3.59 19.08
N CYS A 99 24.90 2.54 19.70
CA CYS A 99 26.19 2.61 20.37
C CYS A 99 27.20 1.59 19.83
N GLU A 100 28.43 1.75 20.29
CA GLU A 100 29.56 0.95 19.84
C GLU A 100 30.52 0.68 20.98
N LEU A 101 30.72 -0.62 21.25
CA LEU A 101 31.64 -1.09 22.29
C LEU A 101 32.91 -1.69 21.68
N LEU A 102 34.06 -1.16 22.07
CA LEU A 102 35.33 -1.61 21.49
C LEU A 102 36.03 -2.65 22.36
N GLU A 103 37.18 -3.11 21.88
CA GLU A 103 37.98 -4.11 22.59
C GLU A 103 38.46 -3.60 23.95
N ASP A 104 38.93 -2.35 23.98
CA ASP A 104 39.42 -1.76 25.22
C ASP A 104 38.25 -1.43 26.15
N GLY A 105 37.10 -1.13 25.56
CA GLY A 105 35.91 -0.83 26.32
C GLY A 105 35.41 0.58 26.10
N SER A 106 35.90 1.22 25.05
CA SER A 106 35.53 2.59 24.74
C SER A 106 34.10 2.66 24.22
N THR A 107 33.36 3.65 24.70
CA THR A 107 31.97 3.83 24.29
C THR A 107 31.83 4.89 23.22
N THR A 108 31.13 4.57 22.13
CA THR A 108 30.89 5.60 21.12
C THR A 108 29.48 5.51 20.53
N GLY A 109 28.69 6.55 20.77
CA GLY A 109 27.31 6.62 20.31
C GLY A 109 27.08 7.51 19.11
N PHE A 110 25.96 7.29 18.42
CA PHE A 110 25.58 8.03 17.22
C PHE A 110 24.07 8.16 17.04
N LEU A 111 23.63 9.33 16.59
CA LEU A 111 22.23 9.59 16.27
C LEU A 111 22.11 10.46 15.03
N GLN A 112 21.47 9.93 13.98
CA GLN A 112 21.39 10.65 12.71
C GLN A 112 20.02 10.59 12.04
N TYR A 113 19.70 11.66 11.32
CA TYR A 113 18.46 11.77 10.54
C TYR A 113 18.78 12.07 9.08
N ALA A 114 18.01 11.46 8.17
CA ALA A 114 18.26 11.60 6.74
C ALA A 114 16.97 11.77 5.94
N TYR A 115 17.08 12.55 4.87
CA TYR A 115 15.97 12.83 3.95
C TYR A 115 16.38 12.54 2.51
N ASP A 116 15.63 11.65 1.86
CA ASP A 116 15.94 11.22 0.50
C ASP A 116 17.36 10.65 0.40
N GLY A 117 17.72 9.79 1.34
CA GLY A 117 19.00 9.10 1.29
C GLY A 117 20.23 9.97 1.49
N GLN A 118 20.04 11.16 2.06
CA GLN A 118 21.15 12.07 2.29
C GLN A 118 21.10 12.60 3.72
N ASP A 119 22.28 12.78 4.32
CA ASP A 119 22.39 13.25 5.70
C ASP A 119 21.66 14.58 5.91
N PHE A 120 20.77 14.61 6.90
CA PHE A 120 19.95 15.78 7.18
C PHE A 120 20.33 16.42 8.51
N LEU A 121 20.32 15.63 9.58
CA LEU A 121 20.69 16.14 10.90
C LEU A 121 21.56 15.17 11.70
N ILE A 122 22.76 15.60 12.06
CA ILE A 122 23.68 14.72 12.77
C ILE A 122 23.89 15.18 14.21
N PHE A 123 23.62 14.31 15.17
CA PHE A 123 23.67 14.68 16.57
C PHE A 123 25.04 14.44 17.19
N ASN A 124 25.58 15.47 17.85
CA ASN A 124 26.83 15.34 18.59
C ASN A 124 26.62 15.48 20.10
N LYS A 125 26.82 14.37 20.82
CA LYS A 125 26.55 14.30 22.25
C LYS A 125 27.59 15.01 23.12
N ASP A 126 28.83 15.09 22.64
CA ASP A 126 29.91 15.73 23.40
C ASP A 126 29.67 17.22 23.60
N THR A 127 29.09 17.88 22.59
CA THR A 127 28.79 19.30 22.71
C THR A 127 27.28 19.55 22.75
N LEU A 128 26.51 18.46 22.74
CA LEU A 128 25.04 18.53 22.78
C LEU A 128 24.50 19.44 21.69
N SER A 129 24.81 19.12 20.44
CA SER A 129 24.40 20.00 19.35
C SER A 129 23.90 19.22 18.13
N TRP A 130 23.08 19.90 17.32
CA TRP A 130 22.61 19.34 16.06
C TRP A 130 23.36 19.95 14.89
N LEU A 131 23.76 19.09 13.96
CA LEU A 131 24.44 19.51 12.75
C LEU A 131 23.43 19.51 11.61
N ALA A 132 23.15 20.70 11.10
CA ALA A 132 22.22 20.89 9.99
C ALA A 132 22.95 21.13 8.68
N VAL A 133 22.39 20.63 7.59
CA VAL A 133 23.00 20.78 6.28
C VAL A 133 22.38 21.94 5.50
N ASP A 134 21.06 22.05 5.53
CA ASP A 134 20.37 23.12 4.81
C ASP A 134 19.63 24.04 5.75
N ASN A 135 19.00 25.07 5.20
CA ASN A 135 18.25 26.02 6.00
C ASN A 135 16.99 25.38 6.61
N VAL A 136 16.42 24.42 5.89
CA VAL A 136 15.25 23.69 6.38
C VAL A 136 15.66 22.89 7.63
N ALA A 137 16.84 22.31 7.54
CA ALA A 137 17.42 21.54 8.64
C ALA A 137 17.73 22.47 9.80
N HIS A 138 18.08 23.71 9.50
CA HIS A 138 18.37 24.71 10.53
C HIS A 138 17.08 25.10 11.25
N THR A 139 15.99 25.13 10.47
CA THR A 139 14.68 25.47 10.99
C THR A 139 14.23 24.41 11.98
N ILE A 140 14.52 23.15 11.69
CA ILE A 140 14.14 22.12 12.67
C ILE A 140 15.17 22.07 13.79
N LYS A 141 16.38 22.53 13.48
CA LYS A 141 17.49 22.58 14.42
C LYS A 141 17.22 23.49 15.62
N GLN A 142 16.72 24.70 15.37
CA GLN A 142 16.48 25.62 16.48
C GLN A 142 15.39 25.11 17.43
N ALA A 143 14.36 24.50 16.85
CA ALA A 143 13.24 23.98 17.61
C ALA A 143 13.65 22.77 18.43
N TRP A 144 14.56 21.97 17.89
CA TRP A 144 15.06 20.82 18.64
C TRP A 144 16.06 21.23 19.72
N GLU A 145 16.88 22.23 19.43
CA GLU A 145 17.89 22.67 20.39
C GLU A 145 17.29 23.47 21.54
N ALA A 146 16.11 24.05 21.34
CA ALA A 146 15.47 24.79 22.43
C ALA A 146 15.11 23.88 23.61
N ASN A 147 14.71 22.65 23.29
CA ASN A 147 14.35 21.64 24.30
C ASN A 147 15.55 20.85 24.83
N GLN A 148 16.22 21.38 25.84
CA GLN A 148 17.46 20.80 26.35
C GLN A 148 17.30 19.47 27.12
N HIS A 149 16.12 19.26 27.72
CA HIS A 149 15.86 18.01 28.44
C HIS A 149 16.06 16.80 27.55
N GLU A 150 15.53 16.92 26.33
CA GLU A 150 15.61 15.85 25.32
C GLU A 150 17.04 15.59 24.91
N LEU A 151 17.82 16.66 24.72
CA LEU A 151 19.22 16.53 24.34
C LEU A 151 19.98 15.77 25.40
N LEU A 152 19.82 16.19 26.65
CA LEU A 152 20.50 15.54 27.78
C LEU A 152 20.11 14.06 27.89
N TYR A 153 18.81 13.80 27.71
CA TYR A 153 18.33 12.43 27.71
C TYR A 153 18.99 11.57 26.65
N GLN A 154 19.08 12.13 25.44
CA GLN A 154 19.72 11.44 24.33
C GLN A 154 21.18 11.14 24.65
N LYS A 155 21.89 12.13 25.20
CA LYS A 155 23.28 11.95 25.59
C LYS A 155 23.45 10.78 26.57
N ASN A 156 22.71 10.83 27.69
CA ASN A 156 22.83 9.78 28.69
C ASN A 156 22.37 8.42 28.18
N TRP A 157 21.47 8.43 27.19
CA TRP A 157 20.99 7.19 26.61
C TRP A 157 22.08 6.56 25.76
N LEU A 158 22.67 7.36 24.88
CA LEU A 158 23.72 6.88 23.99
C LEU A 158 24.94 6.42 24.76
N GLU A 159 25.22 7.10 25.88
CA GLU A 159 26.43 6.83 26.64
C GLU A 159 26.30 5.71 27.68
N GLU A 160 25.11 5.53 28.23
CA GLU A 160 24.95 4.51 29.29
C GLU A 160 23.93 3.46 28.89
N GLU A 161 22.68 3.89 28.68
CA GLU A 161 21.57 2.98 28.45
C GLU A 161 21.81 2.05 27.25
N CYS A 162 22.26 2.61 26.14
CA CYS A 162 22.46 1.85 24.91
C CYS A 162 23.50 0.75 25.09
N ILE A 163 24.60 1.08 25.76
CA ILE A 163 25.65 0.11 26.05
C ILE A 163 25.09 -1.01 26.91
N ALA A 164 24.21 -0.66 27.84
CA ALA A 164 23.57 -1.64 28.72
C ALA A 164 22.72 -2.62 27.91
N TRP A 165 21.87 -2.08 27.04
CA TRP A 165 21.08 -2.91 26.15
C TRP A 165 21.99 -3.84 25.36
N LEU A 166 23.04 -3.27 24.77
CA LEU A 166 23.97 -4.05 23.96
C LEU A 166 24.60 -5.21 24.75
N LYS A 167 25.03 -4.94 25.98
CA LYS A 167 25.62 -5.97 26.84
C LYS A 167 24.61 -7.07 27.13
N ARG A 168 23.37 -6.67 27.41
CA ARG A 168 22.30 -7.64 27.68
C ARG A 168 22.07 -8.56 26.49
N PHE A 169 21.91 -7.95 25.31
CA PHE A 169 21.69 -8.72 24.08
C PHE A 169 22.86 -9.64 23.79
N LEU A 170 24.08 -9.15 24.02
CA LEU A 170 25.28 -9.95 23.82
C LEU A 170 25.29 -11.17 24.72
N GLU A 171 24.88 -11.01 25.98
CA GLU A 171 24.83 -12.15 26.88
C GLU A 171 23.70 -13.13 26.54
N TYR A 172 22.64 -12.65 25.88
CA TYR A 172 21.57 -13.58 25.53
C TYR A 172 21.98 -14.57 24.44
N GLY A 173 22.68 -14.08 23.42
CA GLY A 173 23.09 -14.94 22.31
C GLY A 173 24.58 -15.11 22.19
N LYS A 174 25.21 -15.61 23.25
CA LYS A 174 26.66 -15.78 23.28
C LYS A 174 27.10 -16.89 22.32
N ASP A 175 26.29 -17.92 22.20
CA ASP A 175 26.63 -19.07 21.37
C ASP A 175 26.57 -18.74 19.88
N THR A 176 25.92 -17.63 19.55
CA THR A 176 25.76 -17.21 18.16
C THR A 176 26.67 -16.02 17.82
N LEU A 177 26.65 -15.00 18.66
CA LEU A 177 27.39 -13.77 18.44
C LEU A 177 28.87 -13.88 18.77
N GLN A 178 29.20 -14.76 19.72
CA GLN A 178 30.58 -14.96 20.14
C GLN A 178 31.15 -16.27 19.59
N ARG A 179 30.44 -16.82 18.54
CA ARG A 179 30.87 -18.07 17.93
C ARG A 179 31.97 -17.86 16.88
N THR A 180 32.79 -18.88 16.67
CA THR A 180 33.90 -18.81 15.71
C THR A 180 33.91 -20.00 14.76
N GLU A 181 33.71 -19.71 13.48
CA GLU A 181 33.67 -20.73 12.43
C GLU A 181 34.80 -20.52 11.42
N PRO A 182 35.64 -21.54 11.17
CA PRO A 182 36.79 -21.35 10.27
C PRO A 182 36.38 -21.36 8.79
N PRO A 183 37.04 -20.55 7.97
CA PRO A 183 36.71 -20.46 6.55
C PRO A 183 37.31 -21.58 5.71
N LEU A 184 36.55 -22.05 4.73
CA LEU A 184 37.03 -23.02 3.76
C LEU A 184 37.64 -22.28 2.59
N VAL A 185 38.97 -22.30 2.53
CA VAL A 185 39.71 -21.57 1.50
C VAL A 185 40.01 -22.47 0.31
N ARG A 186 39.67 -22.00 -0.89
CA ARG A 186 39.94 -22.80 -2.08
C ARG A 186 40.44 -21.88 -3.20
N VAL A 187 41.39 -22.38 -3.98
CA VAL A 187 42.00 -21.62 -5.07
C VAL A 187 41.46 -22.05 -6.44
N ASN A 188 41.06 -21.08 -7.24
CA ASN A 188 40.46 -21.37 -8.55
C ASN A 188 41.08 -20.59 -9.68
N ARG A 189 41.41 -21.29 -10.77
CA ARG A 189 42.05 -20.68 -11.92
C ARG A 189 41.01 -20.40 -13.01
N LYS A 190 40.97 -19.17 -13.52
CA LYS A 190 39.97 -18.80 -14.53
C LYS A 190 40.53 -17.85 -15.59
N GLU A 191 40.28 -18.18 -16.86
CA GLU A 191 40.74 -17.37 -17.99
C GLU A 191 39.62 -16.51 -18.56
N THR A 192 39.65 -15.21 -18.26
CA THR A 192 38.60 -14.30 -18.71
C THR A 192 38.91 -13.70 -20.07
N PHE A 193 40.08 -13.08 -20.20
CA PHE A 193 40.53 -12.52 -21.47
C PHE A 193 41.44 -13.52 -22.18
N PRO A 194 41.50 -13.46 -23.51
CA PRO A 194 42.37 -14.39 -24.25
C PRO A 194 43.84 -14.23 -23.86
N GLY A 195 44.44 -15.29 -23.34
CA GLY A 195 45.84 -15.28 -22.96
C GLY A 195 46.06 -14.92 -21.50
N VAL A 196 45.18 -14.09 -20.96
CA VAL A 196 45.27 -13.66 -19.56
C VAL A 196 44.67 -14.71 -18.62
N THR A 197 45.50 -15.23 -17.73
CA THR A 197 45.06 -16.23 -16.77
C THR A 197 44.95 -15.63 -15.37
N ALA A 198 43.75 -15.66 -14.81
CA ALA A 198 43.49 -15.03 -13.51
C ALA A 198 43.34 -16.04 -12.37
N LEU A 199 44.09 -15.80 -11.29
CA LEU A 199 44.05 -16.66 -10.12
C LEU A 199 43.17 -16.04 -9.04
N PHE A 200 42.18 -16.84 -8.62
CA PHE A 200 41.21 -16.46 -7.60
C PHE A 200 41.44 -17.25 -6.32
N CYS A 201 41.20 -16.58 -5.20
CA CYS A 201 41.24 -17.24 -3.91
C CYS A 201 39.94 -16.89 -3.21
N LYS A 202 39.27 -17.92 -2.71
CA LYS A 202 37.96 -17.73 -2.12
C LYS A 202 37.87 -18.36 -0.73
N ALA A 203 37.09 -17.73 0.13
CA ALA A 203 36.87 -18.26 1.46
C ALA A 203 35.37 -18.34 1.73
N HIS A 204 34.87 -19.54 2.02
CA HIS A 204 33.44 -19.74 2.23
C HIS A 204 33.17 -20.22 3.65
N GLY A 205 32.08 -19.72 4.24
CA GLY A 205 31.62 -20.24 5.50
C GLY A 205 32.41 -19.83 6.73
N PHE A 206 32.41 -18.55 7.09
CA PHE A 206 33.14 -18.13 8.28
C PHE A 206 32.40 -17.07 9.11
N TYR A 207 32.70 -17.09 10.42
CA TYR A 207 32.16 -16.11 11.35
C TYR A 207 33.17 -15.90 12.47
N PRO A 208 33.42 -14.65 12.86
CA PRO A 208 32.84 -13.38 12.40
C PRO A 208 33.40 -12.97 11.04
N PRO A 209 32.75 -11.99 10.37
CA PRO A 209 33.17 -11.55 9.03
C PRO A 209 34.55 -10.89 8.96
N GLU A 210 35.14 -10.53 10.09
CA GLU A 210 36.47 -9.91 10.09
C GLU A 210 37.51 -10.91 9.59
N ILE A 211 38.00 -10.70 8.37
CA ILE A 211 38.94 -11.61 7.73
C ILE A 211 39.97 -10.84 6.90
N TYR A 212 41.18 -11.38 6.77
CA TYR A 212 42.25 -10.73 5.99
C TYR A 212 42.80 -11.62 4.86
N MET A 213 42.85 -11.13 3.64
CA MET A 213 43.34 -11.94 2.52
C MET A 213 44.45 -11.27 1.71
N THR A 214 45.47 -12.03 1.31
CA THR A 214 46.53 -11.48 0.44
C THR A 214 47.25 -12.54 -0.40
N TRP A 215 47.65 -12.15 -1.62
CA TRP A 215 48.39 -13.02 -2.55
C TRP A 215 49.90 -12.81 -2.49
N MET A 216 50.65 -13.89 -2.27
CA MET A 216 52.11 -13.83 -2.17
C MET A 216 52.85 -14.54 -3.30
N LYS A 217 53.97 -13.95 -3.74
CA LYS A 217 54.82 -14.51 -4.78
C LYS A 217 56.06 -15.13 -4.13
N ASN A 218 56.21 -16.44 -4.32
CA ASN A 218 57.28 -17.24 -3.72
C ASN A 218 57.25 -17.19 -2.19
N GLY A 219 56.11 -16.78 -1.64
CA GLY A 219 55.89 -16.74 -0.21
C GLY A 219 56.67 -15.66 0.50
N GLU A 220 57.26 -14.74 -0.25
CA GLU A 220 58.03 -13.65 0.35
C GLU A 220 57.44 -12.27 0.06
N GLU A 221 56.98 -12.05 -1.17
CA GLU A 221 56.48 -10.74 -1.56
C GLU A 221 55.00 -10.72 -1.91
N ILE A 222 54.28 -9.75 -1.37
CA ILE A 222 52.88 -9.54 -1.72
C ILE A 222 52.78 -8.57 -2.89
N VAL A 223 51.74 -8.70 -3.69
CA VAL A 223 51.63 -7.90 -4.91
C VAL A 223 50.61 -6.78 -4.75
N GLN A 224 50.79 -5.72 -5.52
CA GLN A 224 49.87 -4.57 -5.48
C GLN A 224 48.74 -4.71 -6.48
N GLU A 225 48.84 -5.70 -7.37
CA GLU A 225 47.80 -5.92 -8.38
C GLU A 225 46.61 -6.72 -7.86
N ILE A 226 46.43 -6.75 -6.55
CA ILE A 226 45.35 -7.56 -5.97
C ILE A 226 44.00 -6.86 -6.03
N ASP A 227 43.04 -7.54 -6.65
CA ASP A 227 41.69 -7.05 -6.80
C ASP A 227 40.84 -7.70 -5.71
N TYR A 228 40.33 -6.91 -4.77
CA TYR A 228 39.56 -7.46 -3.65
C TYR A 228 38.09 -7.39 -3.96
N GLY A 229 37.32 -8.33 -3.42
CA GLY A 229 35.89 -8.35 -3.67
C GLY A 229 35.13 -7.79 -2.48
N ASP A 230 34.14 -8.54 -1.98
CA ASP A 230 33.38 -8.10 -0.81
C ASP A 230 33.08 -9.26 0.11
N ILE A 231 32.93 -8.98 1.40
CA ILE A 231 32.50 -10.00 2.35
C ILE A 231 30.99 -10.18 2.21
N LEU A 232 30.62 -11.23 1.50
CA LEU A 232 29.23 -11.51 1.14
C LEU A 232 28.58 -12.53 2.07
N PRO A 233 27.27 -12.38 2.33
CA PRO A 233 26.63 -13.39 3.18
C PRO A 233 26.41 -14.67 2.39
N SER A 234 26.69 -15.80 3.00
CA SER A 234 26.54 -17.08 2.32
C SER A 234 25.08 -17.54 2.31
N GLY A 235 24.35 -17.24 3.39
CA GLY A 235 22.97 -17.67 3.52
C GLY A 235 22.69 -18.42 4.79
N ASP A 236 23.60 -19.33 5.15
CA ASP A 236 23.44 -20.16 6.33
C ASP A 236 23.77 -19.38 7.61
N GLY A 237 24.33 -18.19 7.45
CA GLY A 237 24.66 -17.32 8.56
C GLY A 237 26.13 -16.99 8.61
N THR A 238 26.90 -17.59 7.70
CA THR A 238 28.32 -17.33 7.58
C THR A 238 28.58 -16.34 6.44
N TYR A 239 29.85 -16.13 6.12
CA TYR A 239 30.22 -15.15 5.09
C TYR A 239 31.22 -15.73 4.08
N GLN A 240 31.49 -14.98 3.02
CA GLN A 240 32.42 -15.42 1.99
C GLN A 240 33.15 -14.24 1.34
N ALA A 241 34.41 -14.46 0.94
CA ALA A 241 35.22 -13.37 0.38
C ALA A 241 36.16 -13.80 -0.77
N TRP A 242 36.47 -12.84 -1.64
CA TRP A 242 37.27 -13.06 -2.85
C TRP A 242 38.56 -12.25 -2.88
N ALA A 243 39.60 -12.82 -3.49
CA ALA A 243 40.82 -12.10 -3.77
C ALA A 243 41.41 -12.59 -5.09
N SER A 244 41.64 -11.69 -6.04
CA SER A 244 42.05 -12.13 -7.37
C SER A 244 43.27 -11.39 -7.88
N ILE A 245 44.01 -12.04 -8.76
CA ILE A 245 45.19 -11.42 -9.34
C ILE A 245 45.53 -12.03 -10.71
N GLU A 246 46.06 -11.21 -11.61
CA GLU A 246 46.39 -11.65 -12.95
C GLU A 246 47.79 -12.25 -13.02
N LEU A 247 47.95 -13.32 -13.80
CA LEU A 247 49.25 -13.95 -13.94
C LEU A 247 49.69 -14.00 -15.39
N TYR A 255 50.90 -17.04 -6.70
CA TYR A 255 51.68 -18.23 -6.38
C TYR A 255 51.22 -18.86 -5.06
N SER A 256 50.86 -18.02 -4.11
CA SER A 256 50.39 -18.50 -2.81
C SER A 256 49.26 -17.63 -2.27
N CYS A 257 48.28 -18.27 -1.64
CA CYS A 257 47.17 -17.55 -1.02
C CYS A 257 47.31 -17.53 0.50
N HIS A 258 47.18 -16.35 1.09
CA HIS A 258 47.29 -16.22 2.54
C HIS A 258 46.02 -15.62 3.16
N VAL A 259 45.32 -16.41 3.96
CA VAL A 259 44.11 -15.94 4.62
C VAL A 259 44.25 -16.00 6.13
N GLU A 260 43.98 -14.88 6.80
CA GLU A 260 44.09 -14.80 8.25
C GLU A 260 42.73 -14.57 8.87
N HIS A 261 42.31 -15.51 9.71
CA HIS A 261 41.01 -15.42 10.37
C HIS A 261 41.06 -15.95 11.82
N SER A 262 40.62 -15.11 12.74
CA SER A 262 40.62 -15.42 14.18
C SER A 262 41.98 -15.90 14.66
N GLY A 263 43.02 -15.21 14.25
CA GLY A 263 44.37 -15.55 14.68
C GLY A 263 44.95 -16.78 14.01
N VAL A 264 44.27 -17.26 12.97
CA VAL A 264 44.81 -18.40 12.22
C VAL A 264 45.29 -17.96 10.84
N HIS A 265 46.59 -18.18 10.59
CA HIS A 265 47.21 -17.85 9.31
C HIS A 265 47.27 -19.07 8.40
N MET A 266 46.44 -19.05 7.37
CA MET A 266 46.28 -20.15 6.43
C MET A 266 47.02 -19.89 5.11
N VAL A 267 47.78 -20.88 4.68
CA VAL A 267 48.56 -20.79 3.44
C VAL A 267 48.20 -21.87 2.42
N LEU A 268 47.98 -21.46 1.17
CA LEU A 268 47.68 -22.39 0.08
C LEU A 268 48.64 -22.18 -1.09
N GLN A 269 49.14 -23.26 -1.67
CA GLN A 269 50.09 -23.12 -2.77
C GLN A 269 49.47 -23.61 -4.07
N VAL A 270 49.80 -22.94 -5.18
CA VAL A 270 49.29 -23.30 -6.49
C VAL A 270 50.20 -24.31 -7.19
N MET B 1 16.98 15.92 -4.87
CA MET B 1 16.63 14.51 -4.68
C MET B 1 17.84 13.62 -4.98
N ILE B 2 18.07 12.62 -4.14
CA ILE B 2 19.24 11.75 -4.29
C ILE B 2 18.89 10.26 -4.20
N GLN B 3 19.21 9.52 -5.26
CA GLN B 3 18.96 8.09 -5.31
C GLN B 3 20.22 7.32 -5.74
N ARG B 4 20.24 6.02 -5.50
CA ARG B 4 21.41 5.20 -5.81
C ARG B 4 21.09 3.96 -6.65
N THR B 5 22.02 3.60 -7.54
CA THR B 5 21.86 2.42 -8.38
C THR B 5 22.30 1.17 -7.61
N PRO B 6 21.51 0.10 -7.69
CA PRO B 6 21.82 -1.15 -6.97
C PRO B 6 23.01 -1.91 -7.51
N LYS B 7 23.73 -2.55 -6.61
CA LYS B 7 24.85 -3.42 -6.95
C LYS B 7 24.42 -4.88 -6.82
N ILE B 8 24.44 -5.59 -7.95
CA ILE B 8 23.99 -6.98 -8.00
C ILE B 8 25.15 -7.97 -7.95
N GLN B 9 25.07 -8.93 -7.03
CA GLN B 9 26.14 -9.91 -6.90
C GLN B 9 25.60 -11.35 -6.86
N VAL B 10 25.82 -12.13 -7.92
CA VAL B 10 25.35 -13.51 -7.95
C VAL B 10 26.48 -14.50 -7.70
N TYR B 11 26.28 -15.40 -6.74
CA TYR B 11 27.32 -16.34 -6.33
C TYR B 11 26.73 -17.55 -5.62
N SER B 12 27.54 -18.59 -5.44
CA SER B 12 27.08 -19.79 -4.73
C SER B 12 27.51 -19.79 -3.26
N ARG B 13 26.76 -20.52 -2.43
CA ARG B 13 27.06 -20.66 -1.01
C ARG B 13 28.27 -21.55 -0.75
N HIS B 14 28.26 -22.73 -1.38
CA HIS B 14 29.35 -23.68 -1.21
C HIS B 14 30.15 -23.72 -2.51
N PRO B 15 31.40 -24.23 -2.45
CA PRO B 15 32.21 -24.26 -3.66
C PRO B 15 31.54 -25.03 -4.80
N ALA B 16 31.66 -24.50 -6.01
CA ALA B 16 30.98 -25.05 -7.17
C ALA B 16 31.49 -26.45 -7.53
N GLU B 17 30.57 -27.41 -7.55
CA GLU B 17 30.88 -28.77 -7.97
C GLU B 17 29.59 -29.42 -8.44
N ASN B 18 29.55 -29.83 -9.70
CA ASN B 18 28.33 -30.34 -10.31
C ASN B 18 27.77 -31.60 -9.64
N GLY B 19 26.45 -31.67 -9.57
CA GLY B 19 25.76 -32.82 -9.03
C GLY B 19 25.83 -32.93 -7.52
N LYS B 20 25.68 -31.81 -6.84
CA LYS B 20 25.72 -31.79 -5.37
C LYS B 20 24.76 -30.75 -4.80
N SER B 21 24.61 -30.75 -3.48
CA SER B 21 23.70 -29.83 -2.81
C SER B 21 24.33 -28.45 -2.73
N ASN B 22 23.65 -27.44 -3.25
CA ASN B 22 24.19 -26.08 -3.21
C ASN B 22 23.08 -25.04 -3.10
N PHE B 23 23.47 -23.79 -2.96
CA PHE B 23 22.52 -22.69 -2.90
C PHE B 23 23.00 -21.52 -3.77
N LEU B 24 22.11 -21.04 -4.63
CA LEU B 24 22.41 -19.87 -5.44
C LEU B 24 21.90 -18.63 -4.73
N ASN B 25 22.81 -17.67 -4.54
CA ASN B 25 22.49 -16.42 -3.87
C ASN B 25 22.66 -15.21 -4.76
N CYS B 26 21.74 -14.27 -4.62
CA CYS B 26 21.82 -12.98 -5.28
C CYS B 26 21.72 -11.87 -4.24
N TYR B 27 22.83 -11.17 -4.06
CA TYR B 27 22.96 -10.10 -3.09
C TYR B 27 22.76 -8.75 -3.77
N VAL B 28 21.64 -8.10 -3.48
CA VAL B 28 21.35 -6.79 -4.05
C VAL B 28 21.59 -5.72 -3.00
N SER B 29 22.62 -4.89 -3.18
CA SER B 29 22.97 -3.96 -2.10
C SER B 29 23.26 -2.55 -2.57
N GLY B 30 23.26 -1.62 -1.63
CA GLY B 30 23.65 -0.25 -1.92
C GLY B 30 22.71 0.46 -2.86
N PHE B 31 21.41 0.38 -2.57
CA PHE B 31 20.41 1.01 -3.44
C PHE B 31 19.46 1.86 -2.62
N HIS B 32 18.89 2.86 -3.28
CA HIS B 32 17.94 3.75 -2.63
C HIS B 32 17.09 4.43 -3.71
N PRO B 33 15.76 4.46 -3.55
CA PRO B 33 14.87 4.03 -2.47
C PRO B 33 14.69 2.52 -2.30
N SER B 34 13.70 2.16 -1.50
CA SER B 34 13.45 0.79 -1.07
C SER B 34 12.74 -0.07 -2.13
N ASP B 35 11.89 0.56 -2.93
CA ASP B 35 11.08 -0.15 -3.92
C ASP B 35 11.91 -0.84 -5.01
N ILE B 36 11.88 -2.16 -5.02
CA ILE B 36 12.61 -2.94 -6.03
C ILE B 36 11.83 -4.11 -6.60
N GLU B 37 12.35 -4.66 -7.69
CA GLU B 37 11.82 -5.89 -8.27
C GLU B 37 12.98 -6.86 -8.52
N VAL B 38 13.01 -7.99 -7.81
CA VAL B 38 14.10 -8.95 -8.00
C VAL B 38 13.57 -10.33 -8.32
N ASP B 39 14.11 -10.97 -9.36
CA ASP B 39 13.71 -12.34 -9.70
C ASP B 39 14.89 -13.18 -10.17
N LEU B 40 15.03 -14.38 -9.60
CA LEU B 40 16.06 -15.32 -10.05
C LEU B 40 15.58 -16.13 -11.26
N LEU B 41 16.51 -16.43 -12.16
CA LEU B 41 16.19 -17.08 -13.43
C LEU B 41 17.07 -18.31 -13.70
N LYS B 42 16.46 -19.28 -14.39
CA LYS B 42 17.11 -20.53 -14.79
C LYS B 42 17.01 -20.69 -16.32
N ASN B 43 18.10 -20.34 -17.00
CA ASN B 43 18.17 -20.35 -18.46
C ASN B 43 17.13 -19.46 -19.12
N GLY B 44 16.52 -18.57 -18.34
CA GLY B 44 15.53 -17.66 -18.88
C GLY B 44 14.23 -17.69 -18.12
N GLU B 45 13.80 -18.88 -17.71
CA GLU B 45 12.54 -19.01 -16.99
C GLU B 45 12.75 -18.70 -15.51
N ARG B 46 11.80 -17.97 -14.93
CA ARG B 46 11.87 -17.54 -13.53
C ARG B 46 11.62 -18.68 -12.54
N ILE B 47 12.31 -18.62 -11.41
CA ILE B 47 12.14 -19.59 -10.34
C ILE B 47 11.14 -19.10 -9.28
N GLU B 48 10.09 -19.87 -9.04
CA GLU B 48 9.09 -19.48 -8.05
C GLU B 48 9.58 -19.78 -6.64
N LYS B 49 10.18 -20.95 -6.43
CA LYS B 49 10.66 -21.32 -5.11
C LYS B 49 11.93 -20.55 -4.70
N VAL B 50 11.77 -19.27 -4.37
CA VAL B 50 12.88 -18.44 -3.93
C VAL B 50 12.58 -17.68 -2.64
N GLU B 51 13.42 -17.86 -1.61
CA GLU B 51 13.20 -17.13 -0.36
C GLU B 51 14.14 -15.94 -0.26
N HIS B 52 13.68 -14.85 0.36
CA HIS B 52 14.53 -13.67 0.48
C HIS B 52 14.52 -13.08 1.88
N SER B 53 15.67 -12.60 2.32
CA SER B 53 15.76 -12.01 3.64
C SER B 53 15.20 -10.59 3.55
N ASP B 54 14.28 -10.25 4.45
CA ASP B 54 13.64 -8.93 4.47
C ASP B 54 14.61 -7.76 4.42
N LEU B 55 14.10 -6.61 3.96
CA LEU B 55 14.86 -5.37 3.87
C LEU B 55 15.83 -5.14 5.02
N SER B 56 17.07 -4.81 4.68
CA SER B 56 18.08 -4.56 5.69
C SER B 56 18.66 -3.17 5.46
N PHE B 57 19.17 -2.56 6.53
CA PHE B 57 19.64 -1.18 6.44
C PHE B 57 21.14 -1.07 6.59
N SER B 58 21.70 0.00 6.07
CA SER B 58 23.13 0.24 6.17
C SER B 58 23.43 1.63 6.70
N LYS B 59 24.67 1.81 7.14
CA LYS B 59 25.13 3.06 7.73
C LYS B 59 25.06 4.24 6.76
N ASP B 60 25.21 3.96 5.47
CA ASP B 60 25.19 5.02 4.45
C ASP B 60 23.80 5.21 3.84
N TRP B 61 22.77 4.94 4.64
CA TRP B 61 21.37 5.15 4.26
C TRP B 61 20.92 4.29 3.05
N SER B 62 21.73 3.28 2.71
CA SER B 62 21.41 2.38 1.60
C SER B 62 20.79 1.11 2.15
N PHE B 63 20.12 0.34 1.29
CA PHE B 63 19.50 -0.91 1.73
C PHE B 63 20.18 -2.11 1.09
N TYR B 64 19.91 -3.31 1.61
CA TYR B 64 20.40 -4.53 0.98
C TYR B 64 19.51 -5.74 1.26
N LEU B 65 19.33 -6.58 0.23
CA LEU B 65 18.53 -7.80 0.31
C LEU B 65 19.31 -9.01 -0.18
N LEU B 66 18.89 -10.18 0.27
CA LEU B 66 19.47 -11.45 -0.19
C LEU B 66 18.39 -12.38 -0.71
N TYR B 67 18.44 -12.68 -2.01
CA TYR B 67 17.53 -13.63 -2.63
C TYR B 67 18.22 -14.96 -2.88
N TYR B 68 17.73 -16.03 -2.26
CA TYR B 68 18.40 -17.32 -2.35
C TYR B 68 17.45 -18.43 -2.76
N THR B 69 18.02 -19.41 -3.45
CA THR B 69 17.28 -20.62 -3.79
C THR B 69 18.19 -21.83 -3.86
N GLU B 70 17.65 -22.99 -3.48
CA GLU B 70 18.40 -24.23 -3.48
C GLU B 70 18.63 -24.70 -4.91
N PHE B 71 19.82 -25.22 -5.21
CA PHE B 71 20.06 -25.77 -6.54
C PHE B 71 21.14 -26.86 -6.59
N THR B 72 21.14 -27.56 -7.73
CA THR B 72 22.14 -28.57 -8.04
C THR B 72 22.93 -28.13 -9.27
N PRO B 73 24.25 -27.94 -9.11
CA PRO B 73 25.02 -27.42 -10.24
C PRO B 73 25.16 -28.41 -11.39
N THR B 74 25.02 -27.90 -12.61
CA THR B 74 25.23 -28.70 -13.82
C THR B 74 25.78 -27.80 -14.92
N GLU B 75 26.73 -28.32 -15.69
CA GLU B 75 27.44 -27.52 -16.69
C GLU B 75 26.55 -27.10 -17.85
N LYS B 76 25.48 -27.86 -18.08
CA LYS B 76 24.57 -27.59 -19.19
C LYS B 76 23.75 -26.33 -18.92
N ASP B 77 23.19 -26.23 -17.71
CA ASP B 77 22.34 -25.11 -17.26
C ASP B 77 23.09 -23.82 -16.88
N GLU B 78 22.51 -22.67 -17.22
CA GLU B 78 23.06 -21.36 -16.85
C GLU B 78 22.05 -20.49 -16.05
N TYR B 79 22.48 -19.96 -14.90
CA TYR B 79 21.59 -19.19 -14.02
C TYR B 79 21.88 -17.69 -13.99
N ALA B 80 20.82 -16.89 -13.76
CA ALA B 80 21.00 -15.43 -13.76
C ALA B 80 19.99 -14.76 -12.84
N CYS B 81 20.04 -13.43 -12.76
CA CYS B 81 19.08 -12.67 -11.95
C CYS B 81 18.68 -11.32 -12.57
N ARG B 82 17.37 -11.07 -12.63
CA ARG B 82 16.84 -9.84 -13.17
C ARG B 82 16.46 -8.89 -12.04
N VAL B 83 17.05 -7.70 -12.08
CA VAL B 83 16.80 -6.67 -11.08
C VAL B 83 16.29 -5.39 -11.74
N ASN B 84 15.17 -4.89 -11.22
CA ASN B 84 14.59 -3.64 -11.69
C ASN B 84 14.43 -2.64 -10.56
N HIS B 85 15.01 -1.46 -10.75
CA HIS B 85 14.99 -0.39 -9.77
C HIS B 85 14.36 0.82 -10.46
N VAL B 86 14.08 1.87 -9.71
CA VAL B 86 13.59 3.10 -10.31
C VAL B 86 14.69 3.77 -11.12
N THR B 87 15.93 3.63 -10.65
CA THR B 87 17.07 4.23 -11.33
C THR B 87 17.35 3.52 -12.65
N LEU B 88 17.00 2.23 -12.73
CA LEU B 88 17.22 1.45 -13.94
C LEU B 88 16.10 1.63 -14.97
N SER B 89 16.47 2.02 -16.18
CA SER B 89 15.49 2.19 -17.26
C SER B 89 15.15 0.84 -17.88
N GLN B 90 16.16 -0.03 -17.96
CA GLN B 90 15.96 -1.38 -18.48
C GLN B 90 16.40 -2.37 -17.39
N PRO B 91 15.59 -3.40 -17.13
CA PRO B 91 15.88 -4.38 -16.07
C PRO B 91 17.24 -5.04 -16.23
N LYS B 92 18.15 -4.82 -15.30
CA LYS B 92 19.52 -5.30 -15.41
C LYS B 92 19.60 -6.77 -15.05
N ILE B 93 20.17 -7.57 -15.95
CA ILE B 93 20.27 -9.00 -15.72
C ILE B 93 21.72 -9.40 -15.53
N VAL B 94 22.04 -10.00 -14.38
CA VAL B 94 23.42 -10.40 -14.12
C VAL B 94 23.52 -11.93 -14.05
N LYS B 95 24.46 -12.50 -14.79
CA LYS B 95 24.60 -13.95 -14.88
C LYS B 95 25.57 -14.51 -13.83
N TRP B 96 25.40 -15.78 -13.52
CA TRP B 96 26.27 -16.45 -12.56
C TRP B 96 27.58 -16.89 -13.23
N ASP B 97 28.69 -16.57 -12.58
CA ASP B 97 30.02 -16.76 -13.17
C ASP B 97 30.52 -18.20 -13.14
N ARG B 98 30.01 -18.99 -12.19
CA ARG B 98 30.40 -20.39 -12.03
C ARG B 98 31.88 -20.52 -11.69
N ARG C 2 -16.93 -38.55 -5.27
CA ARG C 2 -18.01 -37.64 -4.93
C ARG C 2 -17.99 -36.40 -5.81
N THR C 3 -18.80 -35.41 -5.46
CA THR C 3 -18.92 -34.18 -6.25
C THR C 3 -17.76 -33.22 -5.96
N HIS C 4 -17.23 -32.60 -7.01
CA HIS C 4 -16.14 -31.65 -6.88
C HIS C 4 -16.40 -30.41 -7.74
N SER C 5 -15.81 -29.28 -7.36
CA SER C 5 -16.11 -28.02 -8.03
C SER C 5 -14.90 -27.09 -8.16
N LEU C 6 -14.76 -26.43 -9.32
CA LEU C 6 -13.71 -25.42 -9.49
C LEU C 6 -14.33 -24.05 -9.73
N ARG C 7 -13.91 -23.04 -8.94
CA ARG C 7 -14.50 -21.71 -9.02
C ARG C 7 -13.50 -20.55 -8.91
N TYR C 8 -13.77 -19.50 -9.68
CA TYR C 8 -12.99 -18.26 -9.68
C TYR C 8 -13.87 -17.05 -9.44
N PHE C 9 -13.43 -16.22 -8.49
CA PHE C 9 -14.19 -15.03 -8.10
C PHE C 9 -13.41 -13.74 -8.30
N ARG C 10 -14.15 -12.72 -8.77
CA ARG C 10 -13.63 -11.38 -9.03
C ARG C 10 -14.43 -10.31 -8.29
N LEU C 11 -13.73 -9.41 -7.60
CA LEU C 11 -14.36 -8.32 -6.86
C LEU C 11 -13.67 -6.98 -7.11
N GLY C 12 -14.47 -5.98 -7.50
CA GLY C 12 -13.99 -4.63 -7.75
C GLY C 12 -14.64 -3.56 -6.89
N VAL C 13 -13.80 -2.83 -6.15
CA VAL C 13 -14.25 -1.76 -5.25
C VAL C 13 -13.90 -0.40 -5.87
N SER C 14 -14.86 0.51 -5.92
CA SER C 14 -14.70 1.78 -6.62
C SER C 14 -13.74 2.77 -5.95
N ASP C 15 -13.63 2.74 -4.62
CA ASP C 15 -12.76 3.70 -3.93
C ASP C 15 -11.83 3.01 -2.92
N PRO C 16 -10.60 2.71 -3.36
CA PRO C 16 -9.61 1.96 -2.57
C PRO C 16 -9.05 2.76 -1.39
N ILE C 17 -9.02 2.14 -0.21
CA ILE C 17 -8.48 2.78 0.98
C ILE C 17 -7.07 2.27 1.28
N GLU C 22 -7.80 -2.70 -4.40
CA GLU C 22 -8.92 -2.21 -5.18
C GLU C 22 -9.63 -3.35 -5.88
N PHE C 23 -8.84 -4.35 -6.30
CA PHE C 23 -9.38 -5.54 -6.95
C PHE C 23 -8.88 -6.82 -6.29
N ILE C 24 -9.79 -7.75 -6.04
CA ILE C 24 -9.42 -9.02 -5.44
C ILE C 24 -9.93 -10.18 -6.29
N SER C 25 -9.06 -11.17 -6.49
CA SER C 25 -9.43 -12.37 -7.24
C SER C 25 -8.96 -13.65 -6.55
N VAL C 26 -9.89 -14.55 -6.26
CA VAL C 26 -9.47 -15.77 -5.59
C VAL C 26 -10.03 -17.03 -6.25
N GLY C 27 -9.19 -18.07 -6.27
CA GLY C 27 -9.57 -19.36 -6.81
C GLY C 27 -9.71 -20.43 -5.75
N TYR C 28 -10.80 -21.18 -5.86
CA TYR C 28 -11.15 -22.21 -4.89
C TYR C 28 -11.60 -23.49 -5.57
N VAL C 29 -11.19 -24.63 -5.01
CA VAL C 29 -11.66 -25.92 -5.48
C VAL C 29 -12.51 -26.59 -4.40
N ASP C 30 -13.81 -26.31 -4.44
CA ASP C 30 -14.78 -26.82 -3.47
C ASP C 30 -14.39 -26.37 -2.05
N SER C 31 -14.50 -25.07 -1.82
CA SER C 31 -14.20 -24.48 -0.51
C SER C 31 -12.78 -24.80 -0.05
N HIS C 32 -11.83 -24.74 -0.97
CA HIS C 32 -10.42 -24.88 -0.62
C HIS C 32 -9.57 -23.92 -1.45
N PRO C 33 -8.74 -23.09 -0.78
CA PRO C 33 -7.95 -22.07 -1.48
C PRO C 33 -6.80 -22.63 -2.31
N ILE C 34 -6.73 -22.26 -3.59
CA ILE C 34 -5.63 -22.77 -4.43
C ILE C 34 -4.82 -21.68 -5.12
N THR C 35 -5.45 -20.54 -5.43
CA THR C 35 -4.72 -19.45 -6.06
C THR C 35 -5.31 -18.08 -5.70
N THR C 36 -4.45 -17.06 -5.71
CA THR C 36 -4.88 -15.71 -5.38
C THR C 36 -4.14 -14.61 -6.16
N TYR C 37 -4.86 -13.50 -6.37
CA TYR C 37 -4.31 -12.32 -7.04
C TYR C 37 -5.01 -11.09 -6.47
N ASP C 38 -4.27 -9.99 -6.37
CA ASP C 38 -4.85 -8.74 -5.88
C ASP C 38 -4.15 -7.53 -6.49
N SER C 39 -4.89 -6.44 -6.62
CA SER C 39 -4.40 -5.22 -7.27
C SER C 39 -3.16 -4.63 -6.61
N VAL C 40 -2.91 -5.03 -5.38
CA VAL C 40 -1.75 -4.53 -4.64
C VAL C 40 -0.50 -5.34 -4.95
N THR C 41 -0.60 -6.66 -4.79
CA THR C 41 0.54 -7.55 -5.01
C THR C 41 0.88 -7.64 -6.48
N ARG C 42 -0.18 -7.67 -7.31
CA ARG C 42 -0.06 -7.70 -8.77
C ARG C 42 0.70 -8.92 -9.31
N GLN C 43 0.56 -10.06 -8.62
CA GLN C 43 1.19 -11.30 -9.07
C GLN C 43 0.39 -12.50 -8.59
N LYS C 44 0.18 -13.49 -9.46
CA LYS C 44 -0.59 -14.67 -9.09
C LYS C 44 0.25 -15.57 -8.17
N GLU C 45 -0.33 -15.91 -7.03
CA GLU C 45 0.35 -16.73 -6.03
C GLU C 45 -0.46 -17.98 -5.68
N PRO C 46 0.23 -19.11 -5.50
CA PRO C 46 -0.45 -20.34 -5.09
C PRO C 46 -0.76 -20.38 -3.60
N ARG C 47 -2.03 -20.51 -3.25
CA ARG C 47 -2.47 -20.52 -1.86
C ARG C 47 -2.12 -21.87 -1.26
N ALA C 48 -2.50 -22.94 -1.94
CA ALA C 48 -2.20 -24.29 -1.51
C ALA C 48 -0.73 -24.61 -1.74
N PRO C 49 -0.16 -25.50 -0.90
CA PRO C 49 1.26 -25.85 -1.09
C PRO C 49 1.48 -26.84 -2.23
N TRP C 50 0.48 -27.70 -2.45
CA TRP C 50 0.57 -28.74 -3.47
C TRP C 50 0.37 -28.19 -4.89
N MET C 51 0.08 -26.90 -5.02
CA MET C 51 -0.15 -26.33 -6.34
C MET C 51 1.11 -25.69 -6.88
N ALA C 52 2.03 -25.40 -5.97
CA ALA C 52 3.33 -24.84 -6.31
C ALA C 52 4.24 -25.94 -6.82
N GLU C 53 4.03 -27.14 -6.28
CA GLU C 53 4.97 -28.24 -6.50
C GLU C 53 4.69 -28.93 -7.83
N ASN C 54 3.42 -29.06 -8.19
CA ASN C 54 3.06 -29.71 -9.45
C ASN C 54 3.20 -28.83 -10.69
N LEU C 55 2.68 -27.60 -10.60
CA LEU C 55 2.64 -26.68 -11.74
C LEU C 55 3.96 -26.00 -12.12
N ALA C 56 4.16 -25.85 -13.43
CA ALA C 56 5.32 -25.20 -14.01
C ALA C 56 5.31 -23.69 -13.75
N PRO C 57 6.51 -23.05 -13.73
CA PRO C 57 6.58 -21.61 -13.43
C PRO C 57 5.93 -20.76 -14.52
N ASP C 58 5.83 -21.32 -15.72
CA ASP C 58 5.24 -20.64 -16.87
C ASP C 58 3.78 -20.33 -16.63
N HIS C 59 3.13 -21.17 -15.83
CA HIS C 59 1.72 -20.98 -15.48
C HIS C 59 1.54 -19.64 -14.78
N TRP C 60 2.34 -19.45 -13.75
CA TRP C 60 2.26 -18.26 -12.92
C TRP C 60 2.74 -17.06 -13.72
N GLU C 61 3.83 -17.23 -14.48
CA GLU C 61 4.37 -16.14 -15.27
C GLU C 61 3.37 -15.57 -16.27
N ARG C 62 2.69 -16.45 -17.01
CA ARG C 62 1.79 -15.99 -18.04
C ARG C 62 0.48 -15.48 -17.44
N TYR C 63 -0.10 -16.28 -16.54
CA TYR C 63 -1.38 -15.90 -15.95
C TYR C 63 -1.25 -14.61 -15.14
N THR C 64 -0.02 -14.27 -14.75
CA THR C 64 0.22 -12.98 -14.11
C THR C 64 -0.02 -11.83 -15.08
N GLN C 65 0.55 -11.92 -16.28
CA GLN C 65 0.38 -10.90 -17.32
C GLN C 65 -1.09 -10.81 -17.70
N LEU C 66 -1.74 -11.96 -17.76
CA LEU C 66 -3.17 -11.98 -18.05
C LEU C 66 -3.98 -11.26 -16.99
N LEU C 67 -3.67 -11.52 -15.72
CA LEU C 67 -4.40 -10.89 -14.62
C LEU C 67 -4.15 -9.38 -14.60
N ARG C 68 -2.92 -8.98 -14.87
CA ARG C 68 -2.60 -7.56 -14.94
C ARG C 68 -3.44 -6.91 -16.02
N GLY C 69 -3.65 -7.63 -17.11
CA GLY C 69 -4.53 -7.13 -18.16
C GLY C 69 -5.99 -7.05 -17.74
N TRP C 70 -6.44 -8.07 -17.02
CA TRP C 70 -7.83 -8.17 -16.59
C TRP C 70 -8.18 -7.07 -15.60
N GLN C 71 -7.21 -6.73 -14.74
CA GLN C 71 -7.38 -5.75 -13.67
C GLN C 71 -8.05 -4.45 -14.12
N GLN C 72 -7.66 -3.95 -15.29
CA GLN C 72 -8.17 -2.69 -15.80
C GLN C 72 -9.57 -2.78 -16.45
N MET C 73 -9.84 -3.88 -17.16
CA MET C 73 -11.09 -4.00 -17.92
C MET C 73 -12.38 -3.93 -17.07
N PHE C 74 -12.50 -4.76 -16.04
CA PHE C 74 -13.69 -4.70 -15.19
C PHE C 74 -13.74 -3.38 -14.43
N LYS C 75 -12.58 -2.79 -14.17
CA LYS C 75 -12.53 -1.46 -13.55
C LYS C 75 -13.29 -0.50 -14.47
N VAL C 76 -12.95 -0.55 -15.75
CA VAL C 76 -13.63 0.26 -16.77
C VAL C 76 -15.13 -0.03 -16.78
N GLU C 77 -15.50 -1.30 -16.73
CA GLU C 77 -16.91 -1.70 -16.71
C GLU C 77 -17.65 -1.12 -15.50
N LEU C 78 -16.98 -1.13 -14.34
CA LEU C 78 -17.53 -0.61 -13.10
C LEU C 78 -17.82 0.88 -13.21
N LYS C 79 -16.81 1.62 -13.67
CA LYS C 79 -16.97 3.06 -13.84
C LYS C 79 -18.08 3.36 -14.84
N ARG C 80 -18.19 2.53 -15.87
CA ARG C 80 -19.22 2.69 -16.89
C ARG C 80 -20.63 2.52 -16.31
N LEU C 81 -20.83 1.48 -15.51
CA LEU C 81 -22.13 1.25 -14.88
C LEU C 81 -22.48 2.41 -13.94
N GLN C 82 -21.46 2.90 -13.23
CA GLN C 82 -21.67 4.05 -12.35
C GLN C 82 -22.07 5.27 -13.16
N ARG C 83 -21.63 5.35 -14.41
CA ARG C 83 -22.07 6.44 -15.29
C ARG C 83 -23.47 6.20 -15.87
N HIS C 84 -23.87 4.95 -16.00
CA HIS C 84 -25.21 4.64 -16.50
C HIS C 84 -26.28 5.00 -15.47
N TYR C 85 -26.03 4.65 -14.20
CA TYR C 85 -26.98 5.01 -13.15
C TYR C 85 -26.81 6.46 -12.70
N ASN C 86 -25.66 7.03 -13.01
CA ASN C 86 -25.28 8.41 -12.65
C ASN C 86 -25.26 8.68 -11.13
N HIS C 87 -24.42 7.94 -10.41
CA HIS C 87 -24.15 8.20 -8.99
C HIS C 87 -22.66 7.97 -8.71
N SER C 88 -22.15 8.56 -7.63
CA SER C 88 -20.74 8.41 -7.26
C SER C 88 -20.54 7.81 -5.88
N GLY C 89 -19.33 7.29 -5.65
CA GLY C 89 -18.95 6.71 -4.37
C GLY C 89 -18.37 5.32 -4.48
N SER C 90 -18.55 4.50 -3.46
CA SER C 90 -17.97 3.15 -3.48
C SER C 90 -19.04 2.11 -3.78
N HIS C 91 -18.80 1.32 -4.83
CA HIS C 91 -19.73 0.31 -5.26
C HIS C 91 -18.99 -0.98 -5.62
N THR C 92 -19.62 -2.12 -5.34
CA THR C 92 -18.97 -3.41 -5.58
C THR C 92 -19.38 -4.01 -6.91
N TYR C 93 -18.39 -4.59 -7.58
CA TYR C 93 -18.58 -5.25 -8.86
C TYR C 93 -18.15 -6.70 -8.73
N GLN C 94 -19.11 -7.62 -8.83
CA GLN C 94 -18.78 -9.02 -8.62
C GLN C 94 -18.92 -9.85 -9.89
N ARG C 95 -18.00 -10.78 -10.07
CA ARG C 95 -18.05 -11.71 -11.19
C ARG C 95 -17.71 -13.10 -10.72
N MET C 96 -18.53 -14.08 -11.07
CA MET C 96 -18.28 -15.46 -10.67
C MET C 96 -18.26 -16.38 -11.87
N ILE C 97 -17.25 -17.25 -11.96
CA ILE C 97 -17.22 -18.22 -13.04
C ILE C 97 -16.63 -19.57 -12.59
N GLY C 98 -17.29 -20.67 -12.97
CA GLY C 98 -16.75 -21.98 -12.61
C GLY C 98 -17.60 -23.17 -12.95
N CYS C 99 -17.04 -24.38 -12.80
CA CYS C 99 -17.77 -25.58 -13.14
C CYS C 99 -17.89 -26.57 -11.96
N GLU C 100 -18.70 -27.58 -12.18
CA GLU C 100 -19.06 -28.55 -11.16
C GLU C 100 -19.21 -29.94 -11.78
N LEU C 101 -18.40 -30.87 -11.26
CA LEU C 101 -18.39 -32.27 -11.68
C LEU C 101 -19.06 -33.16 -10.66
N LEU C 102 -20.07 -33.92 -11.08
CA LEU C 102 -20.84 -34.75 -10.16
C LEU C 102 -20.34 -36.19 -10.10
N GLU C 103 -20.94 -37.00 -9.24
CA GLU C 103 -20.55 -38.40 -9.07
C GLU C 103 -20.78 -39.21 -10.33
N ASP C 104 -21.94 -39.00 -10.95
CA ASP C 104 -22.32 -39.73 -12.16
C ASP C 104 -21.48 -39.27 -13.36
N GLY C 105 -21.07 -38.00 -13.34
CA GLY C 105 -20.23 -37.46 -14.38
C GLY C 105 -20.86 -36.32 -15.15
N SER C 106 -21.93 -35.76 -14.59
CA SER C 106 -22.63 -34.66 -15.23
C SER C 106 -21.82 -33.38 -15.12
N THR C 107 -21.79 -32.59 -16.18
CA THR C 107 -21.05 -31.33 -16.20
C THR C 107 -22.01 -30.17 -15.94
N THR C 108 -21.67 -29.30 -15.00
CA THR C 108 -22.52 -28.13 -14.77
C THR C 108 -21.73 -26.85 -14.52
N GLY C 109 -21.80 -25.93 -15.48
CA GLY C 109 -21.06 -24.69 -15.38
C GLY C 109 -21.94 -23.50 -15.04
N PHE C 110 -21.31 -22.43 -14.54
CA PHE C 110 -22.03 -21.21 -14.17
C PHE C 110 -21.16 -19.98 -14.40
N LEU C 111 -21.80 -18.93 -14.93
CA LEU C 111 -21.17 -17.63 -15.15
C LEU C 111 -22.14 -16.48 -14.84
N GLN C 112 -21.80 -15.68 -13.82
CA GLN C 112 -22.71 -14.63 -13.35
C GLN C 112 -22.03 -13.31 -13.05
N TYR C 113 -22.79 -12.22 -13.24
CA TYR C 113 -22.34 -10.86 -12.95
C TYR C 113 -23.28 -10.17 -11.97
N ALA C 114 -22.72 -9.42 -11.02
CA ALA C 114 -23.50 -8.75 -9.98
C ALA C 114 -23.02 -7.33 -9.70
N TYR C 115 -23.98 -6.48 -9.34
CA TYR C 115 -23.70 -5.07 -9.03
C TYR C 115 -24.28 -4.73 -7.65
N ASP C 116 -23.42 -4.25 -6.76
CA ASP C 116 -23.78 -3.94 -5.37
C ASP C 116 -24.39 -5.15 -4.65
N GLY C 117 -23.76 -6.31 -4.82
CA GLY C 117 -24.17 -7.51 -4.12
C GLY C 117 -25.50 -8.10 -4.55
N GLN C 118 -25.96 -7.74 -5.73
CA GLN C 118 -27.22 -8.26 -6.26
C GLN C 118 -27.07 -8.72 -7.72
N ASP C 119 -27.82 -9.76 -8.08
CA ASP C 119 -27.76 -10.36 -9.43
C ASP C 119 -28.01 -9.34 -10.55
N PHE C 120 -27.06 -9.26 -11.48
CA PHE C 120 -27.15 -8.28 -12.57
C PHE C 120 -27.35 -8.96 -13.92
N LEU C 121 -26.44 -9.88 -14.27
CA LEU C 121 -26.54 -10.59 -15.54
C LEU C 121 -26.20 -12.07 -15.39
N ILE C 122 -27.12 -12.95 -15.78
CA ILE C 122 -26.87 -14.37 -15.62
C ILE C 122 -26.70 -15.10 -16.95
N PHE C 123 -25.58 -15.79 -17.13
CA PHE C 123 -25.30 -16.40 -18.42
C PHE C 123 -25.85 -17.82 -18.51
N ASN C 124 -26.62 -18.06 -19.58
CA ASN C 124 -27.14 -19.38 -19.88
C ASN C 124 -26.45 -19.93 -21.12
N LYS C 125 -25.58 -20.91 -20.90
CA LYS C 125 -24.73 -21.45 -21.96
C LYS C 125 -25.50 -22.34 -22.93
N ASP C 126 -26.60 -22.92 -22.47
CA ASP C 126 -27.38 -23.85 -23.28
C ASP C 126 -27.96 -23.18 -24.53
N THR C 127 -28.44 -21.95 -24.39
CA THR C 127 -28.99 -21.19 -25.51
C THR C 127 -28.12 -19.99 -25.84
N LEU C 128 -26.99 -19.88 -25.12
CA LEU C 128 -26.04 -18.78 -25.30
C LEU C 128 -26.69 -17.42 -25.13
N SER C 129 -27.24 -17.16 -23.94
CA SER C 129 -27.97 -15.92 -23.72
C SER C 129 -27.65 -15.28 -22.38
N TRP C 130 -27.83 -13.96 -22.30
CA TRP C 130 -27.65 -13.22 -21.05
C TRP C 130 -29.00 -12.84 -20.46
N LEU C 131 -29.13 -13.01 -19.14
CA LEU C 131 -30.33 -12.64 -18.42
C LEU C 131 -30.15 -11.31 -17.70
N ALA C 132 -30.92 -10.31 -18.14
CA ALA C 132 -30.87 -8.97 -17.56
C ALA C 132 -32.04 -8.72 -16.61
N VAL C 133 -31.78 -7.94 -15.56
CA VAL C 133 -32.80 -7.65 -14.55
C VAL C 133 -33.48 -6.29 -14.75
N ASP C 134 -32.68 -5.26 -14.99
CA ASP C 134 -33.19 -3.90 -15.20
C ASP C 134 -32.81 -3.37 -16.58
N ASN C 135 -33.20 -2.13 -16.87
CA ASN C 135 -32.94 -1.52 -18.17
C ASN C 135 -31.46 -1.31 -18.47
N VAL C 136 -30.69 -0.98 -17.44
CA VAL C 136 -29.26 -0.76 -17.58
C VAL C 136 -28.55 -2.06 -17.97
N ALA C 137 -28.99 -3.16 -17.37
CA ALA C 137 -28.44 -4.47 -17.71
C ALA C 137 -28.86 -4.89 -19.12
N HIS C 138 -30.06 -4.46 -19.51
CA HIS C 138 -30.61 -4.79 -20.82
C HIS C 138 -29.85 -4.07 -21.93
N THR C 139 -29.41 -2.85 -21.66
CA THR C 139 -28.68 -2.09 -22.67
C THR C 139 -27.32 -2.72 -23.02
N ILE C 140 -26.60 -3.19 -22.00
CA ILE C 140 -25.31 -3.83 -22.22
C ILE C 140 -25.47 -5.31 -22.62
N LYS C 141 -26.65 -5.85 -22.36
CA LYS C 141 -26.95 -7.23 -22.73
C LYS C 141 -26.77 -7.44 -24.23
N GLN C 142 -27.32 -6.52 -25.03
CA GLN C 142 -27.20 -6.58 -26.49
C GLN C 142 -25.74 -6.39 -26.95
N ALA C 143 -24.99 -5.57 -26.21
CA ALA C 143 -23.60 -5.29 -26.53
C ALA C 143 -22.74 -6.54 -26.30
N TRP C 144 -23.09 -7.32 -25.29
CA TRP C 144 -22.40 -8.60 -25.06
C TRP C 144 -22.84 -9.67 -26.06
N GLU C 145 -24.13 -9.66 -26.37
CA GLU C 145 -24.73 -10.66 -27.25
C GLU C 145 -24.34 -10.46 -28.72
N ALA C 146 -23.91 -9.26 -29.07
CA ALA C 146 -23.48 -8.96 -30.44
C ALA C 146 -22.22 -9.73 -30.83
N ASN C 147 -21.30 -9.89 -29.88
CA ASN C 147 -20.06 -10.64 -30.10
C ASN C 147 -20.28 -12.13 -29.83
N GLN C 148 -20.68 -12.87 -30.87
CA GLN C 148 -21.05 -14.27 -30.71
C GLN C 148 -19.85 -15.14 -30.35
N HIS C 149 -18.67 -14.69 -30.77
CA HIS C 149 -17.41 -15.40 -30.54
C HIS C 149 -17.15 -15.59 -29.05
N GLU C 150 -17.34 -14.52 -28.27
CA GLU C 150 -17.11 -14.57 -26.84
C GLU C 150 -18.09 -15.50 -26.13
N LEU C 151 -19.35 -15.44 -26.54
CA LEU C 151 -20.38 -16.33 -25.99
C LEU C 151 -19.99 -17.78 -26.21
N LEU C 152 -19.62 -18.10 -27.45
CA LEU C 152 -19.19 -19.46 -27.78
C LEU C 152 -17.96 -19.86 -26.97
N TYR C 153 -17.02 -18.94 -26.82
CA TYR C 153 -15.81 -19.22 -26.04
C TYR C 153 -16.15 -19.54 -24.59
N GLN C 154 -17.02 -18.74 -23.98
CA GLN C 154 -17.44 -18.98 -22.61
C GLN C 154 -18.13 -20.33 -22.47
N LYS C 155 -19.03 -20.65 -23.41
CA LYS C 155 -19.70 -21.95 -23.41
C LYS C 155 -18.70 -23.09 -23.42
N ASN C 156 -17.82 -23.09 -24.42
CA ASN C 156 -16.85 -24.15 -24.57
C ASN C 156 -15.82 -24.20 -23.44
N TRP C 157 -15.58 -23.06 -22.81
CA TRP C 157 -14.66 -23.03 -21.68
C TRP C 157 -15.30 -23.68 -20.46
N LEU C 158 -16.53 -23.27 -20.16
CA LEU C 158 -17.25 -23.81 -19.02
C LEU C 158 -17.54 -25.30 -19.19
N GLU C 159 -17.73 -25.73 -20.43
CA GLU C 159 -18.08 -27.13 -20.68
C GLU C 159 -16.86 -28.05 -20.81
N GLU C 160 -15.74 -27.53 -21.31
CA GLU C 160 -14.58 -28.40 -21.53
C GLU C 160 -13.34 -28.02 -20.73
N GLU C 161 -12.79 -26.83 -21.00
CA GLU C 161 -11.51 -26.42 -20.44
C GLU C 161 -11.49 -26.48 -18.90
N CYS C 162 -12.54 -25.93 -18.31
CA CYS C 162 -12.64 -25.80 -16.87
C CYS C 162 -12.63 -27.17 -16.21
N ILE C 163 -13.36 -28.11 -16.80
CA ILE C 163 -13.42 -29.49 -16.30
C ILE C 163 -12.04 -30.15 -16.35
N ALA C 164 -11.28 -29.87 -17.40
CA ALA C 164 -9.93 -30.39 -17.53
C ALA C 164 -9.04 -29.87 -16.41
N TRP C 165 -9.07 -28.54 -16.24
CA TRP C 165 -8.32 -27.92 -15.15
C TRP C 165 -8.68 -28.58 -13.83
N LEU C 166 -9.97 -28.69 -13.57
CA LEU C 166 -10.49 -29.27 -12.33
C LEU C 166 -9.98 -30.68 -12.08
N LYS C 167 -9.98 -31.51 -13.12
CA LYS C 167 -9.48 -32.87 -13.01
C LYS C 167 -8.00 -32.84 -12.63
N ARG C 168 -7.27 -31.95 -13.30
CA ARG C 168 -5.83 -31.81 -13.03
C ARG C 168 -5.57 -31.43 -11.57
N PHE C 169 -6.29 -30.43 -11.08
CA PHE C 169 -6.14 -29.98 -9.69
C PHE C 169 -6.51 -31.10 -8.72
N LEU C 170 -7.52 -31.88 -9.06
CA LEU C 170 -7.91 -33.02 -8.25
C LEU C 170 -6.79 -34.04 -8.14
N GLU C 171 -6.13 -34.33 -9.26
CA GLU C 171 -5.01 -35.28 -9.24
C GLU C 171 -3.76 -34.68 -8.59
N TYR C 172 -3.68 -33.35 -8.60
CA TYR C 172 -2.54 -32.64 -8.04
C TYR C 172 -2.54 -32.69 -6.52
N GLY C 173 -3.72 -32.51 -5.93
CA GLY C 173 -3.88 -32.54 -4.49
C GLY C 173 -4.78 -33.68 -4.07
N LYS C 174 -4.37 -34.90 -4.40
CA LYS C 174 -5.18 -36.08 -4.12
C LYS C 174 -5.30 -36.40 -2.63
N ASP C 175 -4.21 -36.21 -1.90
CA ASP C 175 -4.19 -36.56 -0.48
C ASP C 175 -5.00 -35.57 0.36
N THR C 176 -5.29 -34.40 -0.20
CA THR C 176 -5.98 -33.37 0.54
C THR C 176 -7.44 -33.24 0.15
N LEU C 177 -7.69 -33.18 -1.16
CA LEU C 177 -9.05 -32.96 -1.65
C LEU C 177 -9.94 -34.19 -1.63
N GLN C 178 -9.29 -35.39 -1.67
CA GLN C 178 -10.08 -36.62 -1.75
C GLN C 178 -10.07 -37.46 -0.48
N ARG C 179 -9.65 -36.88 0.65
CA ARG C 179 -9.64 -37.60 1.92
C ARG C 179 -10.99 -37.49 2.62
N THR C 180 -11.30 -38.45 3.48
CA THR C 180 -12.57 -38.47 4.20
C THR C 180 -12.42 -38.72 5.70
N GLU C 181 -12.87 -37.76 6.51
CA GLU C 181 -12.83 -37.89 7.97
C GLU C 181 -14.23 -37.95 8.56
N PRO C 182 -14.49 -38.97 9.40
CA PRO C 182 -15.82 -39.16 9.99
C PRO C 182 -16.06 -38.17 11.13
N PRO C 183 -17.31 -37.69 11.25
CA PRO C 183 -17.64 -36.71 12.29
C PRO C 183 -17.87 -37.35 13.65
N LEU C 184 -17.41 -36.69 14.71
CA LEU C 184 -17.69 -37.13 16.09
C LEU C 184 -18.97 -36.46 16.57
N VAL C 185 -20.04 -37.26 16.64
CA VAL C 185 -21.36 -36.78 17.02
C VAL C 185 -21.63 -36.95 18.52
N ARG C 186 -22.16 -35.90 19.12
CA ARG C 186 -22.50 -35.85 20.54
C ARG C 186 -23.90 -35.26 20.72
N PHE C 200 -29.98 -30.65 22.40
CA PHE C 200 -28.82 -30.04 21.72
C PHE C 200 -27.95 -31.15 21.14
N CYS C 201 -27.52 -30.97 19.89
CA CYS C 201 -26.61 -31.91 19.24
C CYS C 201 -25.47 -31.24 18.47
N LYS C 202 -24.24 -31.72 18.64
CA LYS C 202 -23.12 -31.16 17.90
C LYS C 202 -22.26 -32.26 17.26
N ALA C 203 -21.72 -32.00 16.08
CA ALA C 203 -20.83 -32.94 15.40
C ALA C 203 -19.57 -32.25 14.93
N HIS C 204 -18.42 -32.70 15.43
CA HIS C 204 -17.15 -32.04 15.09
C HIS C 204 -16.07 -32.94 14.46
N GLY C 205 -15.24 -32.34 13.62
CA GLY C 205 -14.07 -32.96 13.01
C GLY C 205 -14.34 -33.84 11.81
N PHE C 206 -14.83 -33.23 10.73
CA PHE C 206 -15.13 -33.99 9.52
C PHE C 206 -14.78 -33.25 8.24
N TYR C 207 -14.52 -34.04 7.19
CA TYR C 207 -14.19 -33.56 5.86
C TYR C 207 -14.76 -34.55 4.87
N PRO C 208 -15.40 -34.08 3.79
CA PRO C 208 -15.66 -32.69 3.36
C PRO C 208 -16.77 -32.01 4.17
N PRO C 209 -16.90 -30.67 4.06
CA PRO C 209 -17.90 -29.94 4.84
C PRO C 209 -19.36 -30.27 4.49
N GLU C 210 -19.60 -30.94 3.37
CA GLU C 210 -20.97 -31.28 2.98
C GLU C 210 -21.60 -32.26 3.96
N ILE C 211 -22.54 -31.77 4.77
CA ILE C 211 -23.20 -32.57 5.79
C ILE C 211 -24.67 -32.20 5.93
N TYR C 212 -25.51 -33.17 6.30
CA TYR C 212 -26.94 -32.89 6.52
C TYR C 212 -27.36 -33.28 7.93
N MET C 213 -27.96 -32.36 8.68
CA MET C 213 -28.42 -32.68 10.03
C MET C 213 -29.89 -32.34 10.23
N THR C 214 -30.62 -33.24 10.86
CA THR C 214 -32.02 -32.98 11.19
C THR C 214 -32.53 -33.83 12.36
N TRP C 215 -33.40 -33.25 13.18
CA TRP C 215 -34.03 -33.99 14.28
C TRP C 215 -35.38 -34.52 13.81
N MET C 216 -35.55 -35.84 13.87
CA MET C 216 -36.78 -36.45 13.38
C MET C 216 -37.60 -37.01 14.53
N LYS C 217 -38.91 -36.80 14.44
CA LYS C 217 -39.86 -37.28 15.44
C LYS C 217 -40.72 -38.43 14.92
N ASN C 218 -40.49 -39.62 15.47
CA ASN C 218 -41.30 -40.81 15.11
C ASN C 218 -41.36 -41.13 13.62
N GLY C 219 -40.38 -40.67 12.84
CA GLY C 219 -40.37 -40.93 11.42
C GLY C 219 -41.34 -40.05 10.65
N GLU C 220 -41.74 -38.94 11.28
CA GLU C 220 -42.65 -37.98 10.66
C GLU C 220 -41.93 -36.68 10.33
N GLU C 225 -40.81 -25.92 14.54
CA GLU C 225 -39.56 -25.16 14.49
C GLU C 225 -38.37 -26.04 14.79
N ILE C 226 -37.24 -25.77 14.12
CA ILE C 226 -36.02 -26.55 14.30
C ILE C 226 -34.81 -25.63 14.10
N ASP C 227 -33.89 -25.64 15.06
CA ASP C 227 -32.74 -24.73 15.01
C ASP C 227 -31.50 -25.35 14.38
N TYR C 228 -31.16 -24.87 13.19
CA TYR C 228 -30.02 -25.37 12.43
C TYR C 228 -28.81 -24.42 12.46
N GLY C 229 -27.61 -25.00 12.47
CA GLY C 229 -26.37 -24.24 12.41
C GLY C 229 -25.62 -24.45 11.10
N ASP C 230 -25.04 -23.39 10.54
CA ASP C 230 -24.23 -23.52 9.34
C ASP C 230 -22.92 -24.26 9.65
N ILE C 231 -22.34 -24.83 8.60
CA ILE C 231 -21.11 -25.61 8.71
C ILE C 231 -19.89 -24.74 8.99
N LEU C 232 -19.41 -24.78 10.23
CA LEU C 232 -18.32 -23.93 10.66
C LEU C 232 -16.98 -24.67 10.57
N PRO C 233 -15.92 -23.97 10.13
CA PRO C 233 -14.56 -24.50 9.99
C PRO C 233 -13.78 -24.58 11.29
N SER C 234 -12.61 -25.22 11.23
CA SER C 234 -11.70 -25.29 12.37
C SER C 234 -10.29 -24.91 11.94
N GLY C 235 -9.30 -25.33 12.71
CA GLY C 235 -7.91 -24.97 12.43
C GLY C 235 -7.16 -25.91 11.50
N ASP C 236 -7.30 -27.22 11.73
CA ASP C 236 -6.57 -28.20 10.95
C ASP C 236 -7.19 -28.46 9.57
N GLY C 237 -8.41 -27.98 9.36
CA GLY C 237 -9.05 -28.18 8.08
C GLY C 237 -10.36 -28.95 8.17
N THR C 238 -10.75 -29.32 9.37
CA THR C 238 -11.99 -30.07 9.54
C THR C 238 -13.14 -29.11 9.80
N TYR C 239 -14.34 -29.62 10.04
CA TYR C 239 -15.52 -28.77 10.21
C TYR C 239 -16.39 -29.14 11.42
N GLN C 240 -17.39 -28.32 11.71
CA GLN C 240 -18.26 -28.55 12.87
C GLN C 240 -19.68 -28.01 12.65
N ALA C 241 -20.70 -28.75 13.10
CA ALA C 241 -22.09 -28.29 12.94
C ALA C 241 -23.04 -28.72 14.08
N TRP C 242 -24.04 -27.89 14.37
CA TRP C 242 -24.97 -28.14 15.47
C TRP C 242 -26.45 -28.12 15.07
N ALA C 243 -27.28 -28.87 15.80
CA ALA C 243 -28.74 -28.89 15.58
C ALA C 243 -29.52 -29.03 16.91
N SER C 244 -30.51 -28.16 17.09
CA SER C 244 -31.29 -28.13 18.34
C SER C 244 -32.80 -28.09 18.10
N ILE C 245 -33.57 -28.60 19.07
CA ILE C 245 -35.04 -28.59 19.00
C ILE C 245 -35.66 -28.62 20.41
N GLU C 246 -36.82 -28.00 20.57
CA GLU C 246 -37.48 -27.91 21.88
C GLU C 246 -38.42 -29.08 22.18
N LEU C 247 -38.44 -29.52 23.44
CA LEU C 247 -39.31 -30.61 23.87
C LEU C 247 -40.25 -30.15 24.98
N LEU C 254 -40.95 -40.47 20.32
CA LEU C 254 -39.62 -40.81 19.82
C LEU C 254 -38.96 -39.61 19.16
N TYR C 255 -37.73 -39.31 19.58
CA TYR C 255 -36.96 -38.22 19.00
C TYR C 255 -35.53 -38.68 18.74
N SER C 256 -35.07 -38.51 17.51
CA SER C 256 -33.75 -39.00 17.12
C SER C 256 -33.01 -38.04 16.19
N CYS C 257 -31.68 -38.06 16.27
CA CYS C 257 -30.83 -37.20 15.45
C CYS C 257 -30.35 -37.94 14.21
N HIS C 258 -30.49 -37.29 13.06
CA HIS C 258 -30.13 -37.87 11.77
C HIS C 258 -29.04 -37.04 11.10
N VAL C 259 -27.87 -37.66 10.93
CA VAL C 259 -26.72 -37.03 10.32
C VAL C 259 -26.29 -37.77 9.05
N GLU C 260 -26.14 -37.02 7.95
CA GLU C 260 -25.72 -37.60 6.68
C GLU C 260 -24.37 -37.04 6.25
N HIS C 261 -23.38 -37.92 6.15
CA HIS C 261 -22.06 -37.50 5.70
C HIS C 261 -21.38 -38.57 4.86
N SER C 262 -21.00 -38.20 3.63
CA SER C 262 -20.37 -39.12 2.69
C SER C 262 -21.11 -40.45 2.54
N GLY C 263 -22.43 -40.38 2.42
CA GLY C 263 -23.24 -41.57 2.23
C GLY C 263 -23.43 -42.39 3.49
N VAL C 264 -23.03 -41.83 4.63
CA VAL C 264 -23.22 -42.49 5.91
C VAL C 264 -24.33 -41.80 6.72
N HIS C 265 -25.37 -42.58 7.01
CA HIS C 265 -26.49 -42.13 7.82
C HIS C 265 -26.38 -42.56 9.28
N MET C 266 -26.10 -41.60 10.15
CA MET C 266 -25.95 -41.86 11.58
C MET C 266 -27.21 -41.43 12.31
N VAL C 267 -27.72 -42.32 13.16
CA VAL C 267 -28.91 -42.02 13.94
C VAL C 267 -28.54 -42.09 15.42
N LEU C 268 -28.93 -41.07 16.18
CA LEU C 268 -28.62 -41.07 17.61
C LEU C 268 -29.87 -40.85 18.46
N GLN C 269 -30.06 -41.74 19.43
CA GLN C 269 -31.22 -41.68 20.33
C GLN C 269 -30.80 -41.52 21.79
N VAL C 270 -31.61 -40.81 22.56
CA VAL C 270 -31.34 -40.64 23.99
C VAL C 270 -31.99 -41.74 24.82
N GLU D 1 1.93 -18.79 -24.44
CA GLU D 1 1.90 -17.67 -25.38
C GLU D 1 3.26 -17.45 -26.00
N ASP D 2 4.21 -18.29 -25.60
CA ASP D 2 5.59 -18.22 -26.05
C ASP D 2 5.78 -18.35 -27.58
N LYS D 3 4.88 -19.04 -28.27
CA LYS D 3 5.06 -19.22 -29.70
C LYS D 3 3.82 -19.12 -30.59
N VAL D 4 3.99 -18.43 -31.72
CA VAL D 4 3.04 -18.42 -32.84
C VAL D 4 3.84 -18.46 -34.14
N VAL D 5 3.86 -19.62 -34.78
CA VAL D 5 4.68 -19.85 -35.96
C VAL D 5 3.89 -19.78 -37.27
N GLN D 6 4.40 -19.01 -38.22
CA GLN D 6 3.76 -18.89 -39.53
C GLN D 6 4.66 -19.47 -40.61
N SER D 7 4.11 -20.32 -41.47
CA SER D 7 4.92 -20.92 -42.53
C SER D 7 4.11 -21.05 -43.81
N PRO D 8 4.76 -20.84 -44.97
CA PRO D 8 6.17 -20.51 -45.15
C PRO D 8 6.50 -19.05 -44.84
N LEU D 9 7.77 -18.76 -44.62
CA LEU D 9 8.16 -17.40 -44.27
C LEU D 9 8.00 -16.48 -45.46
N SER D 10 8.27 -17.00 -46.65
CA SER D 10 8.13 -16.22 -47.87
C SER D 10 7.48 -17.06 -48.96
N LEU D 11 6.68 -16.42 -49.81
CA LEU D 11 5.96 -17.11 -50.85
C LEU D 11 5.88 -16.27 -52.12
N VAL D 12 6.42 -16.81 -53.22
CA VAL D 12 6.46 -16.11 -54.51
C VAL D 12 5.63 -16.83 -55.56
N VAL D 13 4.56 -16.19 -56.03
CA VAL D 13 3.66 -16.85 -56.98
C VAL D 13 3.20 -15.96 -58.16
N HIS D 14 2.73 -16.61 -59.22
CA HIS D 14 2.19 -15.90 -60.39
C HIS D 14 0.72 -15.55 -60.13
N GLU D 15 0.19 -14.58 -60.88
CA GLU D 15 -1.21 -14.19 -60.71
C GLU D 15 -2.12 -15.30 -61.22
N GLY D 16 -3.22 -15.53 -60.51
CA GLY D 16 -4.16 -16.58 -60.88
C GLY D 16 -3.82 -17.92 -60.25
N ASP D 17 -3.11 -17.88 -59.13
CA ASP D 17 -2.73 -19.09 -58.41
C ASP D 17 -3.40 -19.17 -57.06
N THR D 18 -3.55 -20.39 -56.56
CA THR D 18 -4.11 -20.61 -55.24
C THR D 18 -2.98 -20.86 -54.24
N VAL D 19 -3.00 -20.16 -53.11
CA VAL D 19 -1.97 -20.33 -52.09
C VAL D 19 -2.53 -20.68 -50.73
N THR D 20 -1.75 -21.43 -49.96
CA THR D 20 -2.14 -21.86 -48.62
C THR D 20 -1.11 -21.46 -47.57
N LEU D 21 -1.53 -20.59 -46.67
CA LEU D 21 -0.68 -20.09 -45.59
C LEU D 21 -1.00 -20.79 -44.26
N ASN D 22 0.04 -21.35 -43.63
CA ASN D 22 -0.12 -22.07 -42.38
C ASN D 22 0.26 -21.25 -41.14
N CYS D 23 -0.43 -21.52 -40.03
CA CYS D 23 -0.07 -20.94 -38.75
C CYS D 23 -0.30 -21.87 -37.56
N SER D 24 0.76 -22.40 -36.98
CA SER D 24 0.66 -23.22 -35.77
C SER D 24 0.88 -22.34 -34.54
N TYR D 25 0.20 -22.62 -33.43
CA TYR D 25 0.33 -21.78 -32.24
C TYR D 25 0.41 -22.57 -30.95
N GLU D 26 1.08 -21.97 -29.96
CA GLU D 26 1.17 -22.49 -28.59
C GLU D 26 0.85 -21.33 -27.65
N VAL D 27 -0.43 -21.11 -27.40
CA VAL D 27 -0.84 -19.99 -26.58
C VAL D 27 -1.41 -20.45 -25.23
N THR D 28 -1.16 -19.65 -24.20
CA THR D 28 -1.69 -19.94 -22.90
C THR D 28 -3.05 -19.30 -22.78
N ASN D 29 -4.04 -20.10 -22.37
CA ASN D 29 -5.41 -19.65 -22.19
C ASN D 29 -5.87 -18.99 -23.48
N PHE D 30 -5.92 -19.79 -24.55
CA PHE D 30 -6.24 -19.33 -25.91
C PHE D 30 -7.74 -19.18 -26.10
N ARG D 31 -8.15 -18.14 -26.83
CA ARG D 31 -9.56 -17.94 -27.10
C ARG D 31 -9.87 -17.96 -28.59
N SER D 32 -9.23 -17.07 -29.36
CA SER D 32 -9.56 -17.01 -30.79
C SER D 32 -8.38 -16.66 -31.66
N LEU D 33 -8.37 -17.16 -32.89
CA LEU D 33 -7.29 -16.85 -33.81
C LEU D 33 -7.73 -15.84 -34.86
N LEU D 34 -6.89 -14.84 -35.13
CA LEU D 34 -7.25 -13.76 -36.04
C LEU D 34 -6.28 -13.65 -37.22
N TRP D 35 -6.80 -13.26 -38.40
CA TRP D 35 -5.93 -13.05 -39.56
C TRP D 35 -5.88 -11.58 -39.99
N TYR D 36 -4.67 -11.10 -40.27
CA TYR D 36 -4.44 -9.71 -40.67
C TYR D 36 -3.62 -9.57 -41.96
N LYS D 37 -3.92 -8.54 -42.74
CA LYS D 37 -3.23 -8.26 -44.00
C LYS D 37 -2.49 -6.93 -43.95
N GLN D 38 -1.16 -7.00 -43.88
CA GLN D 38 -0.32 -5.81 -43.83
C GLN D 38 0.33 -5.50 -45.17
N GLU D 39 -0.23 -4.55 -45.92
CA GLU D 39 0.38 -4.18 -47.19
C GLU D 39 1.55 -3.22 -46.95
N LYS D 40 1.24 -2.04 -46.45
CA LYS D 40 2.28 -1.08 -46.10
C LYS D 40 2.19 -0.64 -44.64
N LYS D 41 2.88 -1.38 -43.78
CA LYS D 41 3.04 -1.11 -42.35
C LYS D 41 1.76 -1.30 -41.50
N ALA D 42 0.62 -0.80 -41.96
CA ALA D 42 -0.62 -0.90 -41.18
C ALA D 42 -1.42 -2.16 -41.49
N PRO D 43 -1.60 -3.03 -40.49
CA PRO D 43 -2.37 -4.26 -40.66
C PRO D 43 -3.89 -4.05 -40.76
N THR D 44 -4.54 -4.85 -41.59
CA THR D 44 -5.99 -4.80 -41.76
C THR D 44 -6.62 -6.15 -41.40
N PHE D 45 -7.77 -6.10 -40.71
CA PHE D 45 -8.48 -7.30 -40.25
C PHE D 45 -9.07 -8.13 -41.40
N LEU D 46 -8.94 -9.46 -41.29
CA LEU D 46 -9.51 -10.37 -42.30
C LEU D 46 -10.54 -11.33 -41.70
N PHE D 47 -10.07 -12.26 -40.87
CA PHE D 47 -10.97 -13.23 -40.24
C PHE D 47 -10.74 -13.36 -38.75
N MET D 48 -11.74 -13.93 -38.08
CA MET D 48 -11.60 -14.36 -36.70
C MET D 48 -12.26 -15.73 -36.51
N LEU D 49 -11.46 -16.68 -36.07
CA LEU D 49 -11.90 -18.06 -35.87
C LEU D 49 -11.95 -18.42 -34.39
N THR D 50 -13.08 -18.98 -33.98
CA THR D 50 -13.24 -19.41 -32.59
C THR D 50 -13.63 -20.88 -32.51
N SER D 51 -14.60 -21.27 -33.32
CA SER D 51 -15.06 -22.65 -33.35
C SER D 51 -14.31 -23.47 -34.40
N SER D 52 -13.82 -24.62 -33.98
CA SER D 52 -13.03 -25.49 -34.86
C SER D 52 -13.89 -26.22 -35.87
N GLY D 53 -13.37 -26.34 -37.09
CA GLY D 53 -14.05 -27.06 -38.15
C GLY D 53 -14.85 -26.11 -39.03
N ILE D 54 -15.43 -25.09 -38.40
CA ILE D 54 -16.26 -24.14 -39.12
C ILE D 54 -15.38 -23.23 -39.98
N GLU D 55 -15.71 -23.17 -41.27
CA GLU D 55 -14.94 -22.39 -42.22
C GLU D 55 -15.51 -20.99 -42.39
N LYS D 56 -14.64 -20.01 -42.58
CA LYS D 56 -15.09 -18.65 -42.86
C LYS D 56 -14.61 -18.21 -44.24
N LYS D 57 -15.53 -17.71 -45.05
CA LYS D 57 -15.20 -17.31 -46.41
C LYS D 57 -15.58 -15.86 -46.71
N SER D 58 -14.67 -15.15 -47.36
CA SER D 58 -14.91 -13.79 -47.82
C SER D 58 -14.30 -13.60 -49.19
N GLY D 59 -15.15 -13.58 -50.21
CA GLY D 59 -14.67 -13.44 -51.57
C GLY D 59 -13.83 -14.64 -51.92
N ARG D 60 -12.58 -14.40 -52.32
CA ARG D 60 -11.70 -15.48 -52.74
C ARG D 60 -10.87 -15.97 -51.56
N LEU D 61 -11.10 -15.38 -50.39
CA LEU D 61 -10.36 -15.76 -49.18
C LEU D 61 -11.12 -16.75 -48.30
N SER D 62 -10.40 -17.73 -47.78
CA SER D 62 -10.97 -18.74 -46.91
C SER D 62 -10.09 -18.96 -45.69
N SER D 63 -10.69 -19.31 -44.55
CA SER D 63 -9.93 -19.56 -43.33
C SER D 63 -10.55 -20.66 -42.46
N ILE D 64 -9.71 -21.56 -41.95
CA ILE D 64 -10.20 -22.62 -41.08
C ILE D 64 -9.31 -22.81 -39.85
N LEU D 65 -9.96 -23.19 -38.75
CA LEU D 65 -9.28 -23.42 -37.47
C LEU D 65 -9.34 -24.90 -37.08
N ASP D 66 -8.21 -25.43 -36.66
CA ASP D 66 -8.14 -26.82 -36.21
C ASP D 66 -7.47 -26.87 -34.82
N LYS D 67 -8.31 -26.83 -33.79
CA LYS D 67 -7.83 -26.81 -32.41
C LYS D 67 -7.26 -28.14 -31.95
N LYS D 68 -7.76 -29.22 -32.55
CA LYS D 68 -7.31 -30.56 -32.18
C LYS D 68 -5.83 -30.75 -32.50
N GLU D 69 -5.35 -29.94 -33.44
CA GLU D 69 -3.93 -29.97 -33.81
C GLU D 69 -3.30 -28.60 -33.62
N LEU D 70 -4.08 -27.66 -33.11
CA LEU D 70 -3.61 -26.29 -32.84
C LEU D 70 -2.97 -25.62 -34.04
N SER D 71 -3.71 -25.55 -35.14
CA SER D 71 -3.20 -24.93 -36.35
C SER D 71 -4.32 -24.28 -37.15
N SER D 72 -3.98 -23.23 -37.89
CA SER D 72 -4.93 -22.51 -38.73
C SER D 72 -4.44 -22.45 -40.16
N ILE D 73 -5.40 -22.42 -41.10
CA ILE D 73 -5.09 -22.40 -42.52
C ILE D 73 -5.80 -21.23 -43.18
N LEU D 74 -5.04 -20.42 -43.92
CA LEU D 74 -5.58 -19.30 -44.69
C LEU D 74 -5.34 -19.49 -46.18
N ASN D 75 -6.41 -19.68 -46.94
CA ASN D 75 -6.29 -20.00 -48.36
C ASN D 75 -6.80 -18.88 -49.26
N ILE D 76 -6.01 -18.57 -50.29
CA ILE D 76 -6.37 -17.53 -51.24
C ILE D 76 -6.49 -18.13 -52.64
N THR D 77 -7.70 -18.12 -53.19
CA THR D 77 -7.97 -18.67 -54.50
C THR D 77 -7.78 -17.62 -55.60
N ALA D 78 -7.02 -17.99 -56.63
CA ALA D 78 -6.75 -17.11 -57.78
C ALA D 78 -6.19 -15.76 -57.35
N THR D 79 -4.90 -15.74 -57.00
CA THR D 79 -4.25 -14.53 -56.49
C THR D 79 -4.25 -13.39 -57.50
N GLN D 80 -4.25 -12.18 -56.99
CA GLN D 80 -4.21 -10.98 -57.82
C GLN D 80 -2.97 -10.19 -57.41
N THR D 81 -2.58 -9.22 -58.22
CA THR D 81 -1.42 -8.40 -57.89
C THR D 81 -1.66 -7.59 -56.62
N GLY D 82 -2.93 -7.26 -56.37
CA GLY D 82 -3.29 -6.49 -55.19
C GLY D 82 -3.09 -7.26 -53.90
N ASP D 83 -3.09 -8.58 -53.99
CA ASP D 83 -2.96 -9.44 -52.82
C ASP D 83 -1.53 -9.52 -52.28
N SER D 84 -0.59 -8.89 -52.98
CA SER D 84 0.81 -8.88 -52.58
C SER D 84 1.02 -8.14 -51.26
N ALA D 85 1.05 -8.89 -50.16
CA ALA D 85 1.20 -8.27 -48.83
C ALA D 85 1.78 -9.24 -47.80
N ILE D 86 2.17 -8.68 -46.66
CA ILE D 86 2.66 -9.49 -45.55
C ILE D 86 1.47 -9.92 -44.72
N TYR D 87 1.20 -11.23 -44.69
CA TYR D 87 0.03 -11.74 -43.99
C TYR D 87 0.38 -12.18 -42.56
N LEU D 88 -0.10 -11.40 -41.61
CA LEU D 88 0.21 -11.60 -40.21
C LEU D 88 -0.89 -12.37 -39.50
N CYS D 89 -0.53 -13.16 -38.49
CA CYS D 89 -1.49 -13.98 -37.77
C CYS D 89 -1.45 -13.73 -36.27
N ALA D 90 -2.61 -13.45 -35.68
CA ALA D 90 -2.71 -13.12 -34.26
C ALA D 90 -3.43 -14.21 -33.46
N ALA D 91 -3.10 -14.29 -32.17
CA ALA D 91 -3.78 -15.20 -31.25
C ALA D 91 -4.26 -14.43 -30.02
N TYR D 92 -5.57 -14.46 -29.79
CA TYR D 92 -6.19 -13.75 -28.69
C TYR D 92 -6.46 -14.65 -27.48
N ASN D 93 -5.85 -14.28 -26.36
CA ASN D 93 -5.88 -15.02 -25.09
C ASN D 93 -6.86 -14.47 -24.06
N THR D 94 -7.87 -13.73 -24.54
CA THR D 94 -8.90 -13.06 -23.72
C THR D 94 -8.40 -11.75 -23.12
N ASP D 95 -7.18 -11.35 -23.46
CA ASP D 95 -6.65 -10.08 -22.99
C ASP D 95 -5.92 -9.29 -24.09
N LYS D 96 -4.91 -9.92 -24.68
CA LYS D 96 -4.07 -9.26 -25.68
C LYS D 96 -3.81 -10.17 -26.87
N LEU D 97 -3.32 -9.60 -27.97
CA LEU D 97 -3.05 -10.38 -29.17
C LEU D 97 -1.57 -10.77 -29.26
N ILE D 98 -1.31 -11.99 -29.70
CA ILE D 98 0.05 -12.44 -29.94
C ILE D 98 0.28 -12.68 -31.44
N PHE D 99 1.11 -11.84 -32.08
CA PHE D 99 1.31 -11.89 -33.52
C PHE D 99 2.48 -12.80 -33.92
N GLY D 100 2.44 -13.32 -35.15
CA GLY D 100 3.50 -14.15 -35.67
C GLY D 100 4.48 -13.39 -36.55
N THR D 101 5.35 -14.12 -37.23
CA THR D 101 6.38 -13.50 -38.07
C THR D 101 5.75 -12.88 -39.31
N GLY D 102 4.83 -13.60 -39.94
CA GLY D 102 4.13 -13.11 -41.11
C GLY D 102 4.70 -13.67 -42.40
N THR D 103 3.84 -14.28 -43.21
CA THR D 103 4.25 -14.82 -44.52
C THR D 103 4.36 -13.69 -45.55
N ARG D 104 5.49 -13.66 -46.25
CA ARG D 104 5.75 -12.63 -47.25
C ARG D 104 5.25 -13.05 -48.63
N LEU D 105 3.99 -12.77 -48.93
CA LEU D 105 3.39 -13.15 -50.20
C LEU D 105 3.62 -12.09 -51.28
N GLN D 106 4.16 -12.52 -52.42
CA GLN D 106 4.43 -11.63 -53.54
C GLN D 106 3.79 -12.17 -54.81
N VAL D 107 2.73 -11.41 -55.39
CA VAL D 107 2.04 -11.83 -56.62
C VAL D 107 2.57 -11.14 -57.88
N PHE D 108 3.04 -11.94 -58.83
CA PHE D 108 3.58 -11.42 -60.08
C PHE D 108 2.55 -11.49 -61.19
N PRO D 109 2.63 -10.55 -62.15
CA PRO D 109 1.69 -10.54 -63.27
C PRO D 109 2.02 -11.60 -64.31
N ASN D 110 1.01 -12.01 -65.07
CA ASN D 110 1.18 -12.93 -66.18
C ASN D 110 1.52 -12.15 -67.45
N ILE D 111 2.72 -12.36 -67.97
CA ILE D 111 3.17 -11.60 -69.12
C ILE D 111 3.29 -12.51 -70.33
N GLN D 112 2.48 -12.23 -71.34
CA GLN D 112 2.52 -13.03 -72.56
C GLN D 112 3.22 -12.20 -73.64
N ASN D 113 3.90 -12.91 -74.54
CA ASN D 113 4.78 -12.30 -75.53
C ASN D 113 5.83 -11.36 -74.90
N PRO D 114 6.75 -11.93 -74.09
CA PRO D 114 7.83 -11.20 -73.41
C PRO D 114 8.99 -10.83 -74.34
N ASP D 115 9.57 -9.65 -74.17
CA ASP D 115 10.65 -9.21 -75.03
C ASP D 115 11.86 -8.66 -74.26
N PRO D 116 12.73 -9.56 -73.75
CA PRO D 116 13.90 -9.14 -72.96
C PRO D 116 14.88 -8.29 -73.76
N LYS D 129 27.20 10.05 -68.36
CA LYS D 129 26.88 8.63 -68.53
C LYS D 129 25.54 8.27 -67.90
N SER D 130 24.85 7.30 -68.51
CA SER D 130 23.52 6.87 -68.07
C SER D 130 23.55 5.48 -67.43
N VAL D 131 22.47 5.14 -66.73
CA VAL D 131 22.34 3.87 -66.03
C VAL D 131 21.76 2.78 -66.92
N CYS D 132 21.96 1.51 -66.54
CA CYS D 132 21.53 0.38 -67.34
C CYS D 132 20.15 -0.12 -66.90
N LEU D 133 19.27 -0.35 -67.86
CA LEU D 133 17.91 -0.77 -67.58
C LEU D 133 17.52 -2.06 -68.29
N PHE D 134 17.12 -3.07 -67.52
CA PHE D 134 16.72 -4.35 -68.08
C PHE D 134 15.21 -4.55 -67.92
N THR D 135 14.47 -4.50 -69.03
CA THR D 135 13.01 -4.50 -68.95
C THR D 135 12.30 -5.48 -69.89
N ASP D 136 10.99 -5.60 -69.67
CA ASP D 136 10.11 -6.48 -70.45
C ASP D 136 10.51 -7.95 -70.39
N PHE D 137 10.93 -8.41 -69.22
CA PHE D 137 11.28 -9.81 -69.04
C PHE D 137 10.20 -10.56 -68.25
N ASP D 138 10.22 -11.88 -68.36
CA ASP D 138 9.21 -12.71 -67.70
C ASP D 138 9.48 -12.81 -66.20
N SER D 139 8.41 -12.97 -65.42
CA SER D 139 8.50 -13.01 -63.96
C SER D 139 9.21 -14.25 -63.40
N GLN D 140 9.44 -15.24 -64.25
CA GLN D 140 10.17 -16.45 -63.86
C GLN D 140 11.66 -16.16 -63.66
N THR D 141 12.15 -15.14 -64.37
CA THR D 141 13.57 -14.78 -64.34
C THR D 141 14.00 -14.19 -63.00
N ASN D 142 15.00 -14.82 -62.38
CA ASN D 142 15.46 -14.39 -61.06
C ASN D 142 16.64 -13.43 -61.12
N VAL D 143 16.45 -12.23 -60.57
CA VAL D 143 17.48 -11.21 -60.55
C VAL D 143 18.29 -11.26 -59.27
N SER D 144 19.60 -11.52 -59.39
CA SER D 144 20.48 -11.62 -58.23
C SER D 144 21.18 -10.31 -57.90
N GLN D 145 21.52 -10.13 -56.63
CA GLN D 145 22.18 -8.92 -56.16
C GLN D 145 23.60 -8.81 -56.71
N SER D 146 24.19 -7.63 -56.59
CA SER D 146 25.53 -7.36 -57.09
C SER D 146 26.63 -8.12 -56.34
N LYS D 147 27.58 -8.68 -57.08
CA LYS D 147 28.68 -9.43 -56.49
C LYS D 147 29.78 -8.51 -55.96
N ASP D 148 30.09 -7.47 -56.73
CA ASP D 148 31.14 -6.53 -56.37
C ASP D 148 30.58 -5.31 -55.63
N SER D 149 31.42 -4.67 -54.82
CA SER D 149 31.01 -3.53 -54.02
C SER D 149 30.78 -2.28 -54.87
N ASP D 150 31.60 -2.10 -55.90
CA ASP D 150 31.53 -0.92 -56.75
C ASP D 150 30.31 -0.90 -57.68
N VAL D 151 29.71 -2.07 -57.91
CA VAL D 151 28.53 -2.18 -58.75
C VAL D 151 27.25 -2.31 -57.91
N TYR D 152 26.18 -1.66 -58.37
CA TYR D 152 24.91 -1.67 -57.64
C TYR D 152 23.77 -2.21 -58.52
N ILE D 153 23.21 -3.36 -58.13
CA ILE D 153 22.12 -3.98 -58.89
C ILE D 153 20.85 -4.20 -58.06
N THR D 154 19.73 -3.64 -58.51
CA THR D 154 18.47 -3.74 -57.79
C THR D 154 17.59 -4.91 -58.25
N ASP D 155 16.56 -5.21 -57.46
CA ASP D 155 15.62 -6.29 -57.76
C ASP D 155 14.49 -5.89 -58.71
N LYS D 156 13.66 -6.87 -59.05
CA LYS D 156 12.58 -6.71 -60.02
C LYS D 156 11.54 -5.67 -59.60
N CYS D 157 10.94 -5.02 -60.60
CA CYS D 157 9.92 -4.01 -60.36
C CYS D 157 8.77 -4.13 -61.36
N VAL D 158 7.55 -4.27 -60.86
CA VAL D 158 6.39 -4.39 -61.73
C VAL D 158 5.71 -3.05 -62.05
N LEU D 159 5.71 -2.69 -63.33
CA LEU D 159 5.04 -1.48 -63.79
C LEU D 159 3.72 -1.86 -64.43
N ASP D 160 2.67 -1.12 -64.09
CA ASP D 160 1.34 -1.42 -64.60
C ASP D 160 0.75 -0.24 -65.37
N MET D 161 0.48 -0.48 -66.64
CA MET D 161 -0.20 0.49 -67.46
C MET D 161 -1.59 -0.09 -67.61
N ARG D 162 -2.46 0.33 -66.69
CA ARG D 162 -3.81 -0.21 -66.56
C ARG D 162 -4.77 0.27 -67.63
N SER D 163 -4.40 1.37 -68.28
CA SER D 163 -5.25 2.00 -69.28
C SER D 163 -5.24 1.23 -70.60
N MET D 164 -4.11 0.62 -70.95
CA MET D 164 -3.98 -0.10 -72.22
C MET D 164 -3.70 -1.59 -72.03
N ASP D 165 -3.86 -2.07 -70.79
CA ASP D 165 -3.64 -3.47 -70.45
C ASP D 165 -2.22 -3.96 -70.71
N PHE D 166 -1.23 -3.27 -70.17
CA PHE D 166 0.15 -3.72 -70.33
C PHE D 166 0.92 -3.76 -69.00
N LYS D 167 1.51 -4.90 -68.67
CA LYS D 167 2.29 -5.03 -67.44
C LYS D 167 3.74 -5.46 -67.74
N SER D 168 4.71 -4.85 -67.06
CA SER D 168 6.11 -5.15 -67.35
C SER D 168 7.04 -5.22 -66.15
N ASN D 169 8.02 -6.12 -66.20
CA ASN D 169 9.05 -6.21 -65.16
C ASN D 169 10.31 -5.45 -65.55
N SER D 170 10.95 -4.79 -64.59
CA SER D 170 12.16 -4.03 -64.89
C SER D 170 13.18 -4.04 -63.75
N ALA D 171 14.46 -3.94 -64.10
CA ALA D 171 15.53 -3.88 -63.12
C ALA D 171 16.55 -2.81 -63.49
N VAL D 172 17.15 -2.17 -62.50
CA VAL D 172 18.12 -1.10 -62.75
C VAL D 172 19.49 -1.37 -62.14
N ALA D 173 20.54 -1.22 -62.94
CA ALA D 173 21.91 -1.42 -62.48
C ALA D 173 22.78 -0.20 -62.78
N TRP D 174 23.62 0.18 -61.82
CA TRP D 174 24.48 1.35 -61.99
C TRP D 174 25.83 1.21 -61.27
N SER D 175 26.85 1.87 -61.81
CA SER D 175 28.19 1.83 -61.23
C SER D 175 29.05 2.97 -61.76
N ASN D 176 29.90 3.52 -60.91
CA ASN D 176 30.76 4.64 -61.27
C ASN D 176 32.02 4.18 -62.00
N LYS D 177 32.23 2.87 -62.05
CA LYS D 177 33.40 2.29 -62.70
C LYS D 177 33.32 2.47 -64.21
N SER D 178 34.47 2.65 -64.85
CA SER D 178 34.53 2.87 -66.30
C SER D 178 34.37 1.55 -67.07
N ASP D 179 34.75 0.44 -66.43
CA ASP D 179 34.61 -0.89 -67.01
C ASP D 179 33.13 -1.27 -67.17
N PHE D 180 32.29 -0.63 -66.38
CA PHE D 180 30.87 -0.92 -66.32
C PHE D 180 30.15 -0.57 -67.63
N ALA D 181 29.54 -1.59 -68.23
CA ALA D 181 28.80 -1.44 -69.48
C ALA D 181 27.55 -2.33 -69.45
N CYS D 182 26.60 -2.07 -70.36
CA CYS D 182 25.35 -2.82 -70.38
C CYS D 182 25.58 -4.30 -70.68
N ALA D 183 26.72 -4.60 -71.31
CA ALA D 183 27.08 -5.96 -71.66
C ALA D 183 27.38 -6.80 -70.43
N ASN D 184 27.97 -6.18 -69.41
CA ASN D 184 28.33 -6.91 -68.20
C ASN D 184 27.55 -6.44 -67.00
N ALA D 185 26.41 -5.81 -67.25
CA ALA D 185 25.57 -5.32 -66.17
C ALA D 185 24.87 -6.48 -65.47
N PHE D 186 24.31 -7.38 -66.28
CA PHE D 186 23.62 -8.54 -65.74
C PHE D 186 24.31 -9.84 -66.17
N ASN D 187 25.54 -10.04 -65.70
CA ASN D 187 26.24 -11.30 -65.94
C ASN D 187 26.08 -12.18 -64.71
N ASN D 188 25.91 -11.52 -63.57
CA ASN D 188 25.72 -12.21 -62.30
C ASN D 188 24.42 -13.02 -62.29
N SER D 189 23.38 -12.44 -62.87
CA SER D 189 22.06 -13.08 -62.90
C SER D 189 21.86 -13.87 -64.19
N ILE D 190 21.02 -14.89 -64.12
CA ILE D 190 20.72 -15.69 -65.29
C ILE D 190 19.63 -15.02 -66.14
N ILE D 191 20.00 -14.68 -67.37
CA ILE D 191 19.08 -14.02 -68.29
C ILE D 191 18.95 -14.80 -69.60
N PRO D 192 17.77 -14.73 -70.25
CA PRO D 192 17.55 -15.45 -71.50
C PRO D 192 18.40 -14.90 -72.64
N GLU D 193 18.61 -15.72 -73.67
CA GLU D 193 19.42 -15.32 -74.82
C GLU D 193 18.65 -14.40 -75.76
N ASP D 194 17.32 -14.38 -75.63
CA ASP D 194 16.47 -13.56 -76.49
C ASP D 194 16.47 -12.08 -76.10
N THR D 195 17.45 -11.68 -75.29
CA THR D 195 17.56 -10.29 -74.86
C THR D 195 18.13 -9.39 -75.96
N PHE D 196 17.40 -8.31 -76.25
CA PHE D 196 17.81 -7.35 -77.27
C PHE D 196 18.79 -6.33 -76.70
N PHE D 197 19.80 -5.97 -77.49
CA PHE D 197 20.80 -4.98 -77.10
C PHE D 197 20.94 -3.93 -78.19
N PRO D 198 21.08 -2.66 -77.79
CA PRO D 198 21.19 -1.57 -78.75
C PRO D 198 22.62 -1.34 -79.23
N SER D 199 22.75 -0.75 -80.41
CA SER D 199 24.05 -0.49 -81.02
C SER D 199 24.68 0.77 -80.42
N VAL E 2 -8.68 9.64 -41.24
CA VAL E 2 -9.71 8.75 -41.78
C VAL E 2 -10.25 7.82 -40.69
N LYS E 3 -9.34 7.15 -39.99
CA LYS E 3 -9.71 6.25 -38.90
C LYS E 3 -8.77 6.42 -37.72
N VAL E 4 -7.56 5.89 -37.84
CA VAL E 4 -6.56 6.03 -36.79
C VAL E 4 -5.28 6.65 -37.34
N THR E 5 -4.88 7.80 -36.77
CA THR E 5 -3.72 8.52 -37.30
C THR E 5 -2.63 8.80 -36.24
N GLN E 6 -1.39 8.59 -36.66
CA GLN E 6 -0.22 8.82 -35.80
C GLN E 6 0.47 10.14 -36.17
N SER E 7 1.25 10.70 -35.26
CA SER E 7 1.79 12.04 -35.43
C SER E 7 2.96 12.16 -36.41
N SER E 8 3.75 11.10 -36.55
CA SER E 8 4.85 11.13 -37.51
C SER E 8 5.02 9.80 -38.22
N ARG E 9 5.58 9.83 -39.42
CA ARG E 9 5.81 8.60 -40.19
C ARG E 9 7.28 8.21 -40.11
N TYR E 10 8.15 9.19 -40.28
CA TYR E 10 9.59 8.98 -40.17
C TYR E 10 10.17 9.94 -39.14
N LEU E 11 11.03 9.44 -38.26
CA LEU E 11 11.60 10.30 -37.24
C LEU E 11 13.03 9.90 -36.87
N VAL E 12 13.92 10.90 -36.85
CA VAL E 12 15.31 10.70 -36.44
C VAL E 12 15.62 11.53 -35.21
N LYS E 13 16.03 10.87 -34.14
CA LYS E 13 16.28 11.55 -32.87
C LYS E 13 17.62 11.13 -32.28
N ARG E 14 18.25 12.06 -31.57
CA ARG E 14 19.56 11.84 -30.96
C ARG E 14 19.40 11.15 -29.59
N THR E 15 20.45 10.44 -29.17
CA THR E 15 20.40 9.73 -27.89
C THR E 15 20.27 10.68 -26.72
N GLY E 16 19.27 10.42 -25.88
CA GLY E 16 19.02 11.22 -24.69
C GLY E 16 17.80 12.13 -24.74
N GLU E 17 17.32 12.44 -25.94
CA GLU E 17 16.17 13.32 -26.09
C GLU E 17 14.85 12.60 -25.79
N LYS E 18 13.86 13.34 -25.28
CA LYS E 18 12.54 12.77 -25.07
C LYS E 18 11.78 12.72 -26.38
N VAL E 19 11.11 11.61 -26.65
CA VAL E 19 10.34 11.52 -27.89
C VAL E 19 8.85 11.34 -27.62
N PHE E 20 8.05 12.16 -28.30
CA PHE E 20 6.59 12.14 -28.16
C PHE E 20 5.91 11.64 -29.45
N LEU E 21 5.27 10.47 -29.35
CA LEU E 21 4.54 9.89 -30.47
C LEU E 21 3.06 9.81 -30.12
N GLU E 22 2.30 10.81 -30.58
CA GLU E 22 0.87 10.91 -30.29
C GLU E 22 -0.01 10.26 -31.35
N CYS E 23 -1.14 9.73 -30.93
CA CYS E 23 -2.09 9.16 -31.90
C CYS E 23 -3.55 9.50 -31.60
N VAL E 24 -4.23 10.01 -32.63
CA VAL E 24 -5.64 10.42 -32.53
C VAL E 24 -6.55 9.52 -33.38
N GLN E 25 -7.71 9.17 -32.83
CA GLN E 25 -8.71 8.36 -33.55
C GLN E 25 -10.10 9.01 -33.66
N ASP E 26 -10.73 8.91 -34.82
CA ASP E 26 -12.05 9.51 -35.03
C ASP E 26 -13.17 8.47 -35.14
N MET E 27 -12.90 7.25 -34.68
CA MET E 27 -13.90 6.19 -34.69
C MET E 27 -14.46 5.98 -33.29
N ASP E 28 -13.89 6.70 -32.33
CA ASP E 28 -14.31 6.65 -30.93
C ASP E 28 -14.25 5.27 -30.30
N HIS E 29 -13.05 4.87 -29.88
CA HIS E 29 -12.87 3.56 -29.25
C HIS E 29 -12.37 3.73 -27.83
N GLU E 30 -12.75 2.80 -26.96
CA GLU E 30 -12.34 2.84 -25.55
C GLU E 30 -10.89 2.38 -25.40
N ASN E 31 -10.55 1.29 -26.09
CA ASN E 31 -9.22 0.67 -25.99
C ASN E 31 -8.21 1.27 -26.98
N MET E 32 -6.99 1.49 -26.50
CA MET E 32 -5.88 2.03 -27.29
C MET E 32 -4.61 1.26 -26.95
N PHE E 33 -3.81 0.92 -27.96
CA PHE E 33 -2.60 0.14 -27.74
C PHE E 33 -1.40 0.69 -28.48
N TRP E 34 -0.20 0.43 -27.94
CA TRP E 34 1.03 0.74 -28.66
C TRP E 34 1.81 -0.55 -28.85
N TYR E 35 2.29 -0.76 -30.07
CA TYR E 35 3.05 -1.93 -30.45
C TYR E 35 4.38 -1.49 -31.06
N ARG E 36 5.39 -2.35 -31.02
CA ARG E 36 6.53 -2.13 -31.89
C ARG E 36 6.89 -3.39 -32.66
N GLN E 37 7.05 -3.22 -33.97
CA GLN E 37 7.46 -4.28 -34.87
C GLN E 37 8.98 -4.25 -35.02
N ASP E 38 9.57 -5.43 -34.91
CA ASP E 38 11.03 -5.60 -35.00
C ASP E 38 11.38 -6.75 -35.96
N PRO E 39 12.45 -6.58 -36.74
CA PRO E 39 12.94 -7.56 -37.70
C PRO E 39 13.24 -8.92 -37.06
N GLY E 40 12.48 -9.93 -37.45
CA GLY E 40 12.69 -11.28 -36.96
C GLY E 40 12.15 -11.46 -35.56
N LEU E 41 11.29 -10.55 -35.12
CA LEU E 41 10.68 -10.68 -33.80
C LEU E 41 9.18 -10.41 -33.83
N GLY E 42 8.71 -9.65 -34.81
CA GLY E 42 7.27 -9.41 -34.89
C GLY E 42 6.77 -8.19 -34.15
N LEU E 43 5.47 -8.18 -33.87
CA LEU E 43 4.83 -7.07 -33.16
C LEU E 43 4.72 -7.40 -31.69
N ARG E 44 5.28 -6.54 -30.84
CA ARG E 44 5.18 -6.76 -29.39
C ARG E 44 4.55 -5.56 -28.69
N LEU E 45 3.68 -5.85 -27.73
CA LEU E 45 2.92 -4.84 -27.01
C LEU E 45 3.80 -4.07 -26.02
N ILE E 46 3.64 -2.74 -26.03
CA ILE E 46 4.41 -1.85 -25.17
C ILE E 46 3.55 -1.35 -24.00
N TYR E 47 2.44 -0.70 -24.33
CA TYR E 47 1.48 -0.22 -23.34
C TYR E 47 0.06 -0.34 -23.87
N PHE E 48 -0.90 -0.51 -22.98
CA PHE E 48 -2.30 -0.59 -23.41
C PHE E 48 -3.23 0.08 -22.41
N SER E 49 -4.22 0.79 -22.94
CA SER E 49 -5.19 1.50 -22.11
C SER E 49 -6.62 1.16 -22.48
N TYR E 50 -7.43 0.85 -21.47
CA TYR E 50 -8.82 0.47 -21.71
C TYR E 50 -9.76 1.62 -21.37
N ASP E 51 -9.30 2.53 -20.50
CA ASP E 51 -10.11 3.69 -20.13
C ASP E 51 -9.48 5.02 -20.56
N VAL E 52 -10.30 6.07 -20.46
CA VAL E 52 -9.90 7.44 -20.78
C VAL E 52 -8.65 7.91 -20.02
N LYS E 53 -8.58 7.57 -18.74
CA LYS E 53 -7.51 8.08 -17.89
C LYS E 53 -6.55 6.97 -17.44
N MET E 54 -6.90 5.72 -17.76
CA MET E 54 -6.17 4.57 -17.25
C MET E 54 -5.10 4.07 -18.21
N LYS E 55 -4.15 3.30 -17.67
CA LYS E 55 -3.08 2.72 -18.47
C LYS E 55 -2.52 1.46 -17.79
N GLU E 56 -1.74 0.67 -18.53
CA GLU E 56 -1.14 -0.54 -17.97
C GLU E 56 0.03 -1.01 -18.81
N LYS E 57 0.96 -1.73 -18.20
CA LYS E 57 2.18 -2.17 -18.89
C LYS E 57 1.97 -3.43 -19.72
N GLY E 58 2.63 -3.48 -20.88
CA GLY E 58 2.52 -4.63 -21.75
C GLY E 58 3.70 -5.58 -21.62
N ASP E 59 4.21 -6.05 -22.75
CA ASP E 59 5.30 -7.02 -22.75
C ASP E 59 6.66 -6.37 -22.46
N ILE E 60 7.01 -5.38 -23.28
CA ILE E 60 8.26 -4.65 -23.09
C ILE E 60 7.97 -3.16 -22.91
N PRO E 61 7.54 -2.78 -21.69
CA PRO E 61 7.18 -1.39 -21.43
C PRO E 61 8.34 -0.55 -20.88
N GLU E 62 9.46 -1.22 -20.61
CA GLU E 62 10.62 -0.58 -20.02
C GLU E 62 11.26 0.42 -20.97
N GLY E 63 11.43 1.64 -20.48
CA GLY E 63 12.01 2.72 -21.26
C GLY E 63 10.92 3.63 -21.79
N TYR E 64 9.68 3.18 -21.69
CA TYR E 64 8.56 3.93 -22.21
C TYR E 64 7.64 4.43 -21.09
N SER E 65 6.88 5.48 -21.39
CA SER E 65 5.85 5.98 -20.49
C SER E 65 4.69 6.48 -21.35
N VAL E 66 3.44 6.25 -20.94
CA VAL E 66 2.35 6.68 -21.80
C VAL E 66 1.43 7.68 -21.13
N SER E 67 0.85 8.57 -21.93
CA SER E 67 -0.11 9.52 -21.36
C SER E 67 -1.42 9.50 -22.12
N ARG E 68 -2.51 9.32 -21.39
CA ARG E 68 -3.83 9.40 -21.96
C ARG E 68 -4.68 10.37 -21.15
N ASP E 69 -5.14 11.43 -21.80
CA ASP E 69 -6.00 12.40 -21.13
C ASP E 69 -7.37 12.35 -21.79
N LYS E 70 -7.35 12.40 -23.12
CA LYS E 70 -8.57 12.35 -23.92
C LYS E 70 -8.84 10.93 -24.42
N LYS E 71 -10.10 10.65 -24.73
CA LYS E 71 -10.52 9.34 -25.21
C LYS E 71 -10.01 9.08 -26.62
N GLU E 72 -9.69 10.13 -27.36
CA GLU E 72 -9.29 9.97 -28.75
C GLU E 72 -7.79 9.91 -28.91
N ARG E 73 -7.08 10.56 -27.98
CA ARG E 73 -5.63 10.60 -28.04
C ARG E 73 -5.00 9.57 -27.12
N PHE E 74 -3.87 9.02 -27.53
CA PHE E 74 -3.08 8.15 -26.66
C PHE E 74 -1.65 8.42 -27.07
N SER E 75 -0.80 8.72 -26.10
CA SER E 75 0.55 9.14 -26.43
C SER E 75 1.61 8.22 -25.87
N LEU E 76 2.64 8.01 -26.67
CA LEU E 76 3.77 7.18 -26.29
C LEU E 76 4.97 8.09 -26.13
N ILE E 77 5.53 8.06 -24.94
CA ILE E 77 6.62 8.95 -24.54
C ILE E 77 7.86 8.12 -24.23
N LEU E 78 9.01 8.66 -24.62
CA LEU E 78 10.29 8.04 -24.37
C LEU E 78 11.15 9.03 -23.61
N GLU E 79 11.33 8.73 -22.33
CA GLU E 79 12.01 9.59 -21.37
C GLU E 79 13.47 9.80 -21.77
N SER E 80 14.11 8.74 -22.25
CA SER E 80 15.49 8.82 -22.68
C SER E 80 15.75 7.96 -23.91
N ALA E 81 16.01 8.61 -25.04
CA ALA E 81 16.19 7.92 -26.32
C ALA E 81 17.35 6.93 -26.31
N SER E 82 17.02 5.66 -26.19
CA SER E 82 18.02 4.58 -26.18
C SER E 82 18.19 3.96 -27.57
N THR E 83 19.40 3.49 -27.89
CA THR E 83 19.67 2.90 -29.20
C THR E 83 18.91 1.57 -29.38
N ASN E 84 18.53 0.96 -28.26
CA ASN E 84 17.72 -0.26 -28.27
C ASN E 84 16.29 0.04 -28.71
N GLN E 85 15.91 1.32 -28.69
CA GLN E 85 14.54 1.67 -29.03
C GLN E 85 14.51 2.19 -30.45
N THR E 86 14.96 1.35 -31.37
CA THR E 86 14.88 1.63 -32.79
C THR E 86 14.05 0.52 -33.41
N SER E 87 12.79 0.83 -33.72
CA SER E 87 11.86 -0.15 -34.28
C SER E 87 10.73 0.58 -34.97
N MET E 88 9.75 -0.15 -35.47
CA MET E 88 8.61 0.56 -36.08
C MET E 88 7.48 0.61 -35.06
N TYR E 89 7.02 1.80 -34.71
CA TYR E 89 5.98 1.91 -33.68
C TYR E 89 4.59 2.07 -34.29
N LEU E 90 3.73 1.10 -33.99
CA LEU E 90 2.37 1.08 -34.52
C LEU E 90 1.32 1.28 -33.43
N CYS E 91 0.27 2.03 -33.75
CA CYS E 91 -0.80 2.27 -32.80
C CYS E 91 -2.03 1.44 -33.13
N ALA E 92 -2.87 1.17 -32.14
CA ALA E 92 -4.08 0.39 -32.37
C ALA E 92 -5.26 0.85 -31.51
N SER E 93 -6.48 0.65 -32.01
CA SER E 93 -7.68 0.99 -31.26
C SER E 93 -8.68 -0.16 -31.25
N SER E 94 -9.44 -0.30 -30.17
CA SER E 94 -10.40 -1.38 -30.04
C SER E 94 -11.64 -0.88 -29.30
N PRO E 95 -12.84 -1.32 -29.71
CA PRO E 95 -14.02 -0.86 -28.98
C PRO E 95 -14.25 -1.66 -27.71
N SER E 96 -15.13 -1.17 -26.83
CA SER E 96 -15.37 -1.84 -25.56
C SER E 96 -16.10 -3.16 -25.80
N GLY E 97 -15.57 -4.24 -25.22
CA GLY E 97 -16.14 -5.55 -25.45
C GLY E 97 -15.39 -6.28 -26.54
N TYR E 98 -15.04 -5.56 -27.59
CA TYR E 98 -14.30 -6.11 -28.71
C TYR E 98 -12.83 -5.77 -28.65
N GLN E 99 -12.09 -6.32 -27.68
CA GLN E 99 -10.68 -5.93 -27.55
C GLN E 99 -9.85 -6.63 -28.60
N GLU E 100 -10.38 -7.73 -29.13
CA GLU E 100 -9.62 -8.54 -30.05
C GLU E 100 -9.61 -7.88 -31.41
N THR E 101 -10.74 -7.27 -31.78
CA THR E 101 -10.83 -6.62 -33.08
C THR E 101 -10.20 -5.24 -33.02
N GLN E 102 -8.95 -5.14 -33.46
CA GLN E 102 -8.23 -3.87 -33.38
C GLN E 102 -7.99 -3.28 -34.77
N TYR E 103 -8.00 -1.95 -34.81
CA TYR E 103 -7.75 -1.20 -36.04
C TYR E 103 -6.46 -0.42 -35.88
N PHE E 104 -5.55 -0.56 -36.84
CA PHE E 104 -4.21 0.03 -36.70
C PHE E 104 -4.01 1.33 -37.46
N GLY E 105 -3.06 2.14 -36.98
CA GLY E 105 -2.68 3.36 -37.64
C GLY E 105 -1.55 3.14 -38.62
N PRO E 106 -1.12 4.22 -39.30
CA PRO E 106 -0.11 4.15 -40.37
C PRO E 106 1.27 3.69 -39.92
N GLY E 107 1.62 3.91 -38.65
CA GLY E 107 2.91 3.45 -38.16
C GLY E 107 3.96 4.54 -38.21
N THR E 108 4.98 4.40 -37.37
CA THR E 108 6.08 5.36 -37.29
C THR E 108 7.42 4.65 -37.24
N ARG E 109 8.33 5.03 -38.12
CA ARG E 109 9.65 4.43 -38.12
C ARG E 109 10.63 5.39 -37.43
N LEU E 110 11.29 4.91 -36.38
CA LEU E 110 12.17 5.73 -35.56
C LEU E 110 13.60 5.22 -35.51
N LEU E 111 14.57 6.14 -35.54
CA LEU E 111 15.98 5.77 -35.47
C LEU E 111 16.73 6.60 -34.43
N VAL E 112 17.41 5.92 -33.51
CA VAL E 112 18.17 6.57 -32.45
C VAL E 112 19.68 6.45 -32.63
N LEU E 113 20.37 7.58 -32.68
CA LEU E 113 21.81 7.59 -32.88
C LEU E 113 22.50 8.41 -31.78
N GLU E 114 23.80 8.14 -31.56
CA GLU E 114 24.54 8.90 -30.56
C GLU E 114 25.17 10.12 -31.23
N ASP E 115 25.28 10.06 -32.55
CA ASP E 115 25.76 11.19 -33.34
C ASP E 115 24.89 11.36 -34.58
N LEU E 116 24.71 12.60 -35.00
CA LEU E 116 23.86 12.92 -36.15
C LEU E 116 24.67 13.23 -37.39
N LYS E 117 25.98 13.12 -37.29
CA LYS E 117 26.88 13.52 -38.37
C LYS E 117 26.80 12.59 -39.59
N ASN E 118 26.29 11.39 -39.39
CA ASN E 118 26.15 10.42 -40.47
C ASN E 118 24.92 10.65 -41.34
N VAL E 119 24.15 11.68 -41.03
CA VAL E 119 22.96 12.01 -41.81
C VAL E 119 23.30 12.84 -43.04
N PHE E 120 22.87 12.35 -44.20
CA PHE E 120 23.15 13.01 -45.48
C PHE E 120 21.91 13.13 -46.36
N PRO E 121 21.80 14.24 -47.11
CA PRO E 121 20.71 14.40 -48.06
C PRO E 121 20.99 13.65 -49.36
N PRO E 122 19.93 13.24 -50.07
CA PRO E 122 20.07 12.42 -51.28
C PRO E 122 20.38 13.22 -52.54
N GLU E 123 21.10 12.59 -53.48
CA GLU E 123 21.32 13.17 -54.80
C GLU E 123 20.35 12.56 -55.81
N VAL E 124 19.40 13.38 -56.28
CA VAL E 124 18.37 12.98 -57.23
C VAL E 124 18.69 13.37 -58.66
N ALA E 125 18.70 12.39 -59.56
CA ALA E 125 18.98 12.63 -60.97
C ALA E 125 18.12 11.76 -61.90
N VAL E 126 17.53 12.37 -62.92
CA VAL E 126 16.70 11.61 -63.86
C VAL E 126 17.44 11.23 -65.14
N PHE E 127 17.57 9.92 -65.34
CA PHE E 127 18.28 9.33 -66.47
C PHE E 127 17.40 8.80 -67.60
N GLU E 128 17.95 8.86 -68.81
CA GLU E 128 17.40 8.18 -69.98
C GLU E 128 18.39 7.07 -70.41
N PRO E 129 17.94 5.80 -70.37
CA PRO E 129 18.78 4.63 -70.66
C PRO E 129 19.17 4.47 -72.15
N SER E 130 18.18 4.45 -73.04
CA SER E 130 18.43 4.25 -74.46
C SER E 130 17.32 4.86 -75.33
N GLU E 131 17.69 5.21 -76.56
CA GLU E 131 16.74 5.77 -77.53
C GLU E 131 16.18 4.68 -78.42
N ALA E 132 16.55 3.43 -78.13
CA ALA E 132 16.11 2.28 -78.91
C ALA E 132 14.73 1.80 -78.51
N GLU E 133 14.42 1.94 -77.23
CA GLU E 133 13.17 1.44 -76.66
C GLU E 133 11.92 2.06 -77.27
N ILE E 134 12.01 3.31 -77.71
CA ILE E 134 10.84 3.99 -78.26
C ILE E 134 10.42 3.43 -79.61
N SER E 135 11.38 2.83 -80.32
CA SER E 135 11.12 2.30 -81.65
C SER E 135 10.83 0.80 -81.60
N HIS E 136 11.48 0.11 -80.67
CA HIS E 136 11.33 -1.33 -80.55
C HIS E 136 10.01 -1.70 -79.90
N THR E 137 9.84 -1.31 -78.63
CA THR E 137 8.64 -1.61 -77.85
C THR E 137 7.57 -0.53 -77.93
N GLN E 138 7.92 0.59 -78.56
CA GLN E 138 7.03 1.74 -78.71
C GLN E 138 6.62 2.30 -77.35
N LYS E 139 7.52 2.17 -76.38
CA LYS E 139 7.29 2.70 -75.04
C LYS E 139 8.55 3.41 -74.53
N ALA E 140 8.35 4.45 -73.74
CA ALA E 140 9.46 5.22 -73.16
C ALA E 140 9.50 5.05 -71.64
N THR E 141 10.69 4.76 -71.12
CA THR E 141 10.89 4.55 -69.70
C THR E 141 11.93 5.51 -69.12
N LEU E 142 11.51 6.29 -68.11
CA LEU E 142 12.39 7.23 -67.42
C LEU E 142 12.85 6.65 -66.09
N VAL E 143 14.15 6.67 -65.85
CA VAL E 143 14.67 6.12 -64.59
C VAL E 143 15.26 7.18 -63.68
N CYS E 144 14.74 7.31 -62.46
CA CYS E 144 15.30 8.26 -61.50
C CYS E 144 16.12 7.60 -60.41
N LEU E 145 17.30 8.16 -60.17
CA LEU E 145 18.21 7.63 -59.18
C LEU E 145 18.42 8.61 -58.01
N ALA E 146 18.33 8.07 -56.80
CA ALA E 146 18.59 8.84 -55.59
C ALA E 146 19.72 8.16 -54.82
N THR E 147 20.90 8.77 -54.80
CA THR E 147 22.03 8.12 -54.14
C THR E 147 22.61 8.88 -52.95
N GLY E 148 23.20 8.14 -52.02
CA GLY E 148 23.92 8.73 -50.89
C GLY E 148 23.08 9.52 -49.91
N PHE E 149 22.31 8.80 -49.10
CA PHE E 149 21.41 9.42 -48.13
C PHE E 149 21.22 8.47 -46.94
N TYR E 150 21.19 9.05 -45.75
CA TYR E 150 20.99 8.27 -44.53
C TYR E 150 20.07 9.03 -43.59
N PRO E 151 19.04 8.35 -43.06
CA PRO E 151 18.71 6.93 -43.26
C PRO E 151 17.84 6.69 -44.51
N ASP E 152 17.27 5.49 -44.61
CA ASP E 152 16.44 5.14 -45.76
C ASP E 152 15.04 5.75 -45.65
N HIS E 153 14.93 6.83 -44.89
CA HIS E 153 13.67 7.54 -44.71
C HIS E 153 13.39 8.50 -45.87
N VAL E 154 12.81 7.97 -46.94
CA VAL E 154 12.48 8.78 -48.11
C VAL E 154 11.20 8.32 -48.79
N GLU E 155 10.51 9.26 -49.43
CA GLU E 155 9.31 8.90 -50.19
C GLU E 155 9.39 9.56 -51.56
N LEU E 156 9.34 8.74 -52.62
CA LEU E 156 9.58 9.25 -53.96
C LEU E 156 8.28 9.33 -54.76
N SER E 157 8.22 10.28 -55.68
CA SER E 157 7.01 10.53 -56.46
C SER E 157 7.25 11.16 -57.84
N TRP E 158 6.41 10.77 -58.81
CA TRP E 158 6.47 11.34 -60.16
C TRP E 158 5.34 12.32 -60.47
N TRP E 159 5.70 13.48 -61.00
CA TRP E 159 4.74 14.53 -61.32
C TRP E 159 4.79 14.92 -62.79
N VAL E 160 3.67 14.78 -63.47
CA VAL E 160 3.57 15.13 -64.89
C VAL E 160 2.53 16.23 -65.10
N ASN E 161 2.97 17.31 -65.73
CA ASN E 161 2.15 18.49 -66.00
C ASN E 161 1.44 19.01 -64.76
N GLY E 162 2.12 18.92 -63.61
CA GLY E 162 1.57 19.39 -62.36
C GLY E 162 0.52 18.45 -61.79
N LYS E 163 0.62 17.15 -62.10
CA LYS E 163 -0.29 16.17 -61.53
C LYS E 163 0.45 14.94 -61.02
N GLU E 164 -0.07 14.37 -59.93
CA GLU E 164 0.51 13.19 -59.30
C GLU E 164 0.26 11.95 -60.16
N VAL E 165 1.34 11.27 -60.54
CA VAL E 165 1.20 10.10 -61.43
C VAL E 165 1.44 8.79 -60.68
N HIS E 166 0.53 7.84 -60.88
CA HIS E 166 0.63 6.55 -60.23
C HIS E 166 0.71 5.42 -61.25
N SER E 167 0.16 5.66 -62.43
CA SER E 167 0.14 4.64 -63.47
C SER E 167 1.52 4.51 -64.11
N GLY E 168 2.00 3.27 -64.21
CA GLY E 168 3.30 2.99 -64.80
C GLY E 168 4.46 3.43 -63.93
N VAL E 169 4.21 3.56 -62.64
CA VAL E 169 5.23 4.01 -61.70
C VAL E 169 5.67 2.87 -60.79
N CYS E 170 6.98 2.69 -60.62
CA CYS E 170 7.46 1.64 -59.74
C CYS E 170 8.74 2.03 -58.99
N THR E 171 8.77 1.80 -57.69
CA THR E 171 9.94 2.08 -56.87
C THR E 171 10.44 0.78 -56.27
N ASP E 172 11.70 0.74 -55.88
CA ASP E 172 12.21 -0.45 -55.20
C ASP E 172 11.53 -0.56 -53.84
N PRO E 173 11.15 -1.78 -53.45
CA PRO E 173 10.47 -2.00 -52.17
C PRO E 173 11.39 -1.69 -51.00
N GLN E 174 12.61 -2.19 -51.07
CA GLN E 174 13.62 -1.93 -50.05
C GLN E 174 14.84 -1.29 -50.69
N PRO E 175 15.30 -0.17 -50.12
CA PRO E 175 16.45 0.56 -50.68
C PRO E 175 17.73 -0.26 -50.58
N LEU E 176 18.55 -0.18 -51.62
CA LEU E 176 19.80 -0.92 -51.67
C LEU E 176 20.93 -0.19 -50.96
N LYS E 177 21.59 -0.89 -50.05
CA LYS E 177 22.72 -0.34 -49.31
C LYS E 177 23.94 -0.18 -50.22
N GLU E 178 24.81 0.77 -49.92
CA GLU E 178 25.94 1.07 -50.78
C GLU E 178 26.91 -0.10 -50.86
N GLN E 179 27.21 -0.70 -49.71
CA GLN E 179 28.04 -1.88 -49.65
C GLN E 179 27.45 -2.81 -48.59
N PRO E 180 27.26 -4.09 -48.95
CA PRO E 180 26.63 -5.06 -48.04
C PRO E 180 27.50 -5.32 -46.81
N ALA E 181 28.81 -5.11 -46.96
CA ALA E 181 29.78 -5.31 -45.90
C ALA E 181 29.61 -4.29 -44.79
N LEU E 182 29.00 -3.15 -45.11
CA LEU E 182 28.87 -2.05 -44.16
C LEU E 182 27.73 -2.26 -43.15
N ASN E 183 27.94 -1.76 -41.94
CA ASN E 183 26.96 -1.87 -40.87
C ASN E 183 26.15 -0.59 -40.64
N ASP E 184 26.78 0.55 -40.91
CA ASP E 184 26.15 1.85 -40.72
C ASP E 184 26.64 2.83 -41.77
N SER E 185 25.83 3.01 -42.82
CA SER E 185 26.26 3.76 -44.00
C SER E 185 25.08 4.19 -44.87
N ARG E 186 25.36 5.06 -45.84
CA ARG E 186 24.32 5.65 -46.70
C ARG E 186 23.60 4.63 -47.56
N TYR E 187 22.43 5.03 -48.06
CA TYR E 187 21.60 4.19 -48.91
C TYR E 187 21.45 4.71 -50.35
N ALA E 188 20.85 3.87 -51.19
CA ALA E 188 20.57 4.20 -52.59
C ALA E 188 19.20 3.66 -53.01
N LEU E 189 18.47 4.41 -53.83
CA LEU E 189 17.15 4.00 -54.30
C LEU E 189 16.89 4.38 -55.76
N SER E 190 16.25 3.50 -56.53
CA SER E 190 15.99 3.74 -57.94
C SER E 190 14.52 3.55 -58.29
N SER E 191 14.01 4.33 -59.24
CA SER E 191 12.59 4.24 -59.60
C SER E 191 12.32 4.41 -61.11
N ARG E 192 11.23 3.83 -61.60
CA ARG E 192 10.89 3.88 -63.03
C ARG E 192 9.49 4.41 -63.35
N LEU E 193 9.40 5.17 -64.44
CA LEU E 193 8.13 5.68 -64.96
C LEU E 193 7.99 5.30 -66.44
N ARG E 194 6.84 4.77 -66.84
CA ARG E 194 6.67 4.41 -68.24
C ARG E 194 5.47 5.06 -68.93
N VAL E 195 5.72 5.67 -70.08
CA VAL E 195 4.67 6.29 -70.89
C VAL E 195 4.85 5.90 -72.35
N SER E 196 3.94 6.34 -73.22
CA SER E 196 4.05 6.02 -74.65
C SER E 196 5.18 6.79 -75.30
N ALA E 197 5.63 6.32 -76.46
CA ALA E 197 6.71 6.98 -77.19
C ALA E 197 6.29 8.39 -77.63
N THR E 198 5.07 8.50 -78.13
CA THR E 198 4.54 9.77 -78.61
C THR E 198 4.47 10.80 -77.48
N PHE E 199 4.32 10.31 -76.26
CA PHE E 199 4.29 11.16 -75.08
C PHE E 199 5.65 11.80 -74.82
N TRP E 200 6.70 10.99 -74.98
CA TRP E 200 8.06 11.46 -74.78
C TRP E 200 8.49 12.37 -75.92
N GLN E 201 7.99 12.09 -77.12
CA GLN E 201 8.33 12.91 -78.30
C GLN E 201 7.89 14.37 -78.16
N ASN E 202 6.78 14.59 -77.45
CA ASN E 202 6.28 15.95 -77.23
C ASN E 202 7.10 16.70 -76.18
N PRO E 203 7.69 17.85 -76.57
CA PRO E 203 8.55 18.60 -75.65
C PRO E 203 7.79 19.49 -74.66
N ARG E 204 6.48 19.65 -74.85
CA ARG E 204 5.68 20.49 -73.97
C ARG E 204 5.46 19.82 -72.61
N ASN E 205 5.45 18.48 -72.60
CA ASN E 205 5.18 17.72 -71.38
C ASN E 205 6.34 17.79 -70.38
N HIS E 206 6.02 18.12 -69.13
CA HIS E 206 7.01 18.26 -68.08
C HIS E 206 7.06 17.02 -67.20
N PHE E 207 8.28 16.66 -66.78
CA PHE E 207 8.48 15.47 -65.94
C PHE E 207 9.31 15.81 -64.70
N ARG E 208 8.70 15.75 -63.53
CA ARG E 208 9.40 16.09 -62.29
C ARG E 208 9.46 14.90 -61.37
N CYS E 209 10.63 14.65 -60.78
CA CYS E 209 10.73 13.53 -59.85
C CYS E 209 11.08 13.94 -58.41
N GLN E 210 10.06 14.16 -57.59
CA GLN E 210 10.26 14.68 -56.23
C GLN E 210 10.50 13.60 -55.18
N VAL E 211 11.59 13.75 -54.44
CA VAL E 211 11.94 12.83 -53.36
C VAL E 211 11.95 13.53 -52.01
N GLN E 212 10.95 13.22 -51.19
CA GLN E 212 10.85 13.78 -49.85
C GLN E 212 11.77 13.07 -48.87
N PHE E 213 12.79 13.78 -48.44
CA PHE E 213 13.76 13.26 -47.49
C PHE E 213 13.32 13.60 -46.08
N TYR E 214 13.30 12.61 -45.20
CA TYR E 214 12.93 12.83 -43.81
C TYR E 214 14.20 12.65 -42.99
N GLY E 215 14.55 13.66 -42.21
CA GLY E 215 15.77 13.61 -41.42
C GLY E 215 15.69 14.34 -40.10
N LEU E 216 16.18 15.59 -40.08
CA LEU E 216 16.23 16.37 -38.86
C LEU E 216 15.39 17.65 -38.93
N SER E 217 15.06 18.18 -37.76
CA SER E 217 14.29 19.42 -37.68
C SER E 217 15.20 20.61 -37.39
N GLU E 218 14.60 21.79 -37.32
CA GLU E 218 15.35 23.01 -37.04
C GLU E 218 15.85 23.03 -35.59
N ASN E 219 15.05 22.45 -34.69
CA ASN E 219 15.38 22.46 -33.26
C ASN E 219 16.59 21.60 -32.95
N ASP E 220 16.86 20.61 -33.80
CA ASP E 220 18.01 19.75 -33.62
C ASP E 220 19.26 20.60 -33.80
N GLU E 221 20.30 20.32 -33.03
CA GLU E 221 21.51 21.14 -33.09
C GLU E 221 22.56 20.47 -33.97
N TRP E 222 23.28 21.28 -34.75
CA TRP E 222 24.29 20.73 -35.63
C TRP E 222 25.69 21.17 -35.19
N THR E 223 26.55 20.18 -34.99
CA THR E 223 27.92 20.39 -34.53
C THR E 223 28.88 20.71 -35.67
N GLN E 224 28.69 20.06 -36.82
CA GLN E 224 29.63 20.12 -37.92
C GLN E 224 29.47 21.40 -38.75
N ASP E 225 30.45 21.68 -39.61
CA ASP E 225 30.43 22.90 -40.41
C ASP E 225 29.57 22.78 -41.68
N ARG E 226 29.16 21.56 -42.01
CA ARG E 226 28.33 21.31 -43.19
C ARG E 226 26.90 21.84 -43.02
N ALA E 227 26.15 21.84 -44.13
CA ALA E 227 24.76 22.27 -44.12
C ALA E 227 23.90 21.27 -43.37
N LYS E 228 22.91 21.77 -42.62
CA LYS E 228 22.02 20.89 -41.87
C LYS E 228 21.13 20.07 -42.80
N PRO E 229 21.16 18.74 -42.64
CA PRO E 229 20.32 17.85 -43.43
C PRO E 229 18.90 17.79 -42.89
N VAL E 230 18.18 18.90 -43.07
CA VAL E 230 16.79 19.03 -42.64
C VAL E 230 15.82 18.39 -43.63
N THR E 231 14.57 18.24 -43.22
CA THR E 231 13.54 17.62 -44.04
C THR E 231 13.30 18.46 -45.30
N GLN E 232 14.05 18.14 -46.35
CA GLN E 232 14.02 18.86 -47.62
C GLN E 232 13.56 17.97 -48.79
N ILE E 233 12.95 18.61 -49.79
CA ILE E 233 12.51 17.92 -51.00
C ILE E 233 13.54 18.05 -52.11
N VAL E 234 14.08 16.92 -52.57
CA VAL E 234 15.06 16.94 -53.66
C VAL E 234 14.48 16.38 -54.95
N SER E 235 14.56 17.11 -56.06
CA SER E 235 13.95 16.64 -57.30
C SER E 235 14.72 17.01 -58.58
N ALA E 236 14.48 16.24 -59.64
CA ALA E 236 15.07 16.49 -60.95
C ALA E 236 14.00 16.66 -62.04
N GLU E 237 14.19 17.67 -62.89
CA GLU E 237 13.29 17.98 -64.00
C GLU E 237 13.75 17.35 -65.32
N ALA E 238 12.78 17.04 -66.18
CA ALA E 238 13.04 16.46 -67.50
C ALA E 238 11.99 16.91 -68.52
N TRP E 239 12.44 17.27 -69.72
CA TRP E 239 11.53 17.71 -70.78
C TRP E 239 11.61 16.74 -71.96
N GLY E 240 10.57 16.74 -72.77
CA GLY E 240 10.49 15.83 -73.91
C GLY E 240 11.38 16.22 -75.08
N ARG E 241 11.70 15.24 -75.91
CA ARG E 241 12.53 15.45 -77.08
C ARG E 241 12.02 14.63 -78.26
N ALA E 242 11.89 15.27 -79.42
CA ALA E 242 11.39 14.60 -80.62
C ALA E 242 12.48 13.79 -81.30
N MET F 1 -29.08 1.40 -1.48
CA MET F 1 -28.59 0.16 -2.09
C MET F 1 -28.67 -1.02 -1.12
N ILE F 2 -29.10 -2.16 -1.66
CA ILE F 2 -29.28 -3.36 -0.84
C ILE F 2 -27.96 -3.89 -0.32
N GLN F 3 -27.84 -3.94 1.01
CA GLN F 3 -26.63 -4.46 1.67
C GLN F 3 -27.06 -5.43 2.77
N ARG F 4 -26.15 -6.29 3.20
CA ARG F 4 -26.50 -7.26 4.22
C ARG F 4 -25.53 -7.22 5.41
N THR F 5 -26.10 -7.42 6.59
CA THR F 5 -25.39 -7.37 7.87
C THR F 5 -24.62 -8.66 8.14
N PRO F 6 -23.43 -8.52 8.74
CA PRO F 6 -22.59 -9.70 9.00
C PRO F 6 -23.21 -10.64 10.02
N LYS F 7 -22.97 -11.93 9.82
CA LYS F 7 -23.39 -12.97 10.73
C LYS F 7 -22.19 -13.42 11.55
N ILE F 8 -22.26 -13.18 12.86
CA ILE F 8 -21.16 -13.50 13.75
C ILE F 8 -21.41 -14.82 14.46
N GLN F 9 -20.46 -15.74 14.37
CA GLN F 9 -20.58 -17.04 15.03
C GLN F 9 -19.32 -17.35 15.83
N VAL F 10 -19.43 -17.33 17.15
CA VAL F 10 -18.28 -17.58 18.03
C VAL F 10 -18.29 -19.00 18.60
N TYR F 11 -17.19 -19.72 18.42
CA TYR F 11 -17.15 -21.12 18.85
C TYR F 11 -15.71 -21.63 19.04
N SER F 12 -15.57 -22.80 19.65
CA SER F 12 -14.26 -23.41 19.86
C SER F 12 -13.95 -24.48 18.79
N ARG F 13 -12.66 -24.72 18.58
CA ARG F 13 -12.19 -25.71 17.62
C ARG F 13 -12.39 -27.14 18.15
N HIS F 14 -11.95 -27.38 19.38
CA HIS F 14 -12.12 -28.67 20.06
C HIS F 14 -13.15 -28.55 21.20
N PRO F 15 -13.71 -29.70 21.65
CA PRO F 15 -14.69 -29.71 22.74
C PRO F 15 -14.19 -29.04 24.02
N ALA F 16 -15.09 -28.33 24.71
CA ALA F 16 -14.71 -27.56 25.89
C ALA F 16 -14.23 -28.43 27.05
N GLU F 17 -12.99 -28.16 27.48
CA GLU F 17 -12.40 -28.81 28.64
C GLU F 17 -11.30 -27.94 29.23
N ASN F 18 -11.49 -27.51 30.47
CA ASN F 18 -10.60 -26.55 31.13
C ASN F 18 -9.17 -27.06 31.29
N GLY F 19 -8.20 -26.16 31.10
CA GLY F 19 -6.80 -26.49 31.27
C GLY F 19 -6.21 -27.36 30.17
N LYS F 20 -6.58 -27.09 28.92
CA LYS F 20 -6.08 -27.85 27.78
C LYS F 20 -5.89 -26.97 26.53
N SER F 21 -5.28 -27.55 25.49
CA SER F 21 -5.00 -26.83 24.24
C SER F 21 -6.22 -26.71 23.33
N ASN F 22 -6.57 -25.47 22.99
CA ASN F 22 -7.72 -25.20 22.12
C ASN F 22 -7.51 -23.96 21.25
N PHE F 23 -8.48 -23.68 20.40
CA PHE F 23 -8.44 -22.51 19.54
C PHE F 23 -9.82 -21.86 19.46
N LEU F 24 -9.89 -20.54 19.64
CA LEU F 24 -11.15 -19.81 19.47
C LEU F 24 -11.32 -19.27 18.07
N ASN F 25 -12.48 -19.58 17.49
CA ASN F 25 -12.83 -19.17 16.13
C ASN F 25 -14.06 -18.24 16.14
N CYS F 26 -14.00 -17.22 15.28
CA CYS F 26 -15.13 -16.36 15.03
C CYS F 26 -15.38 -16.27 13.52
N TYR F 27 -16.52 -16.82 13.09
CA TYR F 27 -16.91 -16.87 11.69
C TYR F 27 -17.85 -15.71 11.37
N VAL F 28 -17.35 -14.73 10.62
CA VAL F 28 -18.16 -13.59 10.20
C VAL F 28 -18.52 -13.73 8.72
N SER F 29 -19.81 -13.92 8.44
CA SER F 29 -20.22 -14.27 7.07
C SER F 29 -21.43 -13.52 6.54
N GLY F 30 -21.63 -13.58 5.24
CA GLY F 30 -22.84 -13.03 4.63
C GLY F 30 -23.00 -11.52 4.69
N PHE F 31 -21.94 -10.80 4.35
CA PHE F 31 -21.96 -9.35 4.36
C PHE F 31 -21.32 -8.75 3.10
N HIS F 32 -21.71 -7.54 2.75
CA HIS F 32 -21.07 -6.81 1.66
C HIS F 32 -21.33 -5.30 1.81
N PRO F 33 -20.28 -4.48 1.63
CA PRO F 33 -18.94 -4.87 1.15
C PRO F 33 -18.05 -5.61 2.16
N SER F 34 -16.81 -5.88 1.74
CA SER F 34 -15.91 -6.75 2.50
C SER F 34 -15.13 -6.08 3.62
N ASP F 35 -14.65 -4.86 3.38
CA ASP F 35 -13.82 -4.19 4.38
C ASP F 35 -14.63 -3.84 5.62
N ILE F 36 -14.33 -4.53 6.72
CA ILE F 36 -15.01 -4.32 7.99
C ILE F 36 -14.01 -4.33 9.13
N GLU F 37 -14.48 -4.11 10.36
CA GLU F 37 -13.58 -4.11 11.51
C GLU F 37 -13.95 -5.18 12.53
N VAL F 38 -13.06 -6.16 12.69
CA VAL F 38 -13.30 -7.28 13.61
C VAL F 38 -12.19 -7.44 14.64
N ASP F 39 -12.58 -7.57 15.92
CA ASP F 39 -11.62 -7.76 17.00
C ASP F 39 -12.10 -8.76 18.05
N LEU F 40 -11.24 -9.71 18.40
CA LEU F 40 -11.56 -10.70 19.42
C LEU F 40 -11.30 -10.14 20.82
N LEU F 41 -12.12 -10.55 21.79
CA LEU F 41 -12.06 -9.97 23.13
C LEU F 41 -11.92 -10.99 24.27
N LYS F 42 -11.17 -10.58 25.29
CA LYS F 42 -10.94 -11.37 26.51
C LYS F 42 -11.23 -10.56 27.76
N ASN F 43 -12.44 -10.73 28.29
CA ASN F 43 -12.90 -10.02 29.48
C ASN F 43 -12.86 -8.49 29.36
N GLY F 44 -12.74 -8.00 28.12
CA GLY F 44 -12.72 -6.58 27.89
C GLY F 44 -11.54 -6.11 27.04
N GLU F 45 -10.38 -6.71 27.29
CA GLU F 45 -9.15 -6.34 26.59
C GLU F 45 -9.00 -7.07 25.24
N ARG F 46 -8.40 -6.37 24.27
CA ARG F 46 -8.19 -6.93 22.94
C ARG F 46 -7.18 -8.07 22.98
N ILE F 47 -7.38 -9.08 22.15
CA ILE F 47 -6.43 -10.19 22.09
C ILE F 47 -5.39 -9.93 21.01
N GLU F 48 -4.13 -9.87 21.43
CA GLU F 48 -3.03 -9.57 20.52
C GLU F 48 -2.59 -10.79 19.73
N LYS F 49 -2.04 -10.55 18.55
CA LYS F 49 -1.57 -11.61 17.67
C LYS F 49 -2.72 -12.55 17.31
N VAL F 50 -3.58 -12.10 16.39
CA VAL F 50 -4.74 -12.88 15.97
C VAL F 50 -4.71 -13.08 14.46
N GLU F 51 -4.76 -14.35 14.05
CA GLU F 51 -4.66 -14.71 12.65
C GLU F 51 -6.05 -14.92 12.04
N HIS F 52 -6.17 -14.54 10.77
CA HIS F 52 -7.42 -14.67 10.02
C HIS F 52 -7.12 -15.24 8.65
N SER F 53 -8.05 -16.06 8.14
CA SER F 53 -7.96 -16.73 6.86
C SER F 53 -7.26 -15.88 5.80
N ASP F 54 -8.04 -15.07 5.10
CA ASP F 54 -7.59 -14.14 4.06
C ASP F 54 -8.81 -13.37 3.58
N LEU F 55 -9.65 -14.07 2.80
CA LEU F 55 -10.92 -13.56 2.31
C LEU F 55 -11.56 -14.62 1.41
N SER F 56 -12.84 -14.92 1.67
CA SER F 56 -13.52 -15.93 0.88
C SER F 56 -14.86 -15.46 0.30
N PHE F 57 -15.28 -16.10 -0.78
CA PHE F 57 -16.53 -15.72 -1.47
C PHE F 57 -17.58 -16.83 -1.47
N SER F 58 -18.84 -16.44 -1.65
CA SER F 58 -19.95 -17.40 -1.73
C SER F 58 -20.81 -17.10 -2.97
N LYS F 59 -21.62 -18.08 -3.40
CA LYS F 59 -22.43 -17.92 -4.61
C LYS F 59 -23.48 -16.79 -4.54
N ASP F 60 -23.94 -16.46 -3.34
CA ASP F 60 -24.96 -15.42 -3.21
C ASP F 60 -24.34 -14.04 -2.98
N TRP F 61 -23.17 -13.83 -3.58
CA TRP F 61 -22.45 -12.55 -3.58
C TRP F 61 -22.01 -12.06 -2.21
N SER F 62 -21.98 -12.97 -1.23
CA SER F 62 -21.54 -12.60 0.10
C SER F 62 -20.08 -13.00 0.33
N PHE F 63 -19.46 -12.39 1.33
CA PHE F 63 -18.09 -12.73 1.70
C PHE F 63 -18.07 -13.33 3.10
N TYR F 64 -16.97 -13.98 3.46
CA TYR F 64 -16.81 -14.48 4.82
C TYR F 64 -15.35 -14.60 5.29
N LEU F 65 -15.15 -14.30 6.56
CA LEU F 65 -13.82 -14.35 7.17
C LEU F 65 -13.86 -15.19 8.44
N LEU F 66 -12.70 -15.77 8.78
CA LEU F 66 -12.58 -16.56 10.00
C LEU F 66 -11.41 -16.06 10.85
N TYR F 67 -11.72 -15.58 12.05
CA TYR F 67 -10.69 -15.11 12.97
C TYR F 67 -10.41 -16.14 14.05
N TYR F 68 -9.17 -16.63 14.08
CA TYR F 68 -8.82 -17.71 15.00
C TYR F 68 -7.57 -17.41 15.81
N THR F 69 -7.56 -17.86 17.06
CA THR F 69 -6.37 -17.71 17.90
C THR F 69 -6.25 -18.81 18.97
N GLU F 70 -5.02 -19.10 19.37
CA GLU F 70 -4.71 -20.14 20.35
C GLU F 70 -5.17 -19.78 21.76
N PHE F 71 -5.75 -20.74 22.50
CA PHE F 71 -6.05 -20.51 23.92
C PHE F 71 -6.17 -21.77 24.78
N THR F 72 -6.17 -21.55 26.09
CA THR F 72 -6.52 -22.55 27.09
C THR F 72 -7.72 -22.03 27.88
N PRO F 73 -8.86 -22.75 27.83
CA PRO F 73 -10.08 -22.27 28.46
C PRO F 73 -10.03 -22.35 29.98
N THR F 74 -10.66 -21.38 30.63
CA THR F 74 -10.77 -21.35 32.08
C THR F 74 -12.18 -20.85 32.41
N GLU F 75 -12.80 -21.42 33.44
CA GLU F 75 -14.22 -21.17 33.70
C GLU F 75 -14.52 -19.71 34.06
N LYS F 76 -13.54 -19.03 34.66
CA LYS F 76 -13.71 -17.61 34.98
C LYS F 76 -13.65 -16.70 33.76
N ASP F 77 -12.68 -16.96 32.88
CA ASP F 77 -12.49 -16.07 31.75
C ASP F 77 -13.64 -16.23 30.77
N GLU F 78 -14.13 -15.10 30.26
CA GLU F 78 -15.20 -15.09 29.27
C GLU F 78 -14.76 -14.37 28.01
N TYR F 79 -14.93 -15.03 26.87
CA TYR F 79 -14.46 -14.51 25.59
C TYR F 79 -15.60 -14.04 24.71
N ALA F 80 -15.31 -13.05 23.86
CA ALA F 80 -16.34 -12.48 23.01
C ALA F 80 -15.72 -11.96 21.73
N CYS F 81 -16.54 -11.38 20.86
CA CYS F 81 -16.01 -10.76 19.65
C CYS F 81 -16.79 -9.52 19.23
N ARG F 82 -16.08 -8.44 18.94
CA ARG F 82 -16.67 -7.18 18.50
C ARG F 82 -16.52 -6.98 16.99
N VAL F 83 -17.64 -6.83 16.30
CA VAL F 83 -17.67 -6.64 14.85
C VAL F 83 -18.39 -5.35 14.47
N ASN F 84 -17.75 -4.55 13.63
CA ASN F 84 -18.33 -3.32 13.11
C ASN F 84 -18.36 -3.29 11.58
N HIS F 85 -19.56 -3.04 11.05
CA HIS F 85 -19.87 -3.04 9.62
C HIS F 85 -20.38 -1.66 9.22
N VAL F 86 -20.53 -1.43 7.92
CA VAL F 86 -21.11 -0.19 7.43
C VAL F 86 -22.60 -0.12 7.76
N THR F 87 -23.25 -1.27 7.72
CA THR F 87 -24.67 -1.37 8.04
C THR F 87 -24.93 -1.18 9.53
N LEU F 88 -23.94 -1.58 10.35
CA LEU F 88 -24.06 -1.47 11.80
C LEU F 88 -23.70 -0.08 12.31
N SER F 89 -24.63 0.52 13.06
CA SER F 89 -24.41 1.82 13.68
C SER F 89 -23.63 1.69 14.99
N GLN F 90 -23.87 0.58 15.69
CA GLN F 90 -23.17 0.28 16.93
C GLN F 90 -22.42 -1.03 16.80
N PRO F 91 -21.13 -1.04 17.20
CA PRO F 91 -20.31 -2.25 17.10
C PRO F 91 -20.89 -3.42 17.89
N LYS F 92 -21.29 -4.48 17.18
CA LYS F 92 -21.99 -5.61 17.82
C LYS F 92 -21.02 -6.58 18.49
N ILE F 93 -21.28 -6.88 19.75
CA ILE F 93 -20.43 -7.79 20.52
C ILE F 93 -21.17 -9.09 20.86
N VAL F 94 -20.62 -10.21 20.39
CA VAL F 94 -21.25 -11.51 20.64
C VAL F 94 -20.39 -12.37 21.56
N LYS F 95 -21.02 -12.94 22.58
CA LYS F 95 -20.33 -13.72 23.60
C LYS F 95 -20.21 -15.20 23.26
N TRP F 96 -19.22 -15.84 23.86
CA TRP F 96 -18.93 -17.25 23.67
C TRP F 96 -19.85 -18.15 24.52
N ASP F 97 -20.40 -19.19 23.91
CA ASP F 97 -21.39 -20.07 24.54
C ASP F 97 -20.79 -21.02 25.58
N ARG F 98 -19.48 -21.21 25.51
CA ARG F 98 -18.72 -22.09 26.41
C ARG F 98 -19.06 -23.57 26.29
N ASP F 99 -19.96 -23.92 25.37
CA ASP F 99 -20.29 -25.30 25.05
C ASP F 99 -20.65 -26.12 26.29
N ASP G 2 4.98 1.17 32.56
CA ASP G 2 3.90 0.23 32.83
C ASP G 2 3.03 0.67 34.01
N LYS G 3 3.66 1.24 35.05
CA LYS G 3 2.90 1.71 36.22
C LYS G 3 3.56 2.91 36.90
N VAL G 4 2.74 3.79 37.47
CA VAL G 4 3.23 4.91 38.28
C VAL G 4 2.45 5.07 39.58
N VAL G 5 3.12 4.76 40.69
CA VAL G 5 2.51 4.76 42.02
C VAL G 5 2.83 6.02 42.81
N GLN G 6 1.80 6.66 43.36
CA GLN G 6 1.97 7.87 44.17
C GLN G 6 1.59 7.66 45.63
N SER G 7 2.43 8.16 46.54
CA SER G 7 2.16 8.03 47.97
C SER G 7 2.52 9.31 48.71
N PRO G 8 1.76 9.66 49.74
CA PRO G 8 0.55 8.99 50.24
C PRO G 8 -0.67 9.34 49.40
N LEU G 9 -1.70 8.52 49.48
CA LEU G 9 -2.93 8.72 48.71
C LEU G 9 -3.71 9.93 49.25
N SER G 10 -3.63 10.11 50.57
CA SER G 10 -4.28 11.22 51.25
C SER G 10 -3.34 11.81 52.28
N LEU G 11 -3.38 13.13 52.42
CA LEU G 11 -2.51 13.82 53.37
C LEU G 11 -3.18 15.06 53.98
N VAL G 12 -3.31 15.07 55.31
CA VAL G 12 -3.94 16.19 56.01
C VAL G 12 -2.99 16.86 57.00
N VAL G 13 -2.63 18.12 56.77
CA VAL G 13 -1.69 18.81 57.65
C VAL G 13 -2.12 20.24 57.98
N HIS G 14 -1.53 20.79 59.03
CA HIS G 14 -1.81 22.17 59.41
C HIS G 14 -0.95 23.15 58.63
N GLU G 15 -1.38 24.41 58.61
CA GLU G 15 -0.65 25.43 57.89
C GLU G 15 0.68 25.69 58.58
N GLY G 16 1.73 25.83 57.80
CA GLY G 16 3.07 26.05 58.33
C GLY G 16 3.80 24.74 58.62
N ASP G 17 3.43 23.68 57.90
CA ASP G 17 4.08 22.39 58.07
C ASP G 17 4.84 21.99 56.82
N THR G 18 5.85 21.14 56.99
CA THR G 18 6.61 20.63 55.87
C THR G 18 6.11 19.24 55.51
N VAL G 19 5.85 19.02 54.21
CA VAL G 19 5.35 17.71 53.76
C VAL G 19 6.24 17.13 52.67
N THR G 20 6.26 15.80 52.58
CA THR G 20 7.05 15.10 51.56
C THR G 20 6.19 14.13 50.76
N LEU G 21 6.04 14.39 49.46
CA LEU G 21 5.26 13.52 48.57
C LEU G 21 6.15 12.63 47.71
N ASN G 22 5.90 11.33 47.77
CA ASN G 22 6.67 10.35 47.01
C ASN G 22 5.97 9.88 45.72
N CYS G 23 6.78 9.57 44.72
CA CYS G 23 6.28 8.95 43.49
C CYS G 23 7.25 7.91 42.98
N SER G 24 6.88 6.64 43.13
CA SER G 24 7.68 5.56 42.59
C SER G 24 7.14 5.21 41.21
N TYR G 25 8.02 4.82 40.30
CA TYR G 25 7.58 4.50 38.95
C TYR G 25 8.25 3.24 38.43
N GLU G 26 7.50 2.50 37.62
CA GLU G 26 8.01 1.32 36.95
C GLU G 26 7.54 1.33 35.49
N VAL G 27 8.20 2.13 34.68
CA VAL G 27 7.87 2.22 33.26
C VAL G 27 9.04 1.74 32.43
N THR G 28 8.72 1.26 31.24
CA THR G 28 9.68 0.81 30.27
C THR G 28 10.16 1.99 29.45
N ASN G 29 11.47 2.10 29.26
CA ASN G 29 12.03 3.20 28.48
C ASN G 29 11.64 4.56 29.05
N PHE G 30 12.15 4.85 30.25
CA PHE G 30 11.81 6.08 30.96
C PHE G 30 12.67 7.23 30.47
N ARG G 31 12.07 8.42 30.33
CA ARG G 31 12.83 9.59 29.90
C ARG G 31 12.73 10.76 30.90
N SER G 32 11.52 11.21 31.24
CA SER G 32 11.40 12.35 32.16
C SER G 32 10.17 12.32 33.07
N LEU G 33 10.32 12.84 34.29
CA LEU G 33 9.22 12.84 35.25
C LEU G 33 8.60 14.23 35.42
N LEU G 34 7.28 14.29 35.48
CA LEU G 34 6.57 15.57 35.59
C LEU G 34 5.71 15.69 36.85
N TRP G 35 5.63 16.90 37.39
CA TRP G 35 4.74 17.17 38.52
C TRP G 35 3.63 18.16 38.16
N TYR G 36 2.40 17.85 38.53
CA TYR G 36 1.25 18.69 38.21
C TYR G 36 0.41 19.03 39.44
N LYS G 37 -0.15 20.24 39.47
CA LYS G 37 -0.96 20.68 40.60
C LYS G 37 -2.40 20.96 40.17
N GLN G 38 -3.28 20.04 40.53
CA GLN G 38 -4.69 20.12 40.16
C GLN G 38 -5.52 20.65 41.33
N GLU G 39 -5.89 21.93 41.23
CA GLU G 39 -6.70 22.59 42.26
C GLU G 39 -8.17 22.19 42.15
N LYS G 40 -8.75 22.34 40.96
CA LYS G 40 -10.15 21.99 40.77
C LYS G 40 -10.31 20.80 39.83
N LYS G 41 -10.04 21.00 38.56
CA LYS G 41 -10.11 19.91 37.57
C LYS G 41 -8.92 19.94 36.61
N ALA G 42 -8.50 21.14 36.22
CA ALA G 42 -7.43 21.31 35.24
C ALA G 42 -6.05 21.32 35.90
N PRO G 43 -5.21 20.33 35.54
CA PRO G 43 -3.85 20.21 36.08
C PRO G 43 -2.90 21.28 35.54
N THR G 44 -2.02 21.77 36.40
CA THR G 44 -1.05 22.79 36.02
C THR G 44 0.38 22.31 36.28
N PHE G 45 1.28 22.64 35.36
CA PHE G 45 2.67 22.20 35.44
C PHE G 45 3.45 22.81 36.61
N LEU G 46 4.28 22.01 37.27
CA LEU G 46 5.12 22.45 38.38
C LEU G 46 6.62 22.28 38.07
N PHE G 47 7.06 21.03 38.01
CA PHE G 47 8.45 20.70 37.69
C PHE G 47 8.57 19.58 36.65
N MET G 48 9.76 19.48 36.03
CA MET G 48 10.10 18.34 35.21
C MET G 48 11.55 17.93 35.48
N LEU G 49 11.74 16.67 35.87
CA LEU G 49 13.07 16.15 36.21
C LEU G 49 13.57 15.16 35.18
N THR G 50 14.80 15.36 34.73
CA THR G 50 15.43 14.47 33.75
C THR G 50 16.74 13.91 34.29
N SER G 51 17.54 14.76 34.92
CA SER G 51 18.81 14.32 35.51
C SER G 51 18.64 13.87 36.96
N SER G 52 19.17 12.70 37.28
CA SER G 52 19.07 12.15 38.63
C SER G 52 20.02 12.89 39.57
N GLY G 53 19.55 13.19 40.78
CA GLY G 53 20.37 13.86 41.77
C GLY G 53 20.22 15.37 41.80
N ILE G 54 20.03 15.97 40.63
CA ILE G 54 19.92 17.42 40.54
C ILE G 54 18.57 17.92 41.07
N GLU G 55 18.61 18.88 42.00
CA GLU G 55 17.40 19.39 42.63
C GLU G 55 16.80 20.59 41.90
N LYS G 56 15.48 20.65 41.85
CA LYS G 56 14.78 21.79 41.26
C LYS G 56 13.89 22.48 42.30
N LYS G 57 14.05 23.80 42.44
CA LYS G 57 13.35 24.56 43.46
C LYS G 57 12.55 25.74 42.91
N SER G 58 11.33 25.91 43.41
CA SER G 58 10.48 27.04 43.05
C SER G 58 9.76 27.54 44.29
N GLY G 59 10.25 28.66 44.84
CA GLY G 59 9.69 29.21 46.05
C GLY G 59 9.94 28.21 47.15
N ARG G 60 8.85 27.78 47.80
CA ARG G 60 8.94 26.84 48.90
C ARG G 60 8.71 25.40 48.45
N LEU G 61 8.55 25.18 47.14
CA LEU G 61 8.37 23.83 46.62
C LEU G 61 9.70 23.29 46.09
N SER G 62 9.99 22.04 46.39
CA SER G 62 11.23 21.44 45.90
C SER G 62 11.01 20.03 45.34
N SER G 63 11.84 19.65 44.37
CA SER G 63 11.70 18.33 43.74
C SER G 63 13.04 17.69 43.38
N ILE G 64 13.17 16.39 43.67
CA ILE G 64 14.37 15.65 43.33
C ILE G 64 14.04 14.31 42.70
N LEU G 65 14.93 13.87 41.80
CA LEU G 65 14.78 12.62 41.05
C LEU G 65 15.86 11.61 41.45
N ASP G 66 15.45 10.37 41.68
CA ASP G 66 16.39 9.31 41.99
C ASP G 66 16.17 8.08 41.09
N LYS G 67 16.94 8.02 40.01
CA LYS G 67 16.83 6.98 39.01
C LYS G 67 17.36 5.64 39.50
N LYS G 68 18.33 5.69 40.41
CA LYS G 68 18.94 4.47 40.94
C LYS G 68 17.95 3.64 41.73
N GLU G 69 16.94 4.30 42.28
CA GLU G 69 15.91 3.61 43.06
C GLU G 69 14.52 3.83 42.47
N LEU G 70 14.48 4.49 41.32
CA LEU G 70 13.23 4.73 40.61
C LEU G 70 12.17 5.40 41.47
N SER G 71 12.52 6.55 42.04
CA SER G 71 11.56 7.28 42.85
C SER G 71 11.84 8.78 42.80
N SER G 72 10.79 9.56 42.96
CA SER G 72 10.90 11.02 42.96
C SER G 72 10.28 11.58 44.23
N ILE G 73 10.82 12.70 44.69
CA ILE G 73 10.35 13.34 45.92
C ILE G 73 10.00 14.80 45.70
N LEU G 74 8.78 15.18 46.07
CA LEU G 74 8.34 16.57 46.01
C LEU G 74 7.96 17.08 47.40
N ASN G 75 8.78 17.96 47.98
CA ASN G 75 8.54 18.40 49.35
C ASN G 75 8.20 19.89 49.44
N ILE G 76 7.24 20.20 50.30
CA ILE G 76 6.74 21.56 50.47
C ILE G 76 7.02 22.11 51.87
N THR G 77 7.81 23.19 51.93
CA THR G 77 8.16 23.83 53.19
C THR G 77 7.12 24.88 53.60
N ALA G 78 6.67 24.76 54.84
CA ALA G 78 5.70 25.70 55.42
C ALA G 78 4.45 25.83 54.56
N THR G 79 3.57 24.83 54.64
CA THR G 79 2.36 24.79 53.84
C THR G 79 1.42 25.95 54.09
N GLN G 80 0.65 26.33 53.07
CA GLN G 80 -0.37 27.36 53.19
C GLN G 80 -1.71 26.80 52.72
N THR G 81 -2.81 27.51 52.99
CA THR G 81 -4.14 27.07 52.59
C THR G 81 -4.27 26.97 51.06
N GLY G 82 -3.47 27.76 50.35
CA GLY G 82 -3.51 27.75 48.90
C GLY G 82 -3.01 26.45 48.32
N ASP G 83 -2.20 25.72 49.09
CA ASP G 83 -1.62 24.46 48.65
C ASP G 83 -2.60 23.28 48.66
N SER G 84 -3.78 23.50 49.23
CA SER G 84 -4.78 22.43 49.30
C SER G 84 -5.23 22.03 47.90
N ALA G 85 -4.57 21.02 47.35
CA ALA G 85 -4.84 20.56 46.00
C ALA G 85 -4.43 19.10 45.78
N ILE G 86 -4.85 18.57 44.63
CA ILE G 86 -4.46 17.23 44.21
C ILE G 86 -3.19 17.26 43.39
N TYR G 87 -2.11 16.69 43.91
CA TYR G 87 -0.83 16.72 43.23
C TYR G 87 -0.60 15.43 42.42
N LEU G 88 -0.65 15.56 41.09
CA LEU G 88 -0.50 14.40 40.20
C LEU G 88 0.92 14.28 39.68
N CYS G 89 1.36 13.04 39.45
CA CYS G 89 2.70 12.82 38.94
C CYS G 89 2.72 11.96 37.70
N ALA G 90 3.41 12.43 36.66
CA ALA G 90 3.46 11.75 35.37
C ALA G 90 4.84 11.23 35.04
N ALA G 91 4.88 10.25 34.16
CA ALA G 91 6.10 9.68 33.64
C ALA G 91 6.00 9.82 32.12
N TYR G 92 7.14 9.94 31.44
CA TYR G 92 7.20 10.11 29.97
C TYR G 92 8.19 9.14 29.40
N ASN G 93 7.71 8.20 28.59
CA ASN G 93 8.53 7.15 28.00
C ASN G 93 9.36 7.53 26.80
N THR G 94 9.00 8.67 26.21
CA THR G 94 9.61 9.30 25.06
C THR G 94 8.51 9.53 24.08
N ASP G 95 7.34 9.02 24.40
CA ASP G 95 6.16 9.16 23.54
C ASP G 95 4.96 9.79 24.25
N LYS G 96 4.46 9.15 25.30
CA LYS G 96 3.31 9.69 26.02
C LYS G 96 3.55 9.53 27.51
N LEU G 97 2.80 10.27 28.33
CA LEU G 97 3.00 10.24 29.77
C LEU G 97 1.99 9.32 30.49
N ILE G 98 2.49 8.67 31.54
CA ILE G 98 1.72 7.77 32.38
C ILE G 98 1.50 8.40 33.76
N PHE G 99 0.25 8.70 34.08
CA PHE G 99 -0.08 9.40 35.32
C PHE G 99 -0.29 8.45 36.49
N GLY G 100 -0.11 8.98 37.71
CA GLY G 100 -0.33 8.24 38.93
C GLY G 100 -1.70 8.52 39.53
N THR G 101 -1.91 8.08 40.77
CA THR G 101 -3.19 8.24 41.43
C THR G 101 -3.45 9.70 41.79
N GLY G 102 -2.43 10.36 42.32
CA GLY G 102 -2.54 11.75 42.72
C GLY G 102 -2.73 11.88 44.21
N THR G 103 -1.83 12.64 44.85
CA THR G 103 -1.91 12.87 46.29
C THR G 103 -2.95 13.92 46.65
N ARG G 104 -3.83 13.60 47.59
CA ARG G 104 -4.87 14.53 48.03
C ARG G 104 -4.38 15.40 49.19
N LEU G 105 -3.70 16.51 48.92
CA LEU G 105 -3.21 17.34 50.02
C LEU G 105 -4.19 18.42 50.45
N GLN G 106 -4.52 18.44 51.74
CA GLN G 106 -5.37 19.46 52.29
C GLN G 106 -4.69 20.14 53.48
N VAL G 107 -4.43 21.44 53.35
CA VAL G 107 -3.78 22.23 54.39
C VAL G 107 -4.82 23.01 55.17
N PHE G 108 -4.85 22.80 56.48
CA PHE G 108 -5.81 23.45 57.35
C PHE G 108 -5.20 24.67 58.04
N PRO G 109 -6.04 25.66 58.36
CA PRO G 109 -5.52 26.91 58.93
C PRO G 109 -5.03 26.74 60.36
N ASN G 110 -4.12 27.63 60.76
CA ASN G 110 -3.67 27.67 62.14
C ASN G 110 -4.61 28.57 62.93
N ILE G 111 -5.34 27.98 63.87
CA ILE G 111 -6.37 28.73 64.57
C ILE G 111 -6.08 28.96 66.06
N GLN G 112 -5.99 30.24 66.40
CA GLN G 112 -5.72 30.69 67.75
C GLN G 112 -6.96 31.31 68.41
N ASN G 113 -7.05 31.17 69.74
CA ASN G 113 -8.21 31.61 70.48
C ASN G 113 -9.46 31.07 69.81
N PRO G 114 -9.65 29.73 69.85
CA PRO G 114 -10.80 29.24 69.11
C PRO G 114 -12.09 29.62 69.82
N ASP G 115 -13.09 30.00 69.04
CA ASP G 115 -14.35 30.45 69.60
C ASP G 115 -15.47 29.65 68.97
N PRO G 116 -15.61 28.39 69.41
CA PRO G 116 -16.64 27.53 68.84
C PRO G 116 -18.02 28.06 69.18
N ALA G 117 -18.89 28.21 68.18
CA ALA G 117 -20.25 28.66 68.47
C ALA G 117 -21.27 28.03 67.53
N VAL G 118 -22.46 27.75 68.05
CA VAL G 118 -23.53 27.16 67.27
C VAL G 118 -24.72 28.11 67.17
N TYR G 119 -24.89 28.71 65.99
CA TYR G 119 -25.94 29.69 65.77
C TYR G 119 -27.14 29.11 65.03
N GLN G 120 -28.32 29.66 65.33
CA GLN G 120 -29.55 29.29 64.64
C GLN G 120 -29.88 30.32 63.57
N LEU G 121 -30.07 29.86 62.33
CA LEU G 121 -30.40 30.76 61.22
C LEU G 121 -31.81 30.53 60.71
N ARG G 122 -32.65 31.54 60.82
CA ARG G 122 -34.04 31.45 60.38
C ARG G 122 -34.30 32.38 59.21
N ASP G 123 -35.07 31.92 58.23
CA ASP G 123 -35.39 32.73 57.06
C ASP G 123 -36.89 32.75 56.77
N LYS G 129 -38.28 27.65 58.09
CA LYS G 129 -37.42 26.62 58.66
C LYS G 129 -36.06 27.19 59.04
N SER G 130 -35.48 26.68 60.12
CA SER G 130 -34.18 27.15 60.58
C SER G 130 -33.09 26.10 60.37
N VAL G 131 -31.84 26.56 60.34
CA VAL G 131 -30.71 25.65 60.15
C VAL G 131 -29.59 25.98 61.15
N CYS G 132 -28.77 24.98 61.49
CA CYS G 132 -27.71 25.18 62.50
C CYS G 132 -26.31 25.37 61.91
N LEU G 133 -25.57 26.33 62.46
CA LEU G 133 -24.22 26.67 61.98
C LEU G 133 -23.17 26.61 63.10
N PHE G 134 -22.17 25.76 62.95
CA PHE G 134 -21.12 25.63 63.95
C PHE G 134 -19.81 26.18 63.42
N THR G 135 -19.38 27.32 63.96
CA THR G 135 -18.23 28.02 63.39
C THR G 135 -17.18 28.49 64.40
N ASP G 136 -16.05 28.91 63.83
CA ASP G 136 -14.89 29.43 64.55
C ASP G 136 -14.31 28.43 65.55
N PHE G 137 -14.26 27.16 65.15
CA PHE G 137 -13.68 26.11 65.97
C PHE G 137 -12.31 25.70 65.46
N ASP G 138 -11.54 25.01 66.30
CA ASP G 138 -10.16 24.67 65.95
C ASP G 138 -10.01 23.55 64.91
N SER G 139 -8.92 23.64 64.15
CA SER G 139 -8.63 22.70 63.08
C SER G 139 -8.22 21.32 63.60
N GLN G 140 -7.90 21.24 64.89
CA GLN G 140 -7.53 19.97 65.47
C GLN G 140 -8.76 19.08 65.63
N THR G 141 -9.88 19.71 65.98
CA THR G 141 -11.14 19.00 66.17
C THR G 141 -11.80 18.66 64.84
N ASN G 142 -11.98 17.36 64.59
CA ASN G 142 -12.54 16.87 63.34
C ASN G 142 -14.03 16.57 63.42
N VAL G 143 -14.79 17.09 62.46
CA VAL G 143 -16.25 16.96 62.45
C VAL G 143 -16.70 15.66 61.83
N SER G 144 -17.42 14.85 62.63
CA SER G 144 -17.90 13.55 62.19
C SER G 144 -19.29 13.65 61.56
N GLN G 145 -19.57 12.76 60.61
CA GLN G 145 -20.84 12.77 59.90
C GLN G 145 -21.99 12.37 60.80
N SER G 146 -23.22 12.66 60.35
CA SER G 146 -24.42 12.33 61.11
C SER G 146 -24.65 10.82 61.15
N LYS G 147 -24.99 10.32 62.33
CA LYS G 147 -25.27 8.89 62.53
C LYS G 147 -26.67 8.52 62.06
N ASP G 148 -27.63 9.43 62.25
CA ASP G 148 -29.01 9.17 61.89
C ASP G 148 -29.29 9.56 60.44
N SER G 149 -30.27 8.89 59.83
CA SER G 149 -30.61 9.12 58.43
C SER G 149 -31.34 10.44 58.18
N ASP G 150 -32.24 10.80 59.08
CA ASP G 150 -33.04 12.01 58.93
C ASP G 150 -32.25 13.31 59.18
N VAL G 151 -31.12 13.20 59.87
CA VAL G 151 -30.25 14.35 60.10
C VAL G 151 -29.06 14.33 59.14
N TYR G 152 -28.69 15.50 58.61
CA TYR G 152 -27.57 15.61 57.68
C TYR G 152 -26.54 16.64 58.14
N ILE G 153 -25.33 16.16 58.43
CA ILE G 153 -24.26 17.04 58.90
C ILE G 153 -23.05 17.00 57.96
N THR G 154 -22.66 18.17 57.46
CA THR G 154 -21.57 18.28 56.51
C THR G 154 -20.23 18.51 57.21
N ASP G 155 -19.13 18.36 56.47
CA ASP G 155 -17.81 18.55 57.06
C ASP G 155 -17.40 20.01 57.11
N LYS G 156 -16.27 20.26 57.77
CA LYS G 156 -15.77 21.62 57.99
C LYS G 156 -15.44 22.32 56.69
N CYS G 157 -15.52 23.65 56.72
CA CYS G 157 -15.27 24.48 55.56
C CYS G 157 -14.40 25.67 55.95
N VAL G 158 -13.30 25.85 55.21
CA VAL G 158 -12.35 26.91 55.49
C VAL G 158 -12.70 28.21 54.75
N LEU G 159 -13.03 29.24 55.53
CA LEU G 159 -13.39 30.55 55.01
C LEU G 159 -12.27 31.58 55.21
N ASP G 160 -11.99 32.35 54.15
CA ASP G 160 -10.91 33.35 54.18
C ASP G 160 -11.44 34.75 53.85
N MET G 161 -11.30 35.67 54.81
CA MET G 161 -11.72 37.08 54.63
C MET G 161 -10.57 38.08 54.48
N ARG G 162 -10.56 38.74 53.34
CA ARG G 162 -9.53 39.71 52.96
C ARG G 162 -9.63 41.01 53.75
N SER G 163 -10.75 41.23 54.44
CA SER G 163 -10.96 42.48 55.16
C SER G 163 -10.11 42.57 56.43
N MET G 164 -10.00 41.49 57.17
CA MET G 164 -9.18 41.47 58.37
C MET G 164 -8.15 40.33 58.33
N ASP G 165 -8.07 39.68 57.18
CA ASP G 165 -7.19 38.53 56.97
C ASP G 165 -7.54 37.46 58.00
N PHE G 166 -8.80 37.02 57.99
CA PHE G 166 -9.25 36.07 59.00
C PHE G 166 -9.79 34.79 58.40
N LYS G 167 -9.34 33.67 58.97
CA LYS G 167 -9.71 32.35 58.49
C LYS G 167 -10.52 31.62 59.55
N SER G 168 -11.61 31.00 59.13
CA SER G 168 -12.49 30.33 60.08
C SER G 168 -13.06 29.02 59.53
N ASN G 169 -13.22 28.02 60.41
CA ASN G 169 -13.83 26.75 60.02
C ASN G 169 -15.31 26.77 60.35
N SER G 170 -16.13 26.21 59.46
CA SER G 170 -17.56 26.18 59.74
C SER G 170 -18.25 24.94 59.19
N ALA G 171 -19.31 24.49 59.86
CA ALA G 171 -20.09 23.34 59.40
C ALA G 171 -21.58 23.62 59.54
N VAL G 172 -22.39 23.07 58.65
CA VAL G 172 -23.83 23.32 58.67
C VAL G 172 -24.63 22.03 58.83
N ALA G 173 -25.59 22.04 59.75
CA ALA G 173 -26.43 20.87 60.00
C ALA G 173 -27.93 21.21 59.91
N TRP G 174 -28.69 20.31 59.29
CA TRP G 174 -30.13 20.51 59.10
C TRP G 174 -30.88 19.17 59.18
N SER G 178 -38.90 17.62 64.03
CA SER G 178 -39.20 18.69 64.98
C SER G 178 -38.29 18.62 66.20
N ASP G 179 -37.80 17.43 66.50
CA ASP G 179 -36.90 17.23 67.64
C ASP G 179 -35.58 17.96 67.43
N PHE G 180 -35.26 18.19 66.16
CA PHE G 180 -34.00 18.83 65.79
C PHE G 180 -33.93 20.28 66.27
N ALA G 181 -32.94 20.57 67.13
CA ALA G 181 -32.73 21.93 67.59
C ALA G 181 -31.24 22.20 67.70
N CYS G 182 -30.87 23.47 67.57
CA CYS G 182 -29.47 23.89 67.57
C CYS G 182 -28.75 23.70 68.90
N ALA G 183 -29.52 23.61 69.99
CA ALA G 183 -28.93 23.44 71.30
C ALA G 183 -28.24 22.08 71.42
N ASN G 184 -28.84 21.06 70.82
CA ASN G 184 -28.28 19.71 70.82
C ASN G 184 -28.06 19.15 69.42
N ALA G 185 -27.84 20.04 68.45
CA ALA G 185 -27.71 19.66 67.03
C ALA G 185 -26.45 18.85 66.73
N PHE G 186 -25.34 19.20 67.37
CA PHE G 186 -24.07 18.53 67.11
C PHE G 186 -23.67 17.65 68.30
N ASN G 187 -24.43 16.57 68.48
CA ASN G 187 -24.15 15.60 69.52
C ASN G 187 -23.35 14.40 69.03
N ASN G 188 -23.47 14.09 67.74
CA ASN G 188 -22.78 12.95 67.16
C ASN G 188 -21.26 13.10 67.21
N SER G 189 -20.77 14.31 66.94
CA SER G 189 -19.33 14.56 66.96
C SER G 189 -18.90 15.13 68.30
N ILE G 190 -17.62 14.93 68.63
CA ILE G 190 -17.06 15.45 69.88
C ILE G 190 -16.66 16.92 69.74
N ILE G 191 -17.28 17.78 70.54
CA ILE G 191 -17.00 19.21 70.50
C ILE G 191 -16.59 19.71 71.88
N PRO G 192 -15.76 20.77 71.93
CA PRO G 192 -15.26 21.30 73.21
C PRO G 192 -16.37 21.92 74.07
N GLU G 193 -16.11 22.04 75.37
CA GLU G 193 -17.10 22.54 76.31
C GLU G 193 -17.27 24.06 76.27
N ASP G 194 -16.27 24.77 75.75
CA ASP G 194 -16.33 26.24 75.68
C ASP G 194 -17.18 26.73 74.50
N THR G 195 -17.99 25.84 73.93
CA THR G 195 -18.85 26.18 72.79
C THR G 195 -20.05 27.02 73.23
N PHE G 196 -20.25 28.13 72.54
CA PHE G 196 -21.34 29.05 72.89
C PHE G 196 -22.69 28.64 72.30
N PHE G 197 -23.74 28.77 73.11
CA PHE G 197 -25.10 28.47 72.67
C PHE G 197 -26.01 29.62 73.05
N PRO G 198 -26.89 30.04 72.12
CA PRO G 198 -27.79 31.15 72.42
C PRO G 198 -29.08 30.70 73.10
N VAL H 4 -7.17 26.96 26.54
CA VAL H 4 -7.89 25.74 26.19
C VAL H 4 -9.32 25.77 26.74
N THR H 5 -10.30 25.61 25.87
CA THR H 5 -11.69 25.72 26.30
C THR H 5 -12.50 24.47 25.98
N GLN H 6 -13.20 23.95 26.97
CA GLN H 6 -14.07 22.80 26.78
C GLN H 6 -15.54 23.20 26.86
N SER H 7 -16.41 22.41 26.22
CA SER H 7 -17.83 22.72 26.16
C SER H 7 -18.62 22.28 27.40
N SER H 8 -19.56 23.13 27.83
CA SER H 8 -20.50 22.83 28.91
C SER H 8 -19.95 22.45 30.29
N ARG H 9 -18.84 21.71 30.33
CA ARG H 9 -18.21 21.25 31.59
C ARG H 9 -19.04 20.17 32.30
N TYR H 10 -20.36 20.33 32.32
CA TYR H 10 -21.26 19.33 32.89
C TYR H 10 -22.26 18.86 31.83
N LEU H 11 -22.43 17.55 31.70
CA LEU H 11 -23.32 16.99 30.68
C LEU H 11 -24.02 15.70 31.09
N VAL H 12 -25.33 15.64 30.85
CA VAL H 12 -26.12 14.43 31.10
C VAL H 12 -26.73 13.92 29.79
N LYS H 13 -26.43 12.67 29.45
CA LYS H 13 -26.88 12.09 28.18
C LYS H 13 -27.50 10.70 28.33
N ARG H 14 -28.39 10.36 27.39
CA ARG H 14 -29.11 9.09 27.40
C ARG H 14 -28.26 7.94 26.86
N THR H 15 -28.54 6.72 27.33
CA THR H 15 -27.80 5.54 26.92
C THR H 15 -28.04 5.23 25.44
N GLY H 16 -26.96 5.15 24.67
CA GLY H 16 -27.07 4.84 23.27
C GLY H 16 -26.94 6.07 22.39
N GLU H 17 -27.18 7.23 22.99
CA GLU H 17 -27.17 8.49 22.26
C GLU H 17 -25.75 8.94 21.93
N LYS H 18 -25.63 9.64 20.81
CA LYS H 18 -24.35 10.18 20.35
C LYS H 18 -23.97 11.45 21.11
N VAL H 19 -22.72 11.54 21.52
CA VAL H 19 -22.23 12.72 22.23
C VAL H 19 -21.13 13.41 21.43
N PHE H 20 -21.23 14.74 21.35
CA PHE H 20 -20.27 15.55 20.60
C PHE H 20 -19.40 16.36 21.55
N LEU H 21 -18.11 16.05 21.63
CA LEU H 21 -17.26 16.82 22.52
C LEU H 21 -16.19 17.62 21.78
N GLU H 22 -16.48 18.89 21.51
CA GLU H 22 -15.49 19.73 20.82
C GLU H 22 -14.64 20.49 21.83
N CYS H 23 -13.37 20.68 21.50
CA CYS H 23 -12.46 21.46 22.31
C CYS H 23 -11.58 22.29 21.40
N VAL H 24 -11.53 23.59 21.68
CA VAL H 24 -10.74 24.53 20.90
C VAL H 24 -9.59 25.03 21.77
N GLN H 25 -8.41 25.15 21.18
CA GLN H 25 -7.25 25.66 21.88
C GLN H 25 -6.74 26.92 21.22
N ASP H 26 -6.39 27.89 22.04
CA ASP H 26 -5.95 29.20 21.56
C ASP H 26 -4.45 29.37 21.76
N MET H 27 -3.75 28.25 21.90
CA MET H 27 -2.30 28.26 22.10
C MET H 27 -1.58 27.91 20.81
N ASP H 28 -2.35 27.49 19.81
CA ASP H 28 -1.85 27.10 18.48
C ASP H 28 -0.81 25.98 18.61
N HIS H 29 -1.30 24.78 18.89
CA HIS H 29 -0.44 23.60 19.04
C HIS H 29 -0.81 22.47 18.08
N GLU H 30 0.17 21.64 17.77
CA GLU H 30 -0.05 20.54 16.84
C GLU H 30 -0.84 19.37 17.45
N ASN H 31 -0.45 18.95 18.65
CA ASN H 31 -1.07 17.77 19.27
C ASN H 31 -2.31 18.06 20.10
N MET H 32 -3.36 17.26 19.89
CA MET H 32 -4.58 17.41 20.68
C MET H 32 -5.14 16.04 21.06
N PHE H 33 -5.37 15.81 22.35
CA PHE H 33 -5.88 14.51 22.79
C PHE H 33 -6.85 14.58 23.96
N TRP H 34 -7.59 13.48 24.14
CA TRP H 34 -8.57 13.31 25.21
C TRP H 34 -8.23 12.21 26.21
N TYR H 35 -8.51 12.47 27.49
CA TYR H 35 -8.26 11.51 28.56
C TYR H 35 -9.54 11.15 29.32
N GLY H 40 -12.48 7.44 40.88
CA GLY H 40 -11.09 7.81 40.94
C GLY H 40 -10.16 6.68 40.52
N LEU H 41 -9.43 6.92 39.44
CA LEU H 41 -8.45 5.96 38.93
C LEU H 41 -7.18 6.68 38.53
N GLY H 42 -7.29 8.00 38.38
CA GLY H 42 -6.21 8.84 37.92
C GLY H 42 -6.41 9.02 36.42
N LEU H 43 -5.37 9.48 35.73
CA LEU H 43 -5.51 9.77 34.30
C LEU H 43 -4.93 8.68 33.40
N ARG H 44 -5.78 8.13 32.52
CA ARG H 44 -5.34 7.13 31.56
C ARG H 44 -5.67 7.57 30.13
N LEU H 45 -4.71 7.42 29.22
CA LEU H 45 -4.88 7.86 27.84
C LEU H 45 -5.78 6.95 27.02
N ILE H 46 -6.71 7.55 26.29
CA ILE H 46 -7.65 6.78 25.48
C ILE H 46 -7.29 6.85 23.99
N TYR H 47 -7.19 8.06 23.46
CA TYR H 47 -6.83 8.26 22.06
C TYR H 47 -5.93 9.48 21.94
N PHE H 48 -5.07 9.49 20.92
CA PHE H 48 -4.18 10.62 20.72
C PHE H 48 -3.91 10.99 19.27
N SER H 49 -3.85 12.30 19.01
CA SER H 49 -3.60 12.83 17.67
C SER H 49 -2.45 13.84 17.63
N TYR H 50 -1.57 13.65 16.65
CA TYR H 50 -0.40 14.50 16.49
C TYR H 50 -0.59 15.56 15.41
N ASP H 51 -1.45 15.30 14.42
CA ASP H 51 -1.74 16.33 13.42
C ASP H 51 -2.98 16.04 12.55
N VAL H 52 -3.26 16.97 11.64
CA VAL H 52 -4.62 17.34 11.22
C VAL H 52 -5.64 16.24 10.91
N LYS H 53 -5.25 15.18 10.22
CA LYS H 53 -6.25 14.19 9.83
C LYS H 53 -6.01 12.85 10.50
N MET H 54 -4.87 12.75 11.18
CA MET H 54 -4.41 11.48 11.72
C MET H 54 -4.78 11.31 13.20
N LYS H 55 -4.83 10.05 13.65
CA LYS H 55 -5.13 9.72 15.03
C LYS H 55 -4.64 8.31 15.34
N GLU H 56 -4.70 7.93 16.62
CA GLU H 56 -4.28 6.59 17.05
C GLU H 56 -4.81 6.21 18.42
N LYS H 57 -4.84 4.90 18.68
CA LYS H 57 -5.36 4.35 19.91
C LYS H 57 -4.36 4.39 21.07
N GLY H 58 -4.87 4.64 22.28
CA GLY H 58 -4.03 4.70 23.47
C GLY H 58 -4.05 3.42 24.29
N ASP H 59 -4.16 3.55 25.61
CA ASP H 59 -4.14 2.40 26.51
C ASP H 59 -5.45 1.62 26.49
N ILE H 60 -6.54 2.33 26.76
CA ILE H 60 -7.86 1.71 26.78
C ILE H 60 -8.79 2.36 25.76
N PRO H 61 -8.67 1.95 24.48
CA PRO H 61 -9.45 2.53 23.39
C PRO H 61 -10.76 1.79 23.13
N GLU H 62 -10.97 0.70 23.84
CA GLU H 62 -12.16 -0.13 23.62
C GLU H 62 -13.43 0.62 24.01
N GLY H 63 -14.33 0.77 23.05
CA GLY H 63 -15.60 1.45 23.29
C GLY H 63 -15.67 2.92 22.92
N TYR H 64 -14.52 3.53 22.66
CA TYR H 64 -14.47 4.97 22.37
C TYR H 64 -14.11 5.29 20.93
N SER H 65 -14.40 6.51 20.50
CA SER H 65 -14.02 6.95 19.16
C SER H 65 -13.51 8.39 19.13
N VAL H 66 -12.53 8.64 18.27
CA VAL H 66 -11.87 9.94 18.20
C VAL H 66 -12.15 10.58 16.84
N SER H 67 -12.19 11.91 16.83
CA SER H 67 -12.48 12.67 15.62
C SER H 67 -11.39 13.70 15.34
N ARG H 68 -11.07 13.90 14.08
CA ARG H 68 -10.01 14.86 13.71
C ARG H 68 -10.58 16.04 12.94
N ASP H 69 -10.35 17.23 13.48
CA ASP H 69 -10.82 18.47 12.89
C ASP H 69 -9.65 19.27 12.35
N LYS H 70 -9.93 20.40 11.70
CA LYS H 70 -8.88 21.21 11.09
C LYS H 70 -8.40 22.33 11.99
N LYS H 71 -7.18 22.79 11.74
CA LYS H 71 -6.54 23.85 12.51
C LYS H 71 -6.42 23.54 14.00
N GLU H 72 -7.09 24.34 14.82
CA GLU H 72 -7.01 24.25 16.27
C GLU H 72 -8.11 23.42 16.95
N ARG H 73 -9.20 23.14 16.24
CA ARG H 73 -10.35 22.48 16.84
C ARG H 73 -10.19 20.96 16.86
N PHE H 74 -10.79 20.32 17.87
CA PHE H 74 -10.71 18.86 18.00
C PHE H 74 -11.95 18.22 18.61
N SER H 75 -12.43 17.12 18.02
CA SER H 75 -13.68 16.50 18.49
C SER H 75 -13.54 15.05 18.99
N LEU H 76 -14.29 14.72 20.04
CA LEU H 76 -14.34 13.38 20.62
C LEU H 76 -15.76 12.77 20.59
N ILE H 77 -15.87 11.54 20.07
CA ILE H 77 -17.17 10.88 19.93
C ILE H 77 -17.37 9.54 20.68
N LEU H 78 -18.56 9.38 21.26
CA LEU H 78 -18.96 8.11 21.86
C LEU H 78 -20.35 7.70 21.32
N GLU H 79 -20.37 6.93 20.25
CA GLU H 79 -21.64 6.51 19.63
C GLU H 79 -22.39 5.44 20.42
N SER H 80 -21.65 4.45 20.91
CA SER H 80 -22.22 3.35 21.67
C SER H 80 -22.82 3.81 22.99
N ALA H 81 -22.08 4.69 23.67
CA ALA H 81 -22.40 5.17 25.01
C ALA H 81 -22.82 4.01 25.90
N SER H 82 -21.85 3.38 26.54
CA SER H 82 -22.15 2.28 27.42
C SER H 82 -22.15 2.76 28.87
N THR H 83 -23.08 2.22 29.66
CA THR H 83 -23.20 2.58 31.06
C THR H 83 -22.08 2.01 31.93
N ASN H 84 -21.38 1.00 31.42
CA ASN H 84 -20.32 0.35 32.19
C ASN H 84 -19.09 1.25 32.40
N GLN H 85 -18.89 2.19 31.48
CA GLN H 85 -17.75 3.12 31.53
C GLN H 85 -18.15 4.58 31.72
N THR H 86 -18.28 5.00 32.97
CA THR H 86 -18.62 6.39 33.29
C THR H 86 -17.49 7.10 34.06
N SER H 87 -16.87 8.11 33.44
CA SER H 87 -15.75 8.81 34.07
C SER H 87 -15.65 10.27 33.64
N MET H 88 -14.64 10.97 34.15
CA MET H 88 -14.48 12.41 33.89
C MET H 88 -13.43 12.62 32.79
N TYR H 89 -13.83 13.32 31.73
CA TYR H 89 -12.98 13.47 30.55
C TYR H 89 -12.22 14.79 30.47
N LEU H 90 -10.89 14.69 30.45
CA LEU H 90 -10.03 15.87 30.38
C LEU H 90 -9.29 15.94 29.05
N CYS H 91 -9.14 17.16 28.53
CA CYS H 91 -8.44 17.39 27.27
C CYS H 91 -7.06 17.99 27.47
N ALA H 92 -6.16 17.73 26.54
CA ALA H 92 -4.81 18.29 26.62
C ALA H 92 -4.23 18.59 25.23
N SER H 93 -3.38 19.61 25.17
CA SER H 93 -2.73 20.01 23.92
C SER H 93 -1.23 20.20 24.09
N SER H 94 -0.47 19.90 23.05
CA SER H 94 0.99 20.04 23.13
C SER H 94 1.60 20.52 21.82
N PRO H 95 2.61 21.40 21.90
CA PRO H 95 3.31 21.93 20.72
C PRO H 95 4.40 21.01 20.18
N SER H 96 4.88 21.31 18.98
CA SER H 96 5.93 20.54 18.32
C SER H 96 7.28 20.67 19.01
N GLY H 97 7.91 19.54 19.31
CA GLY H 97 9.21 19.53 19.98
C GLY H 97 9.05 19.36 21.48
N TYR H 98 8.11 20.11 22.04
CA TYR H 98 7.78 20.03 23.46
C TYR H 98 6.53 19.17 23.61
N GLN H 99 6.69 17.88 23.35
CA GLN H 99 5.60 16.90 23.37
C GLN H 99 5.27 16.36 24.75
N GLU H 100 6.19 16.53 25.68
CA GLU H 100 5.99 16.06 27.05
C GLU H 100 5.23 17.07 27.89
N THR H 101 5.55 18.33 27.65
CA THR H 101 5.00 19.46 28.38
C THR H 101 3.62 19.84 27.84
N GLN H 102 2.58 19.49 28.57
CA GLN H 102 1.21 19.68 28.09
C GLN H 102 0.42 20.76 28.82
N TYR H 103 -0.55 21.33 28.12
CA TYR H 103 -1.47 22.29 28.72
C TYR H 103 -2.89 21.72 28.71
N PHE H 104 -3.53 21.72 29.88
CA PHE H 104 -4.83 21.08 30.05
C PHE H 104 -6.01 22.06 30.05
N GLY H 105 -7.19 21.56 29.68
CA GLY H 105 -8.40 22.35 29.74
C GLY H 105 -9.14 22.13 31.04
N PRO H 106 -10.26 22.85 31.23
CA PRO H 106 -11.02 22.80 32.49
C PRO H 106 -11.62 21.42 32.77
N GLY H 107 -11.87 20.65 31.72
CA GLY H 107 -12.41 19.31 31.89
C GLY H 107 -13.91 19.26 31.74
N THR H 108 -14.41 18.07 31.40
CA THR H 108 -15.84 17.86 31.20
C THR H 108 -16.34 16.58 31.86
N ARG H 109 -17.40 16.70 32.64
CA ARG H 109 -18.02 15.56 33.33
C ARG H 109 -19.26 15.02 32.62
N LEU H 110 -19.25 13.72 32.33
CA LEU H 110 -20.36 13.10 31.61
C LEU H 110 -20.97 11.95 32.41
N LEU H 111 -22.29 11.86 32.38
CA LEU H 111 -23.00 10.78 33.06
C LEU H 111 -24.04 10.15 32.13
N VAL H 112 -24.00 8.83 32.02
CA VAL H 112 -24.92 8.12 31.12
C VAL H 112 -25.99 7.37 31.90
N LEU H 113 -27.25 7.69 31.60
CA LEU H 113 -28.39 7.10 32.30
C LEU H 113 -29.41 6.50 31.35
N GLU H 114 -30.33 5.49 31.92
CA GLU H 114 -31.36 4.81 31.13
C GLU H 114 -32.71 5.52 31.14
N ASP H 115 -32.92 6.44 32.08
CA ASP H 115 -34.18 7.18 32.15
C ASP H 115 -33.92 8.67 32.38
N LEU H 116 -34.82 9.52 31.87
CA LEU H 116 -34.63 10.96 31.96
C LEU H 116 -35.50 11.65 33.02
N LYS H 117 -36.41 10.90 33.63
CA LYS H 117 -37.31 11.48 34.64
C LYS H 117 -36.66 11.63 36.02
N ASN H 118 -35.55 10.92 36.24
CA ASN H 118 -34.87 10.94 37.53
C ASN H 118 -34.00 12.17 37.74
N VAL H 119 -33.91 13.03 36.73
CA VAL H 119 -33.14 14.27 36.82
C VAL H 119 -33.96 15.38 37.45
N PHE H 120 -33.40 16.00 38.48
CA PHE H 120 -34.10 17.07 39.20
C PHE H 120 -33.19 18.28 39.43
N PRO H 121 -33.79 19.48 39.39
CA PRO H 121 -33.10 20.74 39.71
C PRO H 121 -33.04 20.95 41.22
N PRO H 122 -32.06 21.73 41.71
CA PRO H 122 -31.89 21.87 43.16
C PRO H 122 -32.86 22.88 43.78
N GLU H 123 -33.21 22.68 45.04
CA GLU H 123 -34.02 23.63 45.80
C GLU H 123 -33.10 24.53 46.59
N VAL H 124 -33.04 25.78 46.16
CA VAL H 124 -32.16 26.80 46.74
C VAL H 124 -32.88 27.67 47.76
N ALA H 125 -32.34 27.75 48.97
CA ALA H 125 -32.92 28.61 49.99
C ALA H 125 -31.80 29.29 50.79
N VAL H 126 -31.91 30.60 50.92
CA VAL H 126 -30.93 31.40 51.65
C VAL H 126 -31.43 31.75 53.05
N PHE H 127 -30.65 31.37 54.05
CA PHE H 127 -31.02 31.59 55.45
C PHE H 127 -30.43 32.92 55.92
N GLU H 128 -31.04 33.49 56.96
CA GLU H 128 -30.61 34.78 57.53
C GLU H 128 -29.80 34.63 58.81
N PRO H 129 -28.63 35.28 58.85
CA PRO H 129 -27.64 35.11 59.93
C PRO H 129 -28.15 35.52 61.29
N SER H 130 -27.66 34.81 62.31
CA SER H 130 -28.06 35.03 63.69
C SER H 130 -27.63 36.40 64.19
N GLU H 131 -28.32 36.90 65.21
CA GLU H 131 -27.99 38.19 65.78
C GLU H 131 -27.00 38.06 66.94
N ALA H 132 -26.58 36.82 67.23
CA ALA H 132 -25.61 36.58 68.28
C ALA H 132 -24.18 36.74 67.77
N GLU H 133 -23.94 36.26 66.56
CA GLU H 133 -22.61 36.32 65.95
C GLU H 133 -22.21 37.76 65.63
N ILE H 134 -23.22 38.59 65.37
CA ILE H 134 -23.01 39.98 64.99
C ILE H 134 -22.45 40.79 66.16
N SER H 135 -22.74 40.35 67.39
CA SER H 135 -22.28 41.05 68.58
C SER H 135 -21.05 40.42 69.22
N HIS H 136 -20.98 39.09 69.21
CA HIS H 136 -19.88 38.37 69.84
C HIS H 136 -18.62 38.39 68.98
N THR H 137 -18.73 37.81 67.78
CA THR H 137 -17.60 37.73 66.88
C THR H 137 -17.56 38.91 65.90
N GLN H 138 -18.64 39.70 65.89
CA GLN H 138 -18.75 40.88 65.03
C GLN H 138 -18.63 40.54 63.54
N LYS H 139 -19.10 39.36 63.17
CA LYS H 139 -19.13 38.92 61.78
C LYS H 139 -20.49 38.29 61.46
N ALA H 140 -20.95 38.46 60.23
CA ALA H 140 -22.22 37.88 59.79
C ALA H 140 -22.01 36.80 58.74
N THR H 141 -22.66 35.66 58.95
CA THR H 141 -22.54 34.52 58.04
C THR H 141 -23.88 34.07 57.48
N LEU H 142 -23.99 34.10 56.15
CA LEU H 142 -25.19 33.66 55.44
C LEU H 142 -24.99 32.26 54.86
N VAL H 143 -25.93 31.37 55.15
CA VAL H 143 -25.83 29.99 54.66
C VAL H 143 -26.91 29.69 53.62
N CYS H 144 -26.49 29.28 52.42
CA CYS H 144 -27.41 28.89 51.37
C CYS H 144 -27.44 27.37 51.26
N LEU H 145 -28.64 26.82 51.25
CA LEU H 145 -28.81 25.37 51.20
C LEU H 145 -29.48 24.93 49.90
N ALA H 146 -28.94 23.89 49.30
CA ALA H 146 -29.51 23.30 48.09
C ALA H 146 -29.86 21.83 48.34
N THR H 147 -31.16 21.56 48.39
CA THR H 147 -31.66 20.22 48.71
C THR H 147 -32.43 19.62 47.55
N GLY H 148 -32.44 18.30 47.48
CA GLY H 148 -33.18 17.58 46.46
C GLY H 148 -32.61 17.88 45.08
N PHE H 149 -31.45 17.30 44.79
CA PHE H 149 -30.79 17.57 43.52
C PHE H 149 -30.02 16.34 43.07
N TYR H 150 -30.31 15.90 41.84
CA TYR H 150 -29.65 14.75 41.24
C TYR H 150 -29.59 14.91 39.72
N PRO H 151 -28.42 14.64 39.11
CA PRO H 151 -27.19 14.23 39.78
C PRO H 151 -26.36 15.44 40.22
N ASP H 152 -25.11 15.21 40.64
CA ASP H 152 -24.25 16.30 41.10
C ASP H 152 -23.58 17.08 39.98
N HIS H 153 -24.33 18.00 39.37
CA HIS H 153 -23.76 18.86 38.32
C HIS H 153 -24.15 20.32 38.54
N VAL H 154 -23.43 21.02 39.42
CA VAL H 154 -23.71 22.43 39.67
C VAL H 154 -22.45 23.21 40.08
N GLU H 155 -22.40 24.48 39.67
CA GLU H 155 -21.39 25.43 40.14
C GLU H 155 -22.04 26.77 40.48
N LEU H 156 -21.96 27.17 41.74
CA LEU H 156 -22.67 28.34 42.26
C LEU H 156 -21.76 29.52 42.57
N SER H 157 -22.36 30.71 42.63
CA SER H 157 -21.61 31.95 42.86
C SER H 157 -22.44 32.93 43.70
N TRP H 158 -21.75 33.73 44.52
CA TRP H 158 -22.40 34.71 45.38
C TRP H 158 -22.32 36.10 44.78
N TRP H 159 -23.46 36.77 44.73
CA TRP H 159 -23.55 38.10 44.13
C TRP H 159 -24.09 39.13 45.11
N VAL H 160 -23.28 40.16 45.35
CA VAL H 160 -23.66 41.24 46.26
C VAL H 160 -23.66 42.57 45.51
N ASN H 161 -24.78 43.29 45.60
CA ASN H 161 -24.94 44.59 44.94
C ASN H 161 -24.59 44.55 43.45
N GLY H 162 -24.90 43.42 42.80
CA GLY H 162 -24.64 43.25 41.39
C GLY H 162 -23.18 43.02 41.04
N LYS H 163 -22.41 42.51 42.00
CA LYS H 163 -21.01 42.19 41.74
C LYS H 163 -20.65 40.81 42.29
N GLU H 164 -19.79 40.10 41.58
CA GLU H 164 -19.36 38.75 41.97
C GLU H 164 -18.41 38.78 43.16
N VAL H 165 -18.78 38.09 44.24
CA VAL H 165 -17.98 38.06 45.45
C VAL H 165 -17.33 36.69 45.66
N HIS H 166 -16.03 36.71 45.96
CA HIS H 166 -15.28 35.47 46.20
C HIS H 166 -14.69 35.44 47.60
N SER H 167 -14.45 36.61 48.18
CA SER H 167 -13.88 36.70 49.54
C SER H 167 -14.94 36.36 50.60
N GLY H 168 -14.56 35.52 51.55
CA GLY H 168 -15.45 35.10 52.62
C GLY H 168 -16.50 34.10 52.14
N VAL H 169 -16.18 33.41 51.06
CA VAL H 169 -17.08 32.42 50.46
C VAL H 169 -16.53 31.01 50.68
N CYS H 170 -17.38 30.07 51.06
CA CYS H 170 -16.94 28.70 51.29
C CYS H 170 -17.98 27.65 50.87
N THR H 171 -17.56 26.67 50.06
CA THR H 171 -18.44 25.59 49.62
C THR H 171 -17.90 24.20 49.99
N ASP H 172 -18.80 23.22 50.07
CA ASP H 172 -18.42 21.84 50.35
C ASP H 172 -17.66 21.20 49.19
N PRO H 173 -16.60 20.43 49.50
CA PRO H 173 -15.80 19.77 48.47
C PRO H 173 -16.57 18.66 47.75
N GLN H 174 -17.21 17.79 48.52
CA GLN H 174 -18.02 16.71 47.96
C GLN H 174 -19.43 16.77 48.56
N PRO H 175 -20.46 16.75 47.71
CA PRO H 175 -21.85 16.85 48.16
C PRO H 175 -22.30 15.64 48.98
N LEU H 176 -23.07 15.87 50.04
CA LEU H 176 -23.55 14.80 50.90
C LEU H 176 -24.86 14.21 50.34
N LYS H 177 -24.85 12.90 50.07
CA LYS H 177 -26.04 12.23 49.54
C LYS H 177 -27.09 12.00 50.63
N GLU H 178 -28.35 12.04 50.22
CA GLU H 178 -29.48 11.90 51.16
C GLU H 178 -29.61 10.49 51.73
N GLN H 179 -29.42 9.46 50.90
CA GLN H 179 -29.49 8.09 51.39
C GLN H 179 -28.39 7.21 50.82
N PRO H 180 -27.60 6.58 51.70
CA PRO H 180 -26.47 5.73 51.31
C PRO H 180 -26.86 4.38 50.73
N ALA H 181 -28.01 3.82 51.13
CA ALA H 181 -28.39 2.50 50.66
C ALA H 181 -28.77 2.50 49.17
N LEU H 182 -29.40 3.59 48.73
CA LEU H 182 -29.78 3.73 47.34
C LEU H 182 -28.66 4.45 46.58
N ASN H 183 -28.51 4.14 45.30
CA ASN H 183 -27.51 4.81 44.47
C ASN H 183 -28.16 5.92 43.67
N ASP H 184 -29.45 5.77 43.39
CA ASP H 184 -30.22 6.76 42.65
C ASP H 184 -30.59 7.96 43.51
N SER H 185 -30.11 7.99 44.76
CA SER H 185 -30.54 9.01 45.69
C SER H 185 -29.98 10.38 45.32
N ARG H 186 -30.72 11.43 45.69
CA ARG H 186 -30.33 12.81 45.39
C ARG H 186 -29.17 13.28 46.25
N TYR H 187 -28.53 14.37 45.83
CA TYR H 187 -27.41 14.93 46.59
C TYR H 187 -27.83 16.26 47.22
N ALA H 188 -27.01 16.77 48.14
CA ALA H 188 -27.30 18.04 48.81
C ALA H 188 -26.02 18.84 48.97
N LEU H 189 -26.12 20.17 48.84
CA LEU H 189 -24.92 21.01 48.97
C LEU H 189 -25.18 22.32 49.69
N SER H 190 -24.22 22.75 50.52
CA SER H 190 -24.37 23.98 51.31
C SER H 190 -23.21 24.95 51.08
N SER H 191 -23.51 26.24 51.18
CA SER H 191 -22.50 27.28 50.97
C SER H 191 -22.61 28.38 52.01
N ARG H 192 -21.47 28.98 52.35
CA ARG H 192 -21.43 30.02 53.37
C ARG H 192 -20.76 31.29 52.86
N LEU H 193 -21.30 32.44 53.26
CA LEU H 193 -20.73 33.74 52.91
C LEU H 193 -20.53 34.56 54.18
N ARG H 194 -19.35 35.15 54.35
CA ARG H 194 -19.11 35.93 55.58
C ARG H 194 -18.68 37.37 55.31
N VAL H 195 -19.36 38.30 55.96
CA VAL H 195 -19.02 39.73 55.85
C VAL H 195 -19.03 40.38 57.23
N SER H 196 -18.71 41.67 57.28
CA SER H 196 -18.69 42.40 58.56
C SER H 196 -20.09 42.63 59.11
N ALA H 197 -20.17 42.90 60.41
CA ALA H 197 -21.44 43.13 61.09
C ALA H 197 -22.16 44.39 60.59
N THR H 198 -21.38 45.46 60.43
CA THR H 198 -21.89 46.74 59.97
C THR H 198 -22.45 46.61 58.55
N PHE H 199 -21.94 45.63 57.82
CA PHE H 199 -22.41 45.37 56.46
C PHE H 199 -23.84 44.82 56.45
N TRP H 200 -24.11 43.87 57.34
CA TRP H 200 -25.44 43.27 57.43
C TRP H 200 -26.45 44.21 58.07
N GLN H 201 -25.98 45.04 59.00
CA GLN H 201 -26.85 46.00 59.65
C GLN H 201 -27.49 46.99 58.66
N ASN H 202 -26.78 47.31 57.59
CA ASN H 202 -27.27 48.21 56.54
C ASN H 202 -28.25 47.49 55.59
N PRO H 203 -29.48 48.01 55.48
CA PRO H 203 -30.53 47.36 54.68
C PRO H 203 -30.44 47.64 53.17
N ARG H 204 -29.54 48.54 52.78
CA ARG H 204 -29.37 48.88 51.37
C ARG H 204 -28.67 47.77 50.59
N ASN H 205 -27.86 46.97 51.29
CA ASN H 205 -27.10 45.90 50.65
C ASN H 205 -27.94 44.73 50.15
N HIS H 206 -27.67 44.30 48.92
CA HIS H 206 -28.38 43.19 48.28
C HIS H 206 -27.60 41.88 48.43
N PHE H 207 -28.29 40.78 48.72
CA PHE H 207 -27.60 39.50 48.81
C PHE H 207 -28.29 38.40 48.00
N ARG H 208 -27.66 37.99 46.90
CA ARG H 208 -28.24 36.96 46.06
C ARG H 208 -27.25 35.80 45.89
N CYS H 209 -27.76 34.57 45.96
CA CYS H 209 -26.92 33.39 45.80
C CYS H 209 -27.31 32.60 44.57
N GLN H 210 -26.62 32.85 43.45
CA GLN H 210 -27.02 32.24 42.18
C GLN H 210 -26.43 30.85 42.01
N VAL H 211 -27.30 29.87 41.72
CA VAL H 211 -26.81 28.51 41.50
C VAL H 211 -27.12 28.08 40.07
N GLN H 212 -26.09 28.02 39.23
CA GLN H 212 -26.25 27.68 37.82
C GLN H 212 -26.43 26.17 37.62
N PHE H 213 -27.63 25.78 37.20
CA PHE H 213 -27.97 24.38 37.00
C PHE H 213 -27.66 23.90 35.58
N TYR H 214 -26.95 22.77 35.48
CA TYR H 214 -26.61 22.19 34.18
C TYR H 214 -27.32 20.86 33.95
N GLY H 215 -28.04 20.77 32.84
CA GLY H 215 -28.75 19.56 32.48
C GLY H 215 -28.85 19.39 30.98
N LEU H 216 -30.00 19.81 30.44
CA LEU H 216 -30.28 19.70 29.00
C LEU H 216 -30.55 21.08 28.42
N SER H 217 -30.48 21.20 27.10
CA SER H 217 -30.73 22.46 26.42
C SER H 217 -32.16 22.53 25.91
N GLU H 218 -32.53 23.65 25.29
CA GLU H 218 -33.88 23.85 24.78
C GLU H 218 -34.21 22.95 23.57
N ASN H 219 -33.22 22.69 22.73
CA ASN H 219 -33.42 21.89 21.52
C ASN H 219 -33.63 20.38 21.78
N ASP H 220 -33.13 19.90 22.92
CA ASP H 220 -33.24 18.49 23.27
C ASP H 220 -34.67 18.00 23.48
N GLU H 221 -34.88 16.72 23.18
CA GLU H 221 -36.20 16.11 23.25
C GLU H 221 -36.46 15.43 24.59
N TRP H 222 -37.67 15.59 25.09
CA TRP H 222 -38.08 15.05 26.39
C TRP H 222 -39.12 13.95 26.27
N THR H 223 -38.88 12.82 26.93
CA THR H 223 -39.80 11.68 26.84
C THR H 223 -41.00 11.79 27.79
N GLN H 224 -40.76 12.18 29.04
CA GLN H 224 -41.83 12.27 30.04
C GLN H 224 -42.57 13.61 30.04
N ASP H 225 -43.70 13.63 30.73
CA ASP H 225 -44.54 14.82 30.82
C ASP H 225 -44.03 15.80 31.88
N ARG H 226 -43.00 15.39 32.61
CA ARG H 226 -42.43 16.20 33.69
C ARG H 226 -41.81 17.48 33.14
N ALA H 227 -41.48 18.41 34.04
CA ALA H 227 -40.90 19.70 33.65
C ALA H 227 -39.49 19.56 33.09
N LYS H 228 -39.19 20.35 32.06
CA LYS H 228 -37.90 20.35 31.39
C LYS H 228 -36.81 20.90 32.29
N PRO H 229 -35.74 20.11 32.51
CA PRO H 229 -34.61 20.58 33.31
C PRO H 229 -33.65 21.40 32.47
N VAL H 230 -34.08 22.58 32.03
CA VAL H 230 -33.25 23.44 31.22
C VAL H 230 -32.25 24.21 32.07
N THR H 231 -31.22 24.75 31.43
CA THR H 231 -30.22 25.53 32.14
C THR H 231 -30.82 26.84 32.63
N GLN H 232 -31.40 26.81 33.82
CA GLN H 232 -32.05 27.97 34.40
C GLN H 232 -31.34 28.35 35.68
N ILE H 233 -31.36 29.64 36.02
CA ILE H 233 -30.69 30.09 37.24
C ILE H 233 -31.67 30.14 38.41
N VAL H 234 -31.39 29.33 39.42
CA VAL H 234 -32.22 29.30 40.61
C VAL H 234 -31.45 30.00 41.74
N SER H 235 -32.09 30.99 42.33
CA SER H 235 -31.49 31.78 43.39
C SER H 235 -32.54 32.29 44.38
N ALA H 236 -32.09 32.59 45.61
CA ALA H 236 -32.96 33.16 46.62
C ALA H 236 -32.39 34.48 47.09
N GLU H 237 -33.25 35.49 47.25
CA GLU H 237 -32.80 36.81 47.66
C GLU H 237 -32.82 37.00 49.17
N ALA H 238 -31.94 37.87 49.66
CA ALA H 238 -31.86 38.21 51.07
C ALA H 238 -31.49 39.67 51.26
N TRP H 239 -32.24 40.31 52.16
CA TRP H 239 -32.07 41.72 52.50
C TRP H 239 -31.72 41.89 53.97
C4 2LJ I . 13.03 0.76 17.55
C6 2LJ I . 12.73 -1.23 19.71
C7 2LJ I . 12.60 -2.19 20.79
C8 2LJ I . 13.84 -2.56 21.56
N1 2LJ I . 14.69 2.86 18.42
N3 2LJ I . 13.42 1.83 16.77
N5 2LJ I . 13.41 -0.16 19.91
C4A 2LJ I . 13.58 0.79 18.91
O4 2LJ I . 12.29 -0.11 17.08
C2 2LJ I . 14.22 2.88 17.13
O2 2LJ I . 14.48 3.79 16.35
C8A 2LJ I . 14.40 1.86 19.30
N8 2LJ I . 14.91 1.91 20.53
C1' 2LJ I . 15.83 2.90 21.05
C2' 2LJ I . 15.21 3.90 22.02
O2' 2LJ I . 14.42 3.25 23.02
C3' 2LJ I . 14.35 4.93 21.27
O3' 2LJ I . 15.07 5.41 20.16
C4' 2LJ I . 13.93 6.12 22.15
O4' 2LJ I . 13.20 7.05 21.35
C5' 2LJ I . 15.13 6.82 22.76
O5' 2LJ I . 16.04 7.26 21.77
C4 2LJ J . -8.86 -15.68 -12.25
C6 2LJ J . -6.70 -17.63 -12.66
C7 2LJ J . -5.64 -18.60 -12.85
C8 2LJ J . -5.97 -19.86 -13.59
N1 2LJ J . -10.99 -16.22 -14.02
N3 2LJ J . -10.09 -15.05 -12.22
N5 2LJ J . -7.70 -17.63 -13.46
C4A 2LJ J . -8.75 -16.72 -13.29
O4 2LJ J . -7.97 -15.33 -11.47
C2 2LJ J . -11.16 -15.28 -13.05
O2 2LJ J . -12.22 -14.66 -12.91
C8A 2LJ J . -9.84 -16.92 -14.18
N8 2LJ J . -9.75 -17.79 -15.18
C1' 2LJ J . -10.75 -18.20 -16.17
C2' 2LJ J . -10.91 -17.34 -17.42
O2' 2LJ J . -9.65 -17.03 -18.02
C3' 2LJ J . -11.67 -16.05 -17.12
O3' 2LJ J . -12.72 -16.34 -16.19
C4' 2LJ J . -12.27 -15.34 -18.33
O4' 2LJ J . -12.44 -16.26 -19.42
C5' 2LJ J . -11.47 -14.13 -18.79
O5' 2LJ J . -12.28 -13.21 -19.53
#